data_2OV2
#
_entry.id   2OV2
#
_cell.length_a   50.843
_cell.length_b   73.859
_cell.length_c   133.840
_cell.angle_alpha   88.58
_cell.angle_beta   87.76
_cell.angle_gamma   70.64
#
_symmetry.space_group_name_H-M   'P 1'
#
loop_
_entity.id
_entity.type
_entity.pdbx_description
1 polymer 'Ras-related C3 botulinum toxin substrate 3'
2 polymer 'Serine/threonine-protein kinase PAK 4'
3 non-polymer 'MAGNESIUM ION'
4 non-polymer 'CHLORIDE ION'
5 non-polymer 'PHOSPHOMETHYLPHOSPHONIC ACID GUANYLATE ESTER'
6 non-polymer 1,2-ETHANEDIOL
7 water water
#
loop_
_entity_poly.entity_id
_entity_poly.type
_entity_poly.pdbx_seq_one_letter_code
_entity_poly.pdbx_strand_id
1 'polypeptide(L)'
;SMQAIKCVVVGDGAVGKTCLLISYTTNAFPGEYIPTVFDNYSANVMVDGKPVNLGLWDTAGQEDYDRLRPLSYPQTDVFL
ICFSLVSPASFENVRAKWYPEVRHHCPHTPILLVGTKLDLRDDKDTIERLRDKKLAPITYPQGLAMAREIGSVKYLECSA
LTQRGLKTVFDEAIRAVLG
;
A,F,B,C,G,D,E,H
2 'polypeptide(L)' EISAPSNFEHRVHTGFDQHEQKFTGLPRQWQSLIE I,J,K,L,M,N,O,P
#
# COMPACT_ATOMS: atom_id res chain seq x y z
N MET A 2 -27.34 8.61 26.77
CA MET A 2 -26.57 9.64 26.02
C MET A 2 -26.77 9.44 24.51
N GLN A 3 -27.07 10.52 23.79
CA GLN A 3 -27.05 10.46 22.33
C GLN A 3 -25.71 9.93 21.84
N ALA A 4 -25.75 9.16 20.76
CA ALA A 4 -24.53 8.69 20.11
C ALA A 4 -24.62 8.84 18.57
N ILE A 5 -23.48 9.17 17.95
CA ILE A 5 -23.36 9.38 16.51
C ILE A 5 -22.30 8.44 15.98
N LYS A 6 -22.63 7.67 14.94
CA LYS A 6 -21.64 6.89 14.20
C LYS A 6 -21.24 7.65 12.93
N CYS A 7 -20.00 8.10 12.90
CA CYS A 7 -19.47 8.84 11.79
C CYS A 7 -18.39 7.97 11.18
N VAL A 8 -18.51 7.64 9.89
CA VAL A 8 -17.55 6.78 9.20
C VAL A 8 -16.73 7.61 8.20
N VAL A 9 -15.42 7.44 8.21
CA VAL A 9 -14.52 8.23 7.36
C VAL A 9 -13.83 7.39 6.25
N VAL A 10 -13.97 7.83 5.00
CA VAL A 10 -13.46 7.08 3.82
C VAL A 10 -12.80 7.99 2.79
N GLY A 11 -12.02 7.38 1.89
CA GLY A 11 -11.23 8.10 0.89
C GLY A 11 -9.93 7.40 0.54
N ASP A 12 -9.28 7.87 -0.51
CA ASP A 12 -8.05 7.28 -1.01
C ASP A 12 -6.96 7.18 0.05
N GLY A 13 -6.02 6.27 -0.20
CA GLY A 13 -4.75 6.26 0.50
C GLY A 13 -4.10 7.63 0.45
N ALA A 14 -3.32 7.91 1.50
CA ALA A 14 -2.52 9.11 1.61
C ALA A 14 -3.32 10.42 1.64
N VAL A 15 -4.64 10.38 1.83
CA VAL A 15 -5.39 11.66 1.80
C VAL A 15 -5.40 12.44 3.12
N GLY A 16 -5.18 11.76 4.25
CA GLY A 16 -5.18 12.43 5.56
C GLY A 16 -6.30 12.15 6.55
N LYS A 17 -7.02 11.03 6.38
CA LYS A 17 -8.15 10.61 7.21
C LYS A 17 -7.75 10.38 8.65
N THR A 18 -6.65 9.65 8.87
CA THR A 18 -6.23 9.41 10.24
C THR A 18 -5.72 10.67 10.91
N CYS A 19 -4.88 11.44 10.22
CA CYS A 19 -4.41 12.71 10.81
C CYS A 19 -5.57 13.62 11.18
N LEU A 20 -6.58 13.67 10.32
CA LEU A 20 -7.79 14.49 10.56
C LEU A 20 -8.48 14.04 11.87
N LEU A 21 -8.70 12.73 12.03
CA LEU A 21 -9.40 12.23 13.20
C LEU A 21 -8.58 12.37 14.49
N ILE A 22 -7.29 12.09 14.40
CA ILE A 22 -6.40 12.15 15.54
C ILE A 22 -6.11 13.61 15.92
N SER A 23 -5.99 14.48 14.93
CA SER A 23 -5.74 15.90 15.24
C SER A 23 -6.96 16.53 15.92
N TYR A 24 -8.17 16.20 15.48
CA TYR A 24 -9.38 16.69 16.12
C TYR A 24 -9.57 16.15 17.54
N THR A 25 -9.38 14.85 17.72
CA THR A 25 -9.70 14.24 19.01
C THR A 25 -8.62 14.43 20.06
N THR A 26 -7.36 14.46 19.63
CA THR A 26 -6.26 14.50 20.59
C THR A 26 -5.40 15.73 20.49
N ASN A 27 -5.70 16.61 19.53
CA ASN A 27 -4.88 17.80 19.22
C ASN A 27 -3.41 17.51 18.98
N ALA A 28 -3.10 16.37 18.38
CA ALA A 28 -1.75 16.10 17.96
C ALA A 28 -1.80 15.70 16.49
N PHE A 29 -0.81 16.14 15.72
CA PHE A 29 -0.62 15.65 14.35
C PHE A 29 0.35 14.46 14.41
N PRO A 30 -0.11 13.25 14.02
CA PRO A 30 0.79 12.12 14.03
C PRO A 30 2.10 12.43 13.30
N GLY A 31 3.22 12.05 13.90
CA GLY A 31 4.54 12.27 13.29
C GLY A 31 4.90 11.30 12.20
N GLU A 32 4.38 10.07 12.25
CA GLU A 32 4.67 9.06 11.25
C GLU A 32 3.44 8.83 10.36
N TYR A 33 3.72 8.52 9.09
CA TYR A 33 2.69 8.07 8.14
C TYR A 33 2.61 6.55 8.21
N ILE A 34 1.55 6.06 8.85
CA ILE A 34 1.27 4.63 8.99
C ILE A 34 -0.12 4.30 8.46
N PRO A 35 -0.20 3.69 7.25
CA PRO A 35 -1.54 3.30 6.78
C PRO A 35 -2.38 2.45 7.75
N THR A 36 -3.68 2.69 7.73
CA THR A 36 -4.71 2.04 8.57
C THR A 36 -5.25 0.76 7.93
N VAL A 37 -5.47 -0.27 8.77
CA VAL A 37 -6.30 -1.42 8.40
C VAL A 37 -7.75 -1.09 8.84
N PHE A 38 -7.96 -0.90 10.14
CA PHE A 38 -9.18 -0.31 10.68
C PHE A 38 -8.97 0.11 12.12
N ASP A 39 -9.50 1.27 12.48
CA ASP A 39 -9.53 1.74 13.87
C ASP A 39 -10.85 2.43 14.25
N ASN A 40 -11.23 2.29 15.51
CA ASN A 40 -12.44 2.90 16.03
C ASN A 40 -12.07 3.76 17.24
N TYR A 41 -12.39 5.05 17.16
CA TYR A 41 -12.18 5.97 18.27
C TYR A 41 -13.51 6.47 18.78
N SER A 42 -13.53 6.84 20.05
CA SER A 42 -14.66 7.50 20.68
CA SER A 42 -14.67 7.57 20.59
C SER A 42 -14.20 8.81 21.33
N ALA A 43 -15.08 9.79 21.39
CA ALA A 43 -14.82 11.02 22.12
C ALA A 43 -16.15 11.61 22.53
N ASN A 44 -16.17 12.32 23.66
CA ASN A 44 -17.34 13.04 24.10
C ASN A 44 -17.31 14.47 23.58
N VAL A 45 -18.49 14.99 23.28
CA VAL A 45 -18.69 16.38 22.87
C VAL A 45 -19.97 16.89 23.54
N MET A 46 -19.95 18.14 23.97
CA MET A 46 -21.14 18.75 24.57
C MET A 46 -21.84 19.51 23.45
N VAL A 47 -23.09 19.15 23.18
CA VAL A 47 -23.85 19.78 22.10
C VAL A 47 -25.09 20.39 22.71
N ASP A 48 -25.16 21.72 22.68
CA ASP A 48 -26.25 22.50 23.26
C ASP A 48 -26.52 22.11 24.71
N GLY A 49 -25.45 21.96 25.49
CA GLY A 49 -25.58 21.58 26.89
C GLY A 49 -25.67 20.08 27.15
N LYS A 50 -26.02 19.30 26.12
CA LYS A 50 -26.19 17.85 26.27
C LYS A 50 -24.95 17.09 25.77
N PRO A 51 -24.52 16.09 26.55
CA PRO A 51 -23.39 15.27 26.17
C PRO A 51 -23.75 14.32 25.02
N VAL A 52 -22.84 14.22 24.04
CA VAL A 52 -23.03 13.33 22.90
C VAL A 52 -21.80 12.47 22.74
N ASN A 53 -22.01 11.17 22.47
CA ASN A 53 -20.92 10.25 22.25
C ASN A 53 -20.62 10.14 20.76
N LEU A 54 -19.45 10.63 20.36
CA LEU A 54 -19.05 10.61 18.98
C LEU A 54 -18.17 9.38 18.70
N GLY A 55 -18.69 8.45 17.90
CA GLY A 55 -17.98 7.24 17.48
C GLY A 55 -17.41 7.43 16.08
N LEU A 56 -16.11 7.21 15.93
CA LEU A 56 -15.40 7.53 14.71
C LEU A 56 -14.77 6.28 14.09
N TRP A 57 -15.15 5.99 12.85
CA TRP A 57 -14.77 4.76 12.18
C TRP A 57 -13.78 5.13 11.09
N ASP A 58 -12.50 4.79 11.35
CA ASP A 58 -11.33 5.19 10.51
C ASP A 58 -11.00 4.04 9.61
N THR A 59 -11.33 4.18 8.33
CA THR A 59 -11.26 3.08 7.37
C THR A 59 -10.01 3.15 6.47
N ALA A 60 -9.81 2.08 5.71
CA ALA A 60 -8.57 1.87 4.96
C ALA A 60 -8.77 2.39 3.57
N GLY A 61 -7.90 3.30 3.14
CA GLY A 61 -7.92 3.78 1.76
C GLY A 61 -7.27 2.78 0.83
N GLN A 62 -6.50 1.85 1.38
CA GLN A 62 -5.91 0.77 0.60
C GLN A 62 -6.98 -0.11 0.00
N GLU A 63 -6.90 -0.20 -1.33
CA GLU A 63 -7.69 -1.07 -2.15
C GLU A 63 -7.64 -2.51 -1.64
N ASP A 64 -6.48 -2.95 -1.15
CA ASP A 64 -6.31 -4.31 -0.65
C ASP A 64 -7.27 -4.61 0.50
N TYR A 65 -7.79 -3.58 1.16
CA TYR A 65 -8.74 -3.81 2.24
C TYR A 65 -10.18 -3.52 1.84
N ASP A 66 -10.45 -3.58 0.53
CA ASP A 66 -11.80 -3.30 0.00
C ASP A 66 -12.89 -4.20 0.59
N ARG A 67 -12.55 -5.43 0.95
CA ARG A 67 -13.56 -6.34 1.48
C ARG A 67 -13.82 -6.13 2.98
N LEU A 68 -12.84 -5.59 3.70
CA LEU A 68 -13.02 -5.27 5.13
C LEU A 68 -13.81 -3.99 5.31
N ARG A 69 -13.60 -3.02 4.43
CA ARG A 69 -14.22 -1.69 4.58
C ARG A 69 -15.74 -1.63 4.84
N PRO A 70 -16.59 -2.29 4.01
CA PRO A 70 -18.04 -2.24 4.20
C PRO A 70 -18.58 -2.79 5.50
N LEU A 71 -17.78 -3.53 6.25
CA LEU A 71 -18.21 -4.01 7.56
C LEU A 71 -18.47 -2.86 8.53
N SER A 72 -17.89 -1.70 8.26
CA SER A 72 -18.09 -0.49 9.06
CA SER A 72 -18.12 -0.53 9.12
C SER A 72 -19.41 0.23 8.77
N TYR A 73 -20.06 -0.12 7.66
CA TYR A 73 -21.13 0.73 7.11
C TYR A 73 -22.52 0.58 7.75
N PRO A 74 -22.90 -0.64 8.15
CA PRO A 74 -24.26 -0.71 8.71
C PRO A 74 -24.50 0.29 9.86
N GLN A 75 -25.68 0.92 9.82
CA GLN A 75 -26.14 1.83 10.86
C GLN A 75 -25.30 3.12 11.03
N THR A 76 -24.56 3.49 9.97
CA THR A 76 -23.81 4.74 9.93
C THR A 76 -24.78 5.94 9.95
N ASP A 77 -24.42 6.99 10.70
CA ASP A 77 -25.25 8.20 10.77
C ASP A 77 -24.75 9.29 9.81
N VAL A 78 -23.46 9.29 9.51
CA VAL A 78 -22.89 10.28 8.62
C VAL A 78 -21.54 9.80 8.12
N PHE A 79 -21.24 10.14 6.87
CA PHE A 79 -20.02 9.82 6.21
C PHE A 79 -19.25 11.08 5.96
N LEU A 80 -17.95 11.01 6.18
CA LEU A 80 -17.02 11.99 5.65
C LEU A 80 -16.32 11.32 4.49
N ILE A 81 -16.54 11.82 3.26
CA ILE A 81 -15.70 11.39 2.12
C ILE A 81 -14.64 12.44 1.96
N CYS A 82 -13.40 12.02 2.03
CA CYS A 82 -12.24 12.90 2.03
C CYS A 82 -11.39 12.69 0.78
N PHE A 83 -10.78 13.78 0.31
CA PHE A 83 -9.79 13.75 -0.75
C PHE A 83 -8.76 14.83 -0.44
N SER A 84 -7.54 14.72 -0.96
CA SER A 84 -6.51 15.73 -0.71
C SER A 84 -6.65 16.85 -1.72
N LEU A 85 -6.62 18.08 -1.22
CA LEU A 85 -6.73 19.24 -2.10
C LEU A 85 -5.53 19.31 -3.05
N VAL A 86 -4.48 18.52 -2.81
CA VAL A 86 -3.30 18.52 -3.70
C VAL A 86 -3.07 17.16 -4.40
N SER A 87 -4.13 16.35 -4.47
CA SER A 87 -4.14 15.11 -5.24
C SER A 87 -5.41 15.07 -6.10
N PRO A 88 -5.34 15.58 -7.34
CA PRO A 88 -6.43 15.42 -8.30
C PRO A 88 -7.02 14.05 -8.40
N ALA A 89 -6.16 13.03 -8.38
CA ALA A 89 -6.57 11.65 -8.45
C ALA A 89 -7.49 11.23 -7.32
N SER A 90 -7.17 11.65 -6.08
CA SER A 90 -8.01 11.35 -4.92
C SER A 90 -9.38 12.02 -5.05
N PHE A 91 -9.38 13.22 -5.62
CA PHE A 91 -10.60 13.95 -5.91
C PHE A 91 -11.43 13.24 -7.00
N GLU A 92 -10.82 12.91 -8.11
CA GLU A 92 -11.52 12.12 -9.14
C GLU A 92 -12.13 10.83 -8.55
N ASN A 93 -11.49 10.25 -7.55
CA ASN A 93 -12.00 9.02 -6.93
C ASN A 93 -13.20 9.19 -6.00
N VAL A 94 -13.51 10.43 -5.62
CA VAL A 94 -14.80 10.74 -4.96
C VAL A 94 -15.99 10.31 -5.84
N ARG A 95 -15.95 10.73 -7.10
CA ARG A 95 -16.91 10.33 -8.12
C ARG A 95 -16.77 8.84 -8.50
N ALA A 96 -15.55 8.42 -8.83
CA ALA A 96 -15.29 7.09 -9.37
C ALA A 96 -15.49 5.91 -8.40
N LYS A 97 -15.18 6.12 -7.13
CA LYS A 97 -15.20 5.02 -6.14
C LYS A 97 -16.00 5.30 -4.86
N TRP A 98 -15.71 6.37 -4.14
CA TRP A 98 -16.16 6.52 -2.75
C TRP A 98 -17.64 6.79 -2.61
N TYR A 99 -18.16 7.74 -3.40
CA TYR A 99 -19.59 8.02 -3.41
C TYR A 99 -20.44 6.80 -3.81
N PRO A 100 -20.11 6.13 -4.92
CA PRO A 100 -20.80 4.87 -5.31
C PRO A 100 -20.77 3.74 -4.26
N GLU A 101 -19.63 3.54 -3.62
CA GLU A 101 -19.51 2.47 -2.63
C GLU A 101 -20.35 2.77 -1.40
N VAL A 102 -20.26 3.99 -0.92
CA VAL A 102 -20.96 4.45 0.28
C VAL A 102 -22.45 4.35 0.05
N ARG A 103 -22.88 4.87 -1.10
CA ARG A 103 -24.28 5.02 -1.46
C ARG A 103 -24.92 3.68 -1.76
N HIS A 104 -24.14 2.74 -2.30
CA HIS A 104 -24.55 1.35 -2.46
C HIS A 104 -24.85 0.66 -1.13
N HIS A 105 -24.12 0.99 -0.07
CA HIS A 105 -24.36 0.33 1.21
C HIS A 105 -25.36 1.12 2.07
N CYS A 106 -25.33 2.45 1.92
CA CYS A 106 -26.16 3.34 2.74
C CYS A 106 -26.87 4.37 1.82
N PRO A 107 -27.97 3.95 1.19
CA PRO A 107 -28.61 4.78 0.17
C PRO A 107 -29.17 6.14 0.63
N HIS A 108 -29.32 6.38 1.94
CA HIS A 108 -29.87 7.64 2.41
C HIS A 108 -29.11 8.32 3.54
N THR A 109 -27.89 7.87 3.82
CA THR A 109 -27.10 8.47 4.90
C THR A 109 -26.42 9.75 4.41
N PRO A 110 -26.47 10.83 5.21
CA PRO A 110 -25.81 12.05 4.71
C PRO A 110 -24.27 11.93 4.55
N ILE A 111 -23.76 12.58 3.51
CA ILE A 111 -22.34 12.60 3.17
C ILE A 111 -21.84 14.04 3.29
N LEU A 112 -20.75 14.26 4.03
CA LEU A 112 -20.00 15.53 3.98
C LEU A 112 -18.76 15.29 3.11
N LEU A 113 -18.53 16.17 2.14
CA LEU A 113 -17.31 16.13 1.32
C LEU A 113 -16.23 16.99 1.97
N VAL A 114 -15.07 16.38 2.25
CA VAL A 114 -14.01 17.02 2.98
C VAL A 114 -12.71 17.06 2.17
N GLY A 115 -12.26 18.28 1.88
CA GLY A 115 -10.95 18.49 1.26
C GLY A 115 -9.90 18.72 2.32
N THR A 116 -8.87 17.89 2.29
CA THR A 116 -7.83 17.88 3.31
C THR A 116 -6.53 18.53 2.80
N LYS A 117 -5.59 18.72 3.73
CA LYS A 117 -4.25 19.27 3.39
C LYS A 117 -4.32 20.68 2.82
N LEU A 118 -5.20 21.50 3.38
CA LEU A 118 -5.38 22.88 2.90
C LEU A 118 -4.09 23.73 3.01
N ASP A 119 -3.25 23.38 3.97
CA ASP A 119 -1.97 24.05 4.16
C ASP A 119 -1.04 23.89 2.95
N LEU A 120 -1.29 22.88 2.12
CA LEU A 120 -0.44 22.60 0.95
C LEU A 120 -0.93 23.26 -0.34
N ARG A 121 -2.17 23.71 -0.41
CA ARG A 121 -2.70 24.33 -1.64
C ARG A 121 -1.89 25.53 -2.09
N ASP A 122 -1.32 26.27 -1.15
CA ASP A 122 -0.42 27.37 -1.49
C ASP A 122 1.07 27.05 -1.39
N ASP A 123 1.42 25.82 -1.08
CA ASP A 123 2.84 25.44 -1.04
C ASP A 123 3.48 25.44 -2.44
N LYS A 124 4.33 26.43 -2.71
CA LYS A 124 4.93 26.62 -4.05
C LYS A 124 5.55 25.33 -4.63
N ASP A 125 6.25 24.56 -3.80
CA ASP A 125 6.88 23.31 -4.28
C ASP A 125 5.85 22.28 -4.70
N THR A 126 4.77 22.18 -3.92
CA THR A 126 3.67 21.31 -4.25
C THR A 126 3.05 21.77 -5.58
N ILE A 127 2.81 23.08 -5.71
CA ILE A 127 2.22 23.61 -6.92
C ILE A 127 3.12 23.24 -8.11
N GLU A 128 4.42 23.46 -7.98
CA GLU A 128 5.38 23.20 -9.06
C GLU A 128 5.38 21.73 -9.49
N ARG A 129 5.42 20.81 -8.54
CA ARG A 129 5.47 19.37 -8.85
C ARG A 129 4.13 18.88 -9.41
N LEU A 130 3.02 19.45 -8.94
CA LEU A 130 1.74 19.26 -9.62
C LEU A 130 1.82 19.75 -11.09
N ARG A 131 2.30 20.97 -11.29
CA ARG A 131 2.37 21.54 -12.61
C ARG A 131 3.24 20.66 -13.53
N ASP A 132 4.33 20.10 -12.97
CA ASP A 132 5.22 19.18 -13.69
C ASP A 132 4.50 17.95 -14.23
N LYS A 133 3.47 17.50 -13.50
CA LYS A 133 2.69 16.33 -13.92
C LYS A 133 1.37 16.73 -14.63
N LYS A 134 1.28 17.98 -15.08
CA LYS A 134 0.10 18.50 -15.77
C LYS A 134 -1.12 18.59 -14.84
N LEU A 135 -0.88 18.95 -13.59
CA LEU A 135 -1.93 19.00 -12.57
C LEU A 135 -1.94 20.32 -11.80
N ALA A 136 -3.04 20.57 -11.09
CA ALA A 136 -3.11 21.71 -10.22
C ALA A 136 -3.93 21.35 -8.99
N PRO A 137 -3.73 22.10 -7.89
CA PRO A 137 -4.53 21.82 -6.72
C PRO A 137 -6.00 22.09 -7.00
N ILE A 138 -6.86 21.36 -6.29
CA ILE A 138 -8.30 21.53 -6.41
C ILE A 138 -8.68 22.82 -5.70
N THR A 139 -9.50 23.65 -6.32
CA THR A 139 -9.93 24.91 -5.71
C THR A 139 -11.28 24.75 -4.98
N TYR A 140 -11.65 25.75 -4.18
CA TYR A 140 -12.93 25.71 -3.46
C TYR A 140 -14.13 25.47 -4.40
N PRO A 141 -14.32 26.32 -5.44
CA PRO A 141 -15.37 26.09 -6.44
C PRO A 141 -15.42 24.69 -7.05
N GLN A 142 -14.26 24.13 -7.36
CA GLN A 142 -14.20 22.76 -7.86
C GLN A 142 -14.69 21.76 -6.80
N GLY A 143 -14.18 21.88 -5.59
CA GLY A 143 -14.66 21.08 -4.47
C GLY A 143 -16.15 21.19 -4.26
N LEU A 144 -16.66 22.42 -4.30
CA LEU A 144 -18.10 22.67 -4.08
C LEU A 144 -18.94 22.06 -5.21
N ALA A 145 -18.43 22.11 -6.44
CA ALA A 145 -19.13 21.51 -7.57
C ALA A 145 -19.23 20.00 -7.40
N MET A 146 -18.13 19.37 -7.00
CA MET A 146 -18.13 17.92 -6.74
C MET A 146 -19.14 17.57 -5.64
N ALA A 147 -19.16 18.36 -4.56
CA ALA A 147 -20.07 18.14 -3.43
C ALA A 147 -21.52 18.19 -3.87
N ARG A 148 -21.84 19.16 -4.72
CA ARG A 148 -23.20 19.33 -5.22
C ARG A 148 -23.61 18.15 -6.08
N GLU A 149 -22.67 17.69 -6.90
CA GLU A 149 -22.91 16.55 -7.79
C GLU A 149 -23.16 15.24 -7.05
N ILE A 150 -22.56 15.05 -5.87
CA ILE A 150 -22.81 13.81 -5.11
C ILE A 150 -23.91 13.98 -4.05
N GLY A 151 -24.54 15.15 -4.05
CA GLY A 151 -25.63 15.42 -3.14
C GLY A 151 -25.16 15.49 -1.70
N SER A 152 -23.97 16.04 -1.47
CA SER A 152 -23.43 16.20 -0.13
CA SER A 152 -23.49 16.13 -0.10
C SER A 152 -24.20 17.27 0.63
N VAL A 153 -24.26 17.16 1.95
CA VAL A 153 -24.91 18.17 2.75
C VAL A 153 -23.97 19.36 2.99
N LYS A 154 -22.66 19.14 2.84
CA LYS A 154 -21.74 20.22 3.11
C LYS A 154 -20.40 19.92 2.47
N TYR A 155 -19.79 20.94 1.87
CA TYR A 155 -18.40 20.88 1.46
C TYR A 155 -17.51 21.67 2.41
N LEU A 156 -16.51 21.02 2.98
CA LEU A 156 -15.59 21.64 3.92
C LEU A 156 -14.13 21.40 3.54
N GLU A 157 -13.32 22.43 3.71
CA GLU A 157 -11.86 22.31 3.58
C GLU A 157 -11.17 22.48 4.93
N CYS A 158 -10.11 21.72 5.18
CA CYS A 158 -9.37 21.78 6.44
C CYS A 158 -7.94 21.31 6.30
N SER A 159 -7.16 21.60 7.33
CA SER A 159 -5.82 21.08 7.50
C SER A 159 -5.72 20.40 8.85
N ALA A 160 -5.44 19.09 8.88
CA ALA A 160 -5.12 18.42 10.16
C ALA A 160 -3.88 19.03 10.82
N LEU A 161 -2.93 19.50 10.01
CA LEU A 161 -1.65 19.97 10.51
C LEU A 161 -1.81 21.29 11.25
N THR A 162 -2.51 22.25 10.63
CA THR A 162 -2.72 23.55 11.27
C THR A 162 -4.01 23.62 12.09
N GLN A 163 -4.92 22.67 11.86
CA GLN A 163 -6.26 22.63 12.46
C GLN A 163 -7.21 23.72 11.94
N ARG A 164 -6.76 24.51 10.96
CA ARG A 164 -7.66 25.44 10.28
C ARG A 164 -8.83 24.67 9.67
N GLY A 165 -10.04 25.13 9.99
CA GLY A 165 -11.27 24.49 9.54
C GLY A 165 -11.57 23.11 10.11
N LEU A 166 -10.73 22.61 11.02
CA LEU A 166 -10.85 21.24 11.50
C LEU A 166 -12.07 20.98 12.39
N LYS A 167 -12.28 21.81 13.42
CA LYS A 167 -13.41 21.62 14.33
C LYS A 167 -14.74 21.68 13.60
N THR A 168 -14.80 22.61 12.64
CA THR A 168 -15.96 22.82 11.75
C THR A 168 -16.38 21.56 10.99
N VAL A 169 -15.44 20.77 10.49
CA VAL A 169 -15.80 19.50 9.87
C VAL A 169 -16.67 18.64 10.81
N PHE A 170 -16.22 18.49 12.04
CA PHE A 170 -16.91 17.64 12.99
C PHE A 170 -18.15 18.29 13.61
N ASP A 171 -18.11 19.60 13.80
CA ASP A 171 -19.31 20.32 14.18
C ASP A 171 -20.43 20.16 13.13
N GLU A 172 -20.09 20.32 11.86
CA GLU A 172 -21.06 20.14 10.78
C GLU A 172 -21.58 18.70 10.66
N ALA A 173 -20.68 17.73 10.81
CA ALA A 173 -21.03 16.32 10.83
C ALA A 173 -22.07 16.07 11.93
N ILE A 174 -21.80 16.61 13.11
CA ILE A 174 -22.72 16.50 14.23
C ILE A 174 -24.06 17.17 13.88
N ARG A 175 -24.04 18.41 13.38
CA ARG A 175 -25.33 19.10 13.11
C ARG A 175 -26.11 18.36 11.99
N ALA A 176 -25.39 17.69 11.10
CA ALA A 176 -26.00 16.90 10.02
C ALA A 176 -26.83 15.74 10.54
N VAL A 177 -26.43 15.18 11.69
CA VAL A 177 -27.11 14.04 12.27
C VAL A 177 -28.15 14.47 13.32
N LEU A 178 -27.76 15.41 14.19
CA LEU A 178 -28.61 15.83 15.32
C LEU A 178 -29.42 17.12 15.08
N GLY A 179 -29.10 17.88 14.04
CA GLY A 179 -29.76 19.16 13.79
C GLY A 179 -29.10 20.25 14.59
N SER B 1 30.34 2.04 -6.45
CA SER B 1 30.13 2.23 -5.00
C SER B 1 30.59 3.63 -4.57
N MET B 2 30.35 3.97 -3.30
CA MET B 2 30.77 5.28 -2.78
C MET B 2 32.27 5.28 -2.62
N GLN B 3 32.90 6.44 -2.85
CA GLN B 3 34.35 6.49 -2.84
C GLN B 3 34.88 6.20 -1.43
N ALA B 4 35.85 5.29 -1.35
CA ALA B 4 36.54 4.94 -0.12
C ALA B 4 38.03 4.84 -0.42
N ILE B 5 38.85 5.28 0.52
CA ILE B 5 40.30 5.25 0.39
C ILE B 5 40.86 4.45 1.56
N LYS B 6 41.66 3.44 1.25
CA LYS B 6 42.38 2.69 2.26
C LYS B 6 43.79 3.26 2.31
N CYS B 7 44.10 3.92 3.44
CA CYS B 7 45.41 4.49 3.70
C CYS B 7 46.09 3.71 4.84
N VAL B 8 47.25 3.13 4.53
CA VAL B 8 48.03 2.34 5.47
C VAL B 8 49.32 3.06 5.87
N VAL B 9 49.54 3.20 7.19
CA VAL B 9 50.65 3.99 7.71
C VAL B 9 51.71 3.11 8.36
N VAL B 10 52.92 3.13 7.79
CA VAL B 10 54.06 2.34 8.28
C VAL B 10 55.33 3.17 8.58
N GLY B 11 56.20 2.62 9.42
CA GLY B 11 57.45 3.22 9.78
C GLY B 11 58.00 2.64 11.09
N ASP B 12 59.21 3.07 11.43
CA ASP B 12 59.87 2.64 12.66
C ASP B 12 59.04 2.95 13.91
N GLY B 13 59.35 2.22 14.98
CA GLY B 13 58.85 2.59 16.29
C GLY B 13 59.29 3.99 16.65
N ALA B 14 58.51 4.59 17.54
CA ALA B 14 58.66 5.96 18.05
C ALA B 14 58.61 7.14 17.04
N VAL B 15 58.24 6.92 15.78
CA VAL B 15 58.32 8.02 14.77
C VAL B 15 57.15 9.00 14.82
N GLY B 16 55.99 8.53 15.29
CA GLY B 16 54.82 9.38 15.52
C GLY B 16 53.64 9.05 14.63
N LYS B 17 53.51 7.79 14.21
CA LYS B 17 52.47 7.41 13.25
C LYS B 17 51.08 7.55 13.86
N THR B 18 50.93 7.13 15.11
CA THR B 18 49.61 7.16 15.79
C THR B 18 49.22 8.60 16.11
N CYS B 19 50.16 9.35 16.67
CA CYS B 19 49.94 10.76 16.97
C CYS B 19 49.51 11.59 15.73
N LEU B 20 50.17 11.36 14.61
CA LEU B 20 49.75 11.93 13.32
C LEU B 20 48.25 11.67 13.01
N LEU B 21 47.82 10.41 13.15
CA LEU B 21 46.46 10.00 12.83
C LEU B 21 45.45 10.53 13.84
N ILE B 22 45.77 10.41 15.14
CA ILE B 22 44.90 10.89 16.20
C ILE B 22 44.79 12.41 16.18
N SER B 23 45.89 13.09 15.92
CA SER B 23 45.89 14.56 15.83
C SER B 23 45.03 15.05 14.67
N TYR B 24 45.20 14.39 13.53
CA TYR B 24 44.45 14.75 12.34
C TYR B 24 42.95 14.48 12.51
N THR B 25 42.59 13.30 13.01
CA THR B 25 41.17 12.90 13.11
C THR B 25 40.40 13.48 14.32
N THR B 26 41.08 13.71 15.44
CA THR B 26 40.40 14.21 16.66
C THR B 26 40.86 15.59 17.14
N ASN B 27 41.91 16.13 16.52
CA ASN B 27 42.51 17.40 16.94
C ASN B 27 43.00 17.38 18.39
N ALA B 28 43.41 16.23 18.87
CA ALA B 28 44.02 16.10 20.20
C ALA B 28 45.27 15.27 20.06
N PHE B 29 46.29 15.59 20.86
CA PHE B 29 47.57 14.90 20.86
C PHE B 29 47.55 13.92 22.01
N PRO B 30 47.79 12.62 21.73
CA PRO B 30 47.83 11.63 22.80
C PRO B 30 48.80 11.97 23.93
N GLY B 31 48.31 11.87 25.15
CA GLY B 31 49.08 12.26 26.35
C GLY B 31 50.09 11.23 26.84
N GLU B 32 49.98 9.98 26.37
CA GLU B 32 50.95 8.92 26.65
C GLU B 32 51.56 8.37 25.35
N TYR B 33 52.77 7.83 25.47
CA TYR B 33 53.37 7.07 24.41
C TYR B 33 53.10 5.57 24.64
N ILE B 34 52.30 4.97 23.75
CA ILE B 34 51.88 3.56 23.85
C ILE B 34 51.94 2.97 22.44
N PRO B 35 52.93 2.12 22.17
CA PRO B 35 53.07 1.49 20.87
C PRO B 35 51.85 0.67 20.42
N THR B 36 51.72 0.55 19.12
CA THR B 36 50.57 -0.01 18.47
C THR B 36 50.82 -1.45 18.15
N VAL B 37 49.81 -2.29 18.30
CA VAL B 37 49.87 -3.62 17.71
C VAL B 37 49.22 -3.47 16.34
N PHE B 38 47.92 -3.13 16.35
CA PHE B 38 47.21 -2.66 15.18
C PHE B 38 45.95 -1.89 15.57
N ASP B 39 45.67 -0.81 14.85
CA ASP B 39 44.43 -0.06 15.05
C ASP B 39 43.86 0.40 13.72
N ASN B 40 42.54 0.46 13.62
CA ASN B 40 41.88 0.96 12.41
C ASN B 40 40.94 2.10 12.77
N TYR B 41 41.09 3.18 12.04
CA TYR B 41 40.25 4.35 12.25
C TYR B 41 39.51 4.68 10.96
N SER B 42 38.32 5.25 11.11
CA SER B 42 37.59 5.80 9.97
CA SER B 42 37.54 5.79 9.99
C SER B 42 37.17 7.25 10.25
N ALA B 43 37.03 8.00 9.17
CA ALA B 43 36.49 9.37 9.21
C ALA B 43 35.85 9.69 7.87
N ASN B 44 35.03 10.73 7.84
CA ASN B 44 34.49 11.26 6.59
C ASN B 44 35.17 12.58 6.24
N VAL B 45 35.43 12.74 4.95
CA VAL B 45 35.94 13.96 4.39
C VAL B 45 35.08 14.28 3.16
N MET B 46 34.92 15.58 2.90
CA MET B 46 34.17 16.05 1.76
C MET B 46 35.19 16.60 0.76
N VAL B 47 35.17 16.08 -0.45
CA VAL B 47 36.15 16.42 -1.49
C VAL B 47 35.37 16.97 -2.68
N ASP B 48 35.55 18.26 -2.96
CA ASP B 48 34.79 18.92 -4.04
C ASP B 48 33.30 18.59 -3.93
N GLY B 49 32.76 18.62 -2.71
CA GLY B 49 31.33 18.37 -2.50
C GLY B 49 30.86 16.92 -2.49
N LYS B 50 31.77 15.97 -2.70
CA LYS B 50 31.46 14.54 -2.69
C LYS B 50 31.99 13.90 -1.39
N PRO B 51 31.23 12.93 -0.82
CA PRO B 51 31.70 12.32 0.42
C PRO B 51 32.65 11.15 0.16
N VAL B 52 33.68 11.08 0.99
CA VAL B 52 34.72 10.07 0.85
C VAL B 52 34.91 9.40 2.19
N ASN B 53 34.89 8.06 2.21
CA ASN B 53 35.16 7.35 3.46
C ASN B 53 36.64 7.03 3.57
N LEU B 54 37.29 7.69 4.50
CA LEU B 54 38.72 7.56 4.70
C LEU B 54 38.95 6.49 5.75
N GLY B 55 39.68 5.43 5.37
CA GLY B 55 40.01 4.32 6.27
C GLY B 55 41.49 4.35 6.58
N LEU B 56 41.84 4.38 7.88
CA LEU B 56 43.23 4.58 8.29
C LEU B 56 43.71 3.36 9.10
N TRP B 57 44.72 2.67 8.57
CA TRP B 57 45.23 1.43 9.13
C TRP B 57 46.57 1.76 9.75
N ASP B 58 46.56 1.84 11.08
CA ASP B 58 47.71 2.27 11.89
C ASP B 58 48.49 1.02 12.33
N THR B 59 49.64 0.76 11.71
CA THR B 59 50.39 -0.47 11.97
C THR B 59 51.52 -0.36 13.02
N ALA B 60 52.11 -1.51 13.35
CA ALA B 60 53.17 -1.60 14.37
C ALA B 60 54.54 -1.28 13.80
N GLY B 61 55.27 -0.40 14.47
CA GLY B 61 56.66 -0.14 14.13
C GLY B 61 57.60 -1.16 14.73
N GLN B 62 57.13 -1.84 15.78
CA GLN B 62 57.92 -2.86 16.43
C GLN B 62 58.16 -4.04 15.49
N GLU B 63 59.43 -4.42 15.32
CA GLU B 63 59.75 -5.53 14.43
C GLU B 63 59.22 -6.88 14.93
N ASP B 64 59.04 -7.03 16.24
CA ASP B 64 58.36 -8.21 16.82
C ASP B 64 56.95 -8.44 16.22
N TYR B 65 56.34 -7.39 15.67
CA TYR B 65 55.03 -7.53 15.02
C TYR B 65 55.09 -7.60 13.49
N ASP B 66 56.25 -7.97 12.94
CA ASP B 66 56.43 -8.14 11.49
C ASP B 66 55.41 -9.10 10.87
N ARG B 67 55.04 -10.14 11.59
CA ARG B 67 54.16 -11.16 11.05
C ARG B 67 52.71 -10.63 10.89
N LEU B 68 52.31 -9.71 11.74
CA LEU B 68 50.97 -9.16 11.65
C LEU B 68 50.86 -8.11 10.56
N ARG B 69 51.88 -7.30 10.39
CA ARG B 69 51.74 -6.05 9.63
C ARG B 69 51.24 -6.22 8.17
N PRO B 70 51.75 -7.23 7.45
CA PRO B 70 51.32 -7.37 6.06
C PRO B 70 49.86 -7.78 5.83
N LEU B 71 49.14 -8.18 6.87
CA LEU B 71 47.72 -8.47 6.74
CA LEU B 71 47.70 -8.47 6.76
C LEU B 71 46.92 -7.19 6.45
N SER B 72 47.54 -6.04 6.70
CA SER B 72 46.93 -4.74 6.38
CA SER B 72 46.90 -4.77 6.37
C SER B 72 47.08 -4.38 4.90
N TYR B 73 47.95 -5.07 4.16
CA TYR B 73 48.39 -4.54 2.85
C TYR B 73 47.49 -4.71 1.62
N PRO B 74 46.87 -5.89 1.43
CA PRO B 74 45.98 -6.08 0.30
C PRO B 74 44.90 -5.03 0.18
N GLN B 75 44.71 -4.55 -1.05
CA GLN B 75 43.64 -3.60 -1.39
CA GLN B 75 43.66 -3.60 -1.42
C GLN B 75 43.93 -2.18 -0.89
N THR B 76 45.19 -1.90 -0.51
CA THR B 76 45.59 -0.55 -0.06
C THR B 76 45.59 0.40 -1.25
N ASP B 77 45.11 1.62 -1.02
CA ASP B 77 45.06 2.66 -2.04
C ASP B 77 46.26 3.60 -1.95
N VAL B 78 46.69 3.92 -0.74
CA VAL B 78 47.89 4.74 -0.58
C VAL B 78 48.61 4.37 0.72
N PHE B 79 49.95 4.38 0.66
CA PHE B 79 50.79 4.18 1.86
C PHE B 79 51.42 5.50 2.31
N LEU B 80 51.39 5.74 3.61
CA LEU B 80 52.28 6.74 4.22
C LEU B 80 53.45 6.00 4.86
N ILE B 81 54.64 6.10 4.26
CA ILE B 81 55.90 5.65 4.90
C ILE B 81 56.47 6.82 5.71
N CYS B 82 56.55 6.66 7.03
CA CYS B 82 56.91 7.73 7.95
C CYS B 82 58.27 7.51 8.61
N PHE B 83 59.00 8.61 8.84
CA PHE B 83 60.23 8.63 9.63
C PHE B 83 60.28 9.93 10.44
N SER B 84 60.94 9.89 11.59
CA SER B 84 61.17 11.12 12.38
C SER B 84 62.28 11.98 11.79
N LEU B 85 62.00 13.27 11.64
CA LEU B 85 63.02 14.19 11.15
C LEU B 85 64.21 14.31 12.11
N VAL B 86 64.03 13.84 13.34
CA VAL B 86 65.14 13.87 14.30
C VAL B 86 65.67 12.47 14.66
N SER B 87 65.37 11.48 13.83
CA SER B 87 65.93 10.15 13.96
C SER B 87 66.49 9.66 12.64
N PRO B 88 67.77 9.94 12.36
CA PRO B 88 68.33 9.49 11.10
C PRO B 88 68.33 7.95 10.95
N ALA B 89 68.29 7.22 12.06
CA ALA B 89 68.10 5.77 11.99
C ALA B 89 66.76 5.41 11.33
N SER B 90 65.69 6.10 11.73
CA SER B 90 64.34 5.89 11.15
C SER B 90 64.30 6.24 9.68
N PHE B 91 65.03 7.29 9.31
CA PHE B 91 65.18 7.72 7.91
C PHE B 91 65.85 6.65 7.04
N GLU B 92 66.97 6.08 7.53
CA GLU B 92 67.67 5.00 6.82
C GLU B 92 66.82 3.74 6.70
N ASN B 93 65.94 3.50 7.68
CA ASN B 93 65.05 2.34 7.63
C ASN B 93 63.93 2.49 6.60
N VAL B 94 63.67 3.71 6.14
CA VAL B 94 62.80 3.87 4.97
C VAL B 94 63.34 3.05 3.83
N ARG B 95 64.63 3.20 3.59
CA ARG B 95 65.31 2.53 2.50
C ARG B 95 65.54 1.04 2.84
N ALA B 96 65.96 0.81 4.08
CA ALA B 96 66.42 -0.52 4.51
C ALA B 96 65.23 -1.47 4.71
N LYS B 97 64.11 -0.95 5.18
CA LYS B 97 63.03 -1.82 5.61
C LYS B 97 61.68 -1.53 4.96
N TRP B 98 61.25 -0.28 5.03
CA TRP B 98 59.86 0.05 4.76
C TRP B 98 59.52 -0.03 3.29
N TYR B 99 60.32 0.61 2.44
CA TYR B 99 60.12 0.56 1.01
C TYR B 99 60.18 -0.88 0.46
N PRO B 100 61.22 -1.66 0.81
CA PRO B 100 61.24 -3.07 0.41
C PRO B 100 60.04 -3.88 0.90
N GLU B 101 59.66 -3.72 2.16
CA GLU B 101 58.51 -4.50 2.66
C GLU B 101 57.23 -4.19 1.94
N VAL B 102 56.93 -2.91 1.83
CA VAL B 102 55.72 -2.46 1.16
C VAL B 102 55.70 -2.89 -0.30
N ARG B 103 56.81 -2.72 -0.99
CA ARG B 103 56.87 -3.03 -2.40
C ARG B 103 56.82 -4.53 -2.70
N HIS B 104 57.25 -5.35 -1.76
CA HIS B 104 57.15 -6.81 -1.92
C HIS B 104 55.68 -7.23 -1.99
N HIS B 105 54.81 -6.51 -1.27
CA HIS B 105 53.40 -6.87 -1.24
C HIS B 105 52.59 -6.06 -2.25
N CYS B 106 52.98 -4.81 -2.48
CA CYS B 106 52.23 -3.90 -3.35
C CYS B 106 53.20 -3.20 -4.28
N PRO B 107 53.53 -3.82 -5.44
CA PRO B 107 54.59 -3.29 -6.30
C PRO B 107 54.47 -1.84 -6.81
N HIS B 108 53.26 -1.30 -6.93
CA HIS B 108 53.12 0.03 -7.51
C HIS B 108 52.14 0.98 -6.80
N THR B 109 51.48 0.52 -5.74
CA THR B 109 50.57 1.35 -4.97
C THR B 109 51.30 2.65 -4.60
N PRO B 110 50.62 3.82 -4.69
CA PRO B 110 51.34 5.04 -4.39
C PRO B 110 51.82 5.15 -2.94
N ILE B 111 53.01 5.71 -2.80
CA ILE B 111 53.63 5.93 -1.52
C ILE B 111 53.84 7.43 -1.34
N LEU B 112 53.44 7.96 -0.18
CA LEU B 112 53.89 9.28 0.25
C LEU B 112 54.90 9.06 1.36
N LEU B 113 56.04 9.76 1.23
CA LEU B 113 57.08 9.78 2.25
C LEU B 113 56.87 10.96 3.20
N VAL B 114 56.64 10.66 4.50
CA VAL B 114 56.28 11.68 5.49
C VAL B 114 57.34 11.83 6.59
N GLY B 115 57.91 13.04 6.68
CA GLY B 115 58.84 13.38 7.75
C GLY B 115 58.05 13.92 8.92
N THR B 116 58.17 13.27 10.07
CA THR B 116 57.40 13.63 11.25
C THR B 116 58.20 14.44 12.26
N LYS B 117 57.51 15.01 13.24
CA LYS B 117 58.11 15.78 14.34
C LYS B 117 58.84 17.04 13.86
N LEU B 118 58.29 17.69 12.84
CA LEU B 118 58.89 18.90 12.29
C LEU B 118 59.19 19.93 13.37
N ASP B 119 58.39 19.93 14.45
CA ASP B 119 58.57 20.88 15.54
C ASP B 119 59.91 20.76 16.27
N LEU B 120 60.56 19.60 16.17
CA LEU B 120 61.83 19.34 16.86
C LEU B 120 63.07 19.66 16.02
N ARG B 121 62.97 19.67 14.69
CA ARG B 121 64.16 19.86 13.84
C ARG B 121 64.97 21.14 14.13
N ASP B 122 64.28 22.23 14.44
CA ASP B 122 64.93 23.51 14.75
C ASP B 122 65.06 23.74 16.27
N ASP B 123 64.76 22.70 17.06
CA ASP B 123 64.91 22.71 18.52
C ASP B 123 66.39 22.65 18.90
N LYS B 124 66.91 23.70 19.54
CA LYS B 124 68.33 23.81 19.92
C LYS B 124 68.85 22.61 20.71
N ASP B 125 68.10 22.22 21.74
CA ASP B 125 68.49 21.08 22.57
C ASP B 125 68.48 19.76 21.78
N THR B 126 67.51 19.59 20.87
CA THR B 126 67.48 18.37 20.04
C THR B 126 68.68 18.35 19.11
N ILE B 127 68.96 19.50 18.49
CA ILE B 127 70.14 19.65 17.63
C ILE B 127 71.41 19.28 18.38
N GLU B 128 71.60 19.82 19.59
CA GLU B 128 72.77 19.49 20.41
C GLU B 128 72.92 18.01 20.71
N ARG B 129 71.84 17.38 21.18
CA ARG B 129 71.85 15.95 21.50
C ARG B 129 72.23 15.08 20.30
N LEU B 130 71.73 15.41 19.12
CA LEU B 130 72.13 14.69 17.90
C LEU B 130 73.60 14.98 17.53
N ARG B 131 74.03 16.24 17.65
CA ARG B 131 75.41 16.61 17.32
C ARG B 131 76.42 15.83 18.17
N ASP B 132 76.04 15.55 19.43
CA ASP B 132 76.86 14.79 20.37
C ASP B 132 77.08 13.35 19.90
N LYS B 133 76.15 12.82 19.11
CA LYS B 133 76.31 11.47 18.52
C LYS B 133 76.82 11.52 17.08
N LYS B 134 77.33 12.69 16.68
CA LYS B 134 77.74 12.95 15.30
C LYS B 134 76.60 12.69 14.30
N LEU B 135 75.40 13.16 14.67
CA LEU B 135 74.23 13.11 13.81
C LEU B 135 73.62 14.52 13.66
N ALA B 136 72.68 14.64 12.71
CA ALA B 136 71.97 15.90 12.48
C ALA B 136 70.51 15.59 12.14
N PRO B 137 69.61 16.55 12.36
CA PRO B 137 68.25 16.32 11.90
C PRO B 137 68.18 16.19 10.37
N ILE B 138 67.22 15.42 9.87
CA ILE B 138 67.08 15.23 8.43
C ILE B 138 66.55 16.52 7.81
N THR B 139 67.19 16.96 6.74
CA THR B 139 66.78 18.18 6.05
C THR B 139 65.76 17.91 4.95
N TYR B 140 65.05 18.96 4.54
CA TYR B 140 64.09 18.87 3.45
C TYR B 140 64.71 18.32 2.15
N PRO B 141 65.84 18.91 1.67
CA PRO B 141 66.49 18.34 0.48
C PRO B 141 66.84 16.86 0.61
N GLN B 142 67.24 16.42 1.81
CA GLN B 142 67.47 14.99 2.07
C GLN B 142 66.22 14.11 1.95
N GLY B 143 65.11 14.58 2.50
CA GLY B 143 63.84 13.87 2.39
C GLY B 143 63.36 13.78 0.96
N LEU B 144 63.59 14.85 0.22
CA LEU B 144 63.25 14.88 -1.19
C LEU B 144 64.07 13.84 -1.98
N ALA B 145 65.36 13.77 -1.70
CA ALA B 145 66.24 12.76 -2.34
C ALA B 145 65.75 11.34 -2.02
N MET B 146 65.40 11.09 -0.77
CA MET B 146 64.86 9.77 -0.40
C MET B 146 63.54 9.46 -1.11
N ALA B 147 62.66 10.45 -1.22
CA ALA B 147 61.36 10.25 -1.86
C ALA B 147 61.52 9.85 -3.33
N ARG B 148 62.47 10.49 -4.00
CA ARG B 148 62.86 10.11 -5.36
C ARG B 148 63.43 8.69 -5.45
N GLU B 149 64.29 8.33 -4.50
CA GLU B 149 64.92 7.02 -4.49
C GLU B 149 63.90 5.89 -4.37
N ILE B 150 62.88 6.07 -3.54
CA ILE B 150 61.88 5.02 -3.33
C ILE B 150 60.65 5.12 -4.26
N GLY B 151 60.67 6.06 -5.22
CA GLY B 151 59.58 6.28 -6.18
C GLY B 151 58.29 6.80 -5.54
N SER B 152 58.45 7.72 -4.62
CA SER B 152 57.34 8.31 -3.89
C SER B 152 56.57 9.33 -4.73
N VAL B 153 55.26 9.41 -4.51
CA VAL B 153 54.44 10.39 -5.21
C VAL B 153 54.88 11.78 -4.75
N LYS B 154 55.13 11.93 -3.44
CA LYS B 154 55.38 13.23 -2.85
C LYS B 154 56.14 13.05 -1.52
N TYR B 155 56.96 14.04 -1.17
CA TYR B 155 57.57 14.15 0.14
C TYR B 155 56.88 15.27 0.87
N LEU B 156 56.48 14.99 2.11
CA LEU B 156 55.80 15.97 2.98
C LEU B 156 56.41 15.95 4.38
N GLU B 157 56.51 17.12 5.01
CA GLU B 157 56.91 17.19 6.41
C GLU B 157 55.77 17.71 7.30
N CYS B 158 55.64 17.17 8.51
CA CYS B 158 54.62 17.68 9.42
C CYS B 158 54.99 17.53 10.88
N SER B 159 54.15 18.11 11.73
CA SER B 159 54.15 17.90 13.15
C SER B 159 52.71 17.59 13.62
N ALA B 160 52.50 16.41 14.17
CA ALA B 160 51.26 16.06 14.81
C ALA B 160 50.99 17.02 15.99
N LEU B 161 52.05 17.44 16.67
CA LEU B 161 51.96 18.25 17.89
C LEU B 161 51.43 19.66 17.65
N THR B 162 52.04 20.38 16.71
CA THR B 162 51.60 21.75 16.37
C THR B 162 50.58 21.77 15.25
N GLN B 163 50.41 20.65 14.57
CA GLN B 163 49.57 20.49 13.40
C GLN B 163 50.11 21.16 12.13
N ARG B 164 51.35 21.66 12.18
CA ARG B 164 51.98 22.24 10.99
C ARG B 164 52.17 21.18 9.92
N GLY B 165 51.59 21.41 8.75
CA GLY B 165 51.67 20.48 7.64
C GLY B 165 50.79 19.26 7.73
N LEU B 166 50.00 19.14 8.79
CA LEU B 166 49.29 17.90 9.10
C LEU B 166 48.12 17.63 8.13
N LYS B 167 47.22 18.60 8.00
CA LYS B 167 46.10 18.45 7.07
C LYS B 167 46.57 18.21 5.64
N THR B 168 47.66 18.86 5.24
CA THR B 168 48.24 18.64 3.90
C THR B 168 48.65 17.19 3.62
N VAL B 169 49.18 16.50 4.63
CA VAL B 169 49.53 15.07 4.47
C VAL B 169 48.32 14.27 4.00
N PHE B 170 47.20 14.43 4.68
CA PHE B 170 46.00 13.68 4.34
C PHE B 170 45.26 14.21 3.13
N ASP B 171 45.33 15.50 2.88
CA ASP B 171 44.84 16.07 1.63
C ASP B 171 45.60 15.49 0.41
N GLU B 172 46.93 15.41 0.51
CA GLU B 172 47.74 14.81 -0.55
C GLU B 172 47.56 13.30 -0.68
N ALA B 173 47.34 12.61 0.43
CA ALA B 173 47.00 11.17 0.38
C ALA B 173 45.73 10.98 -0.44
N ILE B 174 44.73 11.82 -0.17
CA ILE B 174 43.46 11.77 -0.88
C ILE B 174 43.61 12.09 -2.37
N ARG B 175 44.29 13.19 -2.69
CA ARG B 175 44.53 13.56 -4.09
C ARG B 175 45.35 12.49 -4.82
N ALA B 176 46.21 11.79 -4.08
CA ALA B 176 46.99 10.67 -4.64
C ALA B 176 46.13 9.50 -5.19
N VAL B 177 44.90 9.36 -4.66
CA VAL B 177 43.99 8.29 -5.06
C VAL B 177 42.95 8.81 -6.05
N LEU B 178 42.42 10.00 -5.76
CA LEU B 178 41.31 10.59 -6.53
C LEU B 178 41.77 11.49 -7.67
N GLY B 179 43.07 11.78 -7.67
N GLY B 179 43.04 11.88 -7.66
CA GLY B 179 43.85 12.07 -8.87
CA GLY B 179 43.52 12.95 -8.53
C GLY B 179 45.21 11.38 -8.73
C GLY B 179 43.02 14.27 -7.98
N SER C 1 40.71 -0.04 -1.72
CA SER C 1 39.99 -0.44 -0.50
C SER C 1 39.21 -1.73 -0.77
N MET C 2 38.51 -2.25 0.23
CA MET C 2 37.76 -3.50 0.07
C MET C 2 36.63 -3.39 -0.96
N GLN C 3 36.34 -4.53 -1.60
CA GLN C 3 35.19 -4.68 -2.47
C GLN C 3 33.95 -4.15 -1.75
N ALA C 4 33.32 -3.15 -2.37
CA ALA C 4 32.03 -2.63 -1.93
C ALA C 4 31.06 -2.68 -3.09
N ILE C 5 29.77 -2.83 -2.76
CA ILE C 5 28.69 -2.78 -3.74
C ILE C 5 27.57 -1.85 -3.26
N LYS C 6 27.26 -0.85 -4.08
CA LYS C 6 26.12 0.01 -3.86
C LYS C 6 24.89 -0.52 -4.63
N CYS C 7 23.89 -0.97 -3.89
CA CYS C 7 22.65 -1.47 -4.48
C CYS C 7 21.49 -0.55 -4.13
N VAL C 8 20.86 0.03 -5.17
CA VAL C 8 19.72 0.94 -4.99
C VAL C 8 18.44 0.19 -5.41
N VAL C 9 17.39 0.31 -4.60
CA VAL C 9 16.16 -0.43 -4.80
C VAL C 9 15.05 0.56 -5.05
N VAL C 10 14.35 0.39 -6.18
CA VAL C 10 13.30 1.30 -6.57
C VAL C 10 12.07 0.52 -7.01
N GLY C 11 10.92 1.18 -7.02
CA GLY C 11 9.65 0.54 -7.34
C GLY C 11 8.48 1.30 -6.73
N ASP C 12 7.28 0.98 -7.20
CA ASP C 12 6.05 1.59 -6.72
C ASP C 12 5.85 1.45 -5.22
N GLY C 13 4.99 2.29 -4.70
CA GLY C 13 4.46 2.15 -3.36
C GLY C 13 3.85 0.79 -3.13
N ALA C 14 3.97 0.33 -1.89
CA ALA C 14 3.39 -0.92 -1.42
C ALA C 14 3.95 -2.17 -2.08
N VAL C 15 5.05 -2.08 -2.84
CA VAL C 15 5.54 -3.27 -3.58
C VAL C 15 6.28 -4.27 -2.70
N GLY C 16 6.93 -3.79 -1.63
CA GLY C 16 7.65 -4.66 -0.73
C GLY C 16 9.16 -4.45 -0.66
N LYS C 17 9.62 -3.26 -1.04
CA LYS C 17 11.07 -2.98 -1.12
C LYS C 17 11.78 -3.08 0.26
N THR C 18 11.17 -2.48 1.28
CA THR C 18 11.78 -2.41 2.61
C THR C 18 11.77 -3.78 3.26
N CYS C 19 10.64 -4.48 3.16
CA CYS C 19 10.52 -5.86 3.64
C CYS C 19 11.55 -6.79 2.97
N LEU C 20 11.74 -6.62 1.67
CA LEU C 20 12.75 -7.36 0.91
C LEU C 20 14.12 -7.17 1.58
N LEU C 21 14.51 -5.92 1.76
CA LEU C 21 15.83 -5.59 2.33
C LEU C 21 15.95 -6.01 3.78
N ILE C 22 14.86 -5.86 4.54
CA ILE C 22 14.92 -6.21 5.96
C ILE C 22 14.92 -7.73 6.20
N SER C 23 14.09 -8.45 5.47
CA SER C 23 14.05 -9.90 5.60
C SER C 23 15.42 -10.52 5.23
N TYR C 24 16.00 -10.04 4.14
CA TYR C 24 17.31 -10.52 3.70
C TYR C 24 18.40 -10.21 4.74
N THR C 25 18.49 -8.95 5.18
CA THR C 25 19.57 -8.55 6.07
C THR C 25 19.39 -9.02 7.50
N THR C 26 18.14 -9.16 7.97
CA THR C 26 17.90 -9.45 9.41
C THR C 26 17.14 -10.75 9.72
N ASN C 27 16.63 -11.44 8.69
CA ASN C 27 15.72 -12.58 8.86
C ASN C 27 14.49 -12.29 9.71
N ALA C 28 13.99 -11.06 9.61
CA ALA C 28 12.79 -10.66 10.33
C ALA C 28 11.93 -9.90 9.36
N PHE C 29 10.64 -10.18 9.37
CA PHE C 29 9.69 -9.45 8.55
C PHE C 29 9.09 -8.36 9.41
N PRO C 30 9.15 -7.08 8.95
CA PRO C 30 8.56 -5.95 9.68
C PRO C 30 7.07 -6.14 10.01
N GLY C 31 6.75 -5.92 11.27
CA GLY C 31 5.40 -6.13 11.78
C GLY C 31 4.42 -5.06 11.38
N GLU C 32 4.93 -3.93 10.85
CA GLU C 32 4.11 -2.75 10.53
C GLU C 32 4.43 -2.31 9.09
N TYR C 33 3.41 -1.83 8.37
CA TYR C 33 3.59 -1.18 7.10
C TYR C 33 3.81 0.35 7.29
N ILE C 34 5.06 0.79 7.10
CA ILE C 34 5.46 2.19 7.24
C ILE C 34 6.17 2.61 5.94
N PRO C 35 5.50 3.38 5.08
CA PRO C 35 6.20 3.80 3.84
C PRO C 35 7.52 4.57 4.10
N THR C 36 8.46 4.41 3.19
CA THR C 36 9.83 4.92 3.27
C THR C 36 9.98 6.30 2.65
N VAL C 37 10.78 7.16 3.29
CA VAL C 37 11.19 8.43 2.70
C VAL C 37 12.57 8.15 2.10
N PHE C 38 13.52 7.79 2.97
CA PHE C 38 14.81 7.21 2.57
C PHE C 38 15.49 6.54 3.75
N ASP C 39 16.04 5.36 3.51
CA ASP C 39 16.79 4.63 4.52
C ASP C 39 17.98 3.97 3.86
N ASN C 40 19.06 3.83 4.61
CA ASN C 40 20.30 3.24 4.15
C ASN C 40 20.70 2.18 5.14
N TYR C 41 20.94 0.97 4.63
CA TYR C 41 21.41 -0.15 5.44
C TYR C 41 22.72 -0.67 4.86
N SER C 42 23.51 -1.29 5.73
CA SER C 42 24.77 -1.89 5.34
CA SER C 42 24.78 -1.87 5.37
C SER C 42 24.85 -3.31 5.88
N ALA C 43 25.54 -4.18 5.12
CA ALA C 43 25.75 -5.56 5.51
C ALA C 43 27.04 -6.09 4.90
N ASN C 44 27.62 -7.09 5.53
CA ASN C 44 28.76 -7.79 4.96
C ASN C 44 28.34 -9.13 4.44
N VAL C 45 28.90 -9.48 3.29
CA VAL C 45 28.71 -10.76 2.66
C VAL C 45 30.09 -11.34 2.32
N MET C 46 30.17 -12.66 2.30
CA MET C 46 31.36 -13.35 1.89
C MET C 46 31.11 -13.83 0.47
N VAL C 47 31.99 -13.45 -0.45
CA VAL C 47 31.85 -13.82 -1.86
C VAL C 47 33.11 -14.56 -2.31
N ASP C 48 32.96 -15.87 -2.52
CA ASP C 48 34.07 -16.72 -2.93
C ASP C 48 35.28 -16.56 -2.00
N GLY C 49 35.01 -16.41 -0.71
CA GLY C 49 36.07 -16.36 0.30
C GLY C 49 36.63 -14.98 0.61
N LYS C 50 36.06 -13.94 -0.02
CA LYS C 50 36.45 -12.57 0.27
C LYS C 50 35.27 -11.82 0.86
N PRO C 51 35.52 -10.93 1.83
CA PRO C 51 34.46 -10.07 2.31
C PRO C 51 34.08 -9.00 1.28
N VAL C 52 32.79 -8.68 1.23
CA VAL C 52 32.27 -7.58 0.40
C VAL C 52 31.32 -6.74 1.25
N ASN C 53 31.51 -5.42 1.25
CA ASN C 53 30.59 -4.51 1.94
C ASN C 53 29.41 -4.19 1.03
N LEU C 54 28.23 -4.61 1.48
CA LEU C 54 27.00 -4.43 0.74
C LEU C 54 26.30 -3.19 1.27
N GLY C 55 26.12 -2.18 0.41
CA GLY C 55 25.41 -0.94 0.75
C GLY C 55 24.03 -0.93 0.11
N LEU C 56 22.99 -0.73 0.92
CA LEU C 56 21.62 -0.84 0.42
C LEU C 56 20.83 0.44 0.67
N TRP C 57 20.36 1.02 -0.43
CA TRP C 57 19.71 2.29 -0.47
C TRP C 57 18.23 2.05 -0.79
N ASP C 58 17.40 2.25 0.25
CA ASP C 58 15.98 1.94 0.24
C ASP C 58 15.24 3.23 -0.08
N THR C 59 14.62 3.32 -1.26
CA THR C 59 14.06 4.59 -1.69
C THR C 59 12.53 4.64 -1.55
N ALA C 60 11.97 5.83 -1.77
CA ALA C 60 10.53 6.08 -1.60
C ALA C 60 9.76 5.72 -2.86
N GLY C 61 8.73 4.90 -2.68
CA GLY C 61 7.80 4.55 -3.74
C GLY C 61 6.79 5.64 -3.99
N GLN C 62 6.55 6.49 -2.99
CA GLN C 62 5.62 7.60 -3.13
C GLN C 62 6.17 8.60 -4.13
N GLU C 63 5.36 8.94 -5.13
CA GLU C 63 5.77 9.96 -6.10
C GLU C 63 5.96 11.35 -5.47
N ASP C 64 5.30 11.60 -4.34
CA ASP C 64 5.52 12.85 -3.60
C ASP C 64 6.99 13.11 -3.27
N TYR C 65 7.76 12.02 -3.21
CA TYR C 65 9.21 12.06 -2.95
C TYR C 65 10.11 11.88 -4.19
N ASP C 66 9.58 12.14 -5.39
CA ASP C 66 10.36 12.05 -6.64
C ASP C 66 11.64 12.90 -6.63
N ARG C 67 11.58 14.07 -6.00
CA ARG C 67 12.69 14.99 -6.01
C ARG C 67 13.88 14.48 -5.21
N LEU C 68 13.61 13.67 -4.19
CA LEU C 68 14.67 13.16 -3.32
C LEU C 68 15.32 11.94 -3.92
N ARG C 69 14.53 11.14 -4.63
CA ARG C 69 14.97 9.80 -5.05
C ARG C 69 16.31 9.79 -5.79
N PRO C 70 16.47 10.63 -6.83
CA PRO C 70 17.71 10.66 -7.60
C PRO C 70 18.98 11.03 -6.85
N LEU C 71 18.87 11.64 -5.67
CA LEU C 71 20.07 11.83 -4.83
C LEU C 71 20.76 10.49 -4.47
N SER C 72 20.02 9.37 -4.50
CA SER C 72 20.60 8.05 -4.22
CA SER C 72 20.61 8.06 -4.22
C SER C 72 21.36 7.45 -5.41
N TYR C 73 21.21 8.03 -6.59
CA TYR C 73 21.65 7.35 -7.83
C TYR C 73 23.14 7.40 -8.20
N PRO C 74 23.81 8.53 -7.98
CA PRO C 74 25.24 8.58 -8.27
C PRO C 74 26.07 7.39 -7.73
N GLN C 75 26.98 6.89 -8.57
CA GLN C 75 27.87 5.78 -8.27
C GLN C 75 27.21 4.47 -7.80
N THR C 76 25.99 4.21 -8.25
CA THR C 76 25.28 2.94 -8.01
C THR C 76 25.93 1.83 -8.83
N ASP C 77 26.03 0.64 -8.25
CA ASP C 77 26.64 -0.50 -8.91
C ASP C 77 25.58 -1.37 -9.58
N VAL C 78 24.39 -1.39 -9.02
CA VAL C 78 23.33 -2.26 -9.51
C VAL C 78 21.99 -1.78 -8.98
N PHE C 79 20.95 -1.94 -9.79
CA PHE C 79 19.59 -1.54 -9.42
C PHE C 79 18.71 -2.75 -9.29
N LEU C 80 17.81 -2.73 -8.31
CA LEU C 80 16.69 -3.62 -8.29
C LEU C 80 15.45 -2.79 -8.56
N ILE C 81 14.82 -3.00 -9.71
CA ILE C 81 13.49 -2.45 -9.95
C ILE C 81 12.49 -3.53 -9.54
N CYS C 82 11.68 -3.23 -8.53
CA CYS C 82 10.73 -4.20 -7.98
C CYS C 82 9.27 -3.85 -8.34
N PHE C 83 8.45 -4.88 -8.46
CA PHE C 83 7.00 -4.68 -8.59
C PHE C 83 6.35 -5.86 -7.89
N SER C 84 5.12 -5.67 -7.42
CA SER C 84 4.38 -6.76 -6.79
C SER C 84 3.81 -7.69 -7.84
N LEU C 85 3.99 -8.98 -7.64
CA LEU C 85 3.43 -9.98 -8.57
C LEU C 85 1.90 -9.91 -8.60
N VAL C 86 1.31 -9.31 -7.59
CA VAL C 86 -0.15 -9.16 -7.53
C VAL C 86 -0.62 -7.69 -7.68
N SER C 87 0.26 -6.83 -8.22
CA SER C 87 -0.14 -5.47 -8.66
C SER C 87 0.28 -5.17 -10.10
N PRO C 88 -0.58 -5.52 -11.08
CA PRO C 88 -0.36 -5.16 -12.48
C PRO C 88 -0.04 -3.70 -12.70
N ALA C 89 -0.59 -2.82 -11.85
CA ALA C 89 -0.28 -1.39 -11.95
C ALA C 89 1.21 -1.16 -11.71
N SER C 90 1.74 -1.79 -10.68
CA SER C 90 3.16 -1.64 -10.29
C SER C 90 4.09 -2.24 -11.33
N PHE C 91 3.62 -3.30 -12.00
CA PHE C 91 4.30 -3.95 -13.11
C PHE C 91 4.40 -3.03 -14.34
N GLU C 92 3.26 -2.46 -14.74
CA GLU C 92 3.21 -1.45 -15.83
C GLU C 92 4.14 -0.27 -15.58
N ASN C 93 4.24 0.17 -14.33
CA ASN C 93 5.17 1.25 -13.97
C ASN C 93 6.66 0.91 -14.05
N VAL C 94 7.00 -0.37 -14.14
CA VAL C 94 8.37 -0.75 -14.44
C VAL C 94 8.83 -0.11 -15.75
N ARG C 95 7.98 -0.19 -16.77
CA ARG C 95 8.32 0.42 -18.05
C ARG C 95 7.92 1.90 -18.14
N ALA C 96 6.79 2.28 -17.55
CA ALA C 96 6.32 3.65 -17.67
C ALA C 96 7.16 4.61 -16.85
N LYS C 97 7.68 4.18 -15.71
CA LYS C 97 8.33 5.11 -14.76
C LYS C 97 9.76 4.74 -14.38
N TRP C 98 9.94 3.54 -13.83
CA TRP C 98 11.19 3.21 -13.13
C TRP C 98 12.37 2.98 -14.07
N TYR C 99 12.15 2.22 -15.13
CA TYR C 99 13.20 2.03 -16.13
C TYR C 99 13.71 3.37 -16.69
N PRO C 100 12.82 4.23 -17.23
CA PRO C 100 13.23 5.56 -17.70
C PRO C 100 13.93 6.47 -16.68
N GLU C 101 13.41 6.52 -15.44
CA GLU C 101 14.01 7.33 -14.39
C GLU C 101 15.43 6.85 -14.13
N VAL C 102 15.59 5.56 -13.90
CA VAL C 102 16.91 5.00 -13.61
C VAL C 102 17.90 5.26 -14.74
N ARG C 103 17.47 5.00 -15.98
CA ARG C 103 18.34 5.12 -17.14
C ARG C 103 18.64 6.60 -17.46
N HIS C 104 17.75 7.50 -17.11
CA HIS C 104 18.03 8.92 -17.27
C HIS C 104 19.29 9.34 -16.47
N HIS C 105 19.43 8.81 -15.25
CA HIS C 105 20.56 9.16 -14.37
C HIS C 105 21.76 8.23 -14.50
N CYS C 106 21.48 6.97 -14.82
CA CYS C 106 22.46 5.90 -14.79
C CYS C 106 22.36 5.04 -16.07
N PRO C 107 22.86 5.56 -17.20
CA PRO C 107 22.65 4.91 -18.50
C PRO C 107 23.12 3.46 -18.64
N HIS C 108 24.17 3.07 -17.91
CA HIS C 108 24.81 1.75 -18.15
C HIS C 108 24.86 0.81 -16.95
N THR C 109 24.34 1.24 -15.82
CA THR C 109 24.32 0.42 -14.61
C THR C 109 23.35 -0.77 -14.76
N PRO C 110 23.79 -1.98 -14.39
CA PRO C 110 22.89 -3.14 -14.50
C PRO C 110 21.63 -3.07 -13.64
N ILE C 111 20.54 -3.59 -14.22
CA ILE C 111 19.23 -3.66 -13.58
C ILE C 111 18.82 -5.10 -13.41
N LEU C 112 18.37 -5.46 -12.22
CA LEU C 112 17.66 -6.72 -12.01
C LEU C 112 16.18 -6.39 -11.78
N LEU C 113 15.28 -7.07 -12.48
CA LEU C 113 13.85 -6.91 -12.28
C LEU C 113 13.35 -7.96 -11.28
N VAL C 114 12.81 -7.50 -10.16
CA VAL C 114 12.35 -8.40 -9.08
C VAL C 114 10.83 -8.33 -8.93
N GLY C 115 10.17 -9.47 -9.13
CA GLY C 115 8.75 -9.63 -8.80
C GLY C 115 8.61 -10.01 -7.34
N THR C 116 7.89 -9.22 -6.55
CA THR C 116 7.76 -9.46 -5.10
C THR C 116 6.43 -10.10 -4.69
N LYS C 117 6.35 -10.58 -3.45
CA LYS C 117 5.11 -11.13 -2.87
C LYS C 117 4.69 -12.42 -3.58
N LEU C 118 5.68 -13.27 -3.85
CA LEU C 118 5.44 -14.54 -4.54
C LEU C 118 4.44 -15.42 -3.81
N ASP C 119 4.41 -15.31 -2.48
CA ASP C 119 3.45 -16.05 -1.65
C ASP C 119 1.97 -15.68 -1.90
N LEU C 120 1.69 -14.50 -2.47
CA LEU C 120 0.30 -14.07 -2.72
C LEU C 120 -0.24 -14.49 -4.10
N ARG C 121 0.60 -15.09 -4.95
CA ARG C 121 0.21 -15.39 -6.32
C ARG C 121 -0.85 -16.47 -6.41
N ASP C 122 -0.79 -17.44 -5.49
CA ASP C 122 -1.84 -18.45 -5.32
C ASP C 122 -2.83 -18.14 -4.18
N ASP C 123 -2.75 -16.95 -3.58
CA ASP C 123 -3.71 -16.54 -2.54
C ASP C 123 -5.10 -16.26 -3.13
N LYS C 124 -6.09 -17.01 -2.64
CA LYS C 124 -7.44 -17.02 -3.21
C LYS C 124 -8.09 -15.63 -3.16
N ASP C 125 -8.05 -14.99 -2.00
CA ASP C 125 -8.65 -13.66 -1.87
C ASP C 125 -7.98 -12.60 -2.77
N THR C 126 -6.66 -12.67 -2.91
CA THR C 126 -5.94 -11.79 -3.81
C THR C 126 -6.34 -12.06 -5.28
N ILE C 127 -6.41 -13.34 -5.66
CA ILE C 127 -6.79 -13.71 -7.02
C ILE C 127 -8.19 -13.16 -7.35
N GLU C 128 -9.09 -13.21 -6.37
CA GLU C 128 -10.48 -12.80 -6.55
C GLU C 128 -10.63 -11.31 -6.66
N ARG C 129 -9.95 -10.54 -5.80
CA ARG C 129 -10.03 -9.06 -5.93
C ARG C 129 -9.46 -8.61 -7.28
N LEU C 130 -8.42 -9.31 -7.79
CA LEU C 130 -7.87 -8.98 -9.11
C LEU C 130 -8.86 -9.32 -10.22
N ARG C 131 -9.45 -10.51 -10.12
CA ARG C 131 -10.49 -10.95 -11.05
C ARG C 131 -11.68 -10.00 -11.15
N ASP C 132 -12.07 -9.42 -10.01
CA ASP C 132 -13.10 -8.39 -9.98
C ASP C 132 -12.76 -7.20 -10.88
N LYS C 133 -11.47 -6.98 -11.12
CA LYS C 133 -11.00 -5.96 -12.06
C LYS C 133 -10.57 -6.52 -13.43
N LYS C 134 -10.97 -7.74 -13.73
CA LYS C 134 -10.49 -8.45 -14.94
C LYS C 134 -8.97 -8.53 -15.03
N LEU C 135 -8.32 -8.56 -13.86
CA LEU C 135 -6.87 -8.72 -13.76
C LEU C 135 -6.51 -10.06 -13.16
N ALA C 136 -5.24 -10.42 -13.27
CA ALA C 136 -4.70 -11.62 -12.64
C ALA C 136 -3.26 -11.35 -12.21
N PRO C 137 -2.71 -12.19 -11.32
CA PRO C 137 -1.32 -11.97 -10.94
C PRO C 137 -0.34 -12.07 -12.13
N ILE C 138 0.80 -11.41 -12.01
CA ILE C 138 1.79 -11.41 -13.08
C ILE C 138 2.43 -12.79 -13.11
N THR C 139 2.55 -13.38 -14.30
CA THR C 139 3.13 -14.69 -14.47
C THR C 139 4.63 -14.59 -14.76
N TYR C 140 5.36 -15.70 -14.61
CA TYR C 140 6.78 -15.77 -14.93
C TYR C 140 7.14 -15.38 -16.38
N PRO C 141 6.45 -15.96 -17.37
CA PRO C 141 6.72 -15.47 -18.73
C PRO C 141 6.46 -13.97 -18.91
N GLN C 142 5.45 -13.45 -18.25
CA GLN C 142 5.15 -12.03 -18.37
C GLN C 142 6.29 -11.20 -17.80
N GLY C 143 6.80 -11.65 -16.65
CA GLY C 143 7.88 -10.94 -15.98
C GLY C 143 9.14 -10.99 -16.81
N LEU C 144 9.47 -12.19 -17.31
CA LEU C 144 10.64 -12.38 -18.14
C LEU C 144 10.60 -11.49 -19.40
N ALA C 145 9.45 -11.41 -20.06
CA ALA C 145 9.32 -10.59 -21.28
C ALA C 145 9.59 -9.11 -20.99
N MET C 146 9.09 -8.64 -19.86
CA MET C 146 9.33 -7.25 -19.40
C MET C 146 10.81 -7.02 -19.07
N ALA C 147 11.44 -8.05 -18.52
CA ALA C 147 12.85 -8.00 -18.16
C ALA C 147 13.65 -7.78 -19.43
N ARG C 148 13.35 -8.59 -20.45
CA ARG C 148 14.02 -8.48 -21.76
C ARG C 148 13.79 -7.14 -22.43
N GLU C 149 12.56 -6.62 -22.29
CA GLU C 149 12.17 -5.30 -22.80
C GLU C 149 13.05 -4.17 -22.25
N ILE C 150 13.30 -4.16 -20.94
CA ILE C 150 14.08 -3.09 -20.31
C ILE C 150 15.59 -3.33 -20.24
N GLY C 151 16.08 -4.43 -20.83
CA GLY C 151 17.51 -4.72 -20.85
C GLY C 151 18.08 -5.10 -19.49
N SER C 152 17.29 -5.86 -18.75
CA SER C 152 17.64 -6.31 -17.43
C SER C 152 18.59 -7.50 -17.55
N VAL C 153 19.48 -7.67 -16.57
CA VAL C 153 20.42 -8.78 -16.60
C VAL C 153 19.82 -10.07 -16.03
N LYS C 154 18.76 -9.94 -15.24
CA LYS C 154 18.12 -11.13 -14.64
C LYS C 154 16.72 -10.75 -14.21
N TYR C 155 15.80 -11.71 -14.33
CA TYR C 155 14.44 -11.58 -13.77
C TYR C 155 14.37 -12.58 -12.66
N LEU C 156 13.89 -12.12 -11.50
CA LEU C 156 13.77 -12.97 -10.32
C LEU C 156 12.46 -12.73 -9.59
N GLU C 157 11.91 -13.81 -9.01
CA GLU C 157 10.69 -13.74 -8.21
C GLU C 157 10.98 -14.15 -6.79
N CYS C 158 10.34 -13.49 -5.82
CA CYS C 158 10.59 -13.82 -4.42
C CYS C 158 9.46 -13.43 -3.48
N SER C 159 9.49 -14.02 -2.30
CA SER C 159 8.71 -13.57 -1.15
C SER C 159 9.65 -13.20 -0.02
N ALA C 160 9.63 -11.94 0.39
CA ALA C 160 10.32 -11.50 1.60
C ALA C 160 9.70 -12.16 2.86
N LEU C 161 8.42 -12.50 2.77
CA LEU C 161 7.70 -13.11 3.89
C LEU C 161 8.15 -14.52 4.17
N THR C 162 8.20 -15.38 3.15
CA THR C 162 8.66 -16.76 3.32
C THR C 162 10.14 -16.92 3.08
N GLN C 163 10.75 -15.91 2.44
CA GLN C 163 12.17 -15.89 2.05
C GLN C 163 12.48 -16.77 0.85
N ARG C 164 11.45 -17.31 0.23
CA ARG C 164 11.62 -18.04 -0.99
C ARG C 164 12.15 -17.14 -2.09
N GLY C 165 13.28 -17.54 -2.68
CA GLY C 165 13.93 -16.77 -3.75
C GLY C 165 14.62 -15.49 -3.31
N LEU C 166 14.54 -15.15 -2.02
CA LEU C 166 15.12 -13.90 -1.49
C LEU C 166 16.66 -13.82 -1.58
N LYS C 167 17.37 -14.79 -1.01
CA LYS C 167 18.83 -14.83 -1.11
C LYS C 167 19.33 -14.81 -2.56
N THR C 168 18.58 -15.46 -3.44
CA THR C 168 18.96 -15.53 -4.84
C THR C 168 18.96 -14.18 -5.53
N VAL C 169 18.06 -13.29 -5.13
CA VAL C 169 18.00 -11.93 -5.65
C VAL C 169 19.31 -11.17 -5.41
N PHE C 170 19.81 -11.27 -4.17
CA PHE C 170 21.02 -10.56 -3.77
C PHE C 170 22.29 -11.22 -4.27
N ASP C 171 22.29 -12.56 -4.28
CA ASP C 171 23.38 -13.31 -4.86
C ASP C 171 23.54 -12.88 -6.33
N GLU C 172 22.44 -12.89 -7.07
CA GLU C 172 22.42 -12.49 -8.48
C GLU C 172 22.79 -11.02 -8.67
N ALA C 173 22.34 -10.17 -7.74
CA ALA C 173 22.71 -8.74 -7.77
C ALA C 173 24.22 -8.55 -7.60
N ILE C 174 24.83 -9.35 -6.72
CA ILE C 174 26.26 -9.28 -6.46
C ILE C 174 27.02 -9.80 -7.66
N ARG C 175 26.58 -10.92 -8.21
CA ARG C 175 27.19 -11.49 -9.39
C ARG C 175 27.10 -10.57 -10.60
N ALA C 176 26.02 -9.82 -10.70
CA ALA C 176 25.91 -8.80 -11.76
C ALA C 176 27.00 -7.70 -11.65
N VAL C 177 27.53 -7.49 -10.45
CA VAL C 177 28.65 -6.58 -10.27
C VAL C 177 30.05 -7.23 -10.37
N LEU C 178 30.18 -8.50 -9.96
CA LEU C 178 31.50 -9.11 -9.72
C LEU C 178 31.87 -10.29 -10.63
N MET D 2 -24.40 -4.79 -17.20
CA MET D 2 -23.86 -6.05 -17.79
C MET D 2 -22.34 -6.01 -17.87
N GLN D 3 -21.70 -7.06 -17.36
CA GLN D 3 -20.25 -7.20 -17.49
C GLN D 3 -19.87 -7.35 -18.96
N ALA D 4 -18.75 -6.73 -19.33
CA ALA D 4 -18.25 -6.79 -20.69
C ALA D 4 -16.85 -7.37 -20.70
N ILE D 5 -16.50 -8.04 -21.80
CA ILE D 5 -15.19 -8.60 -22.05
C ILE D 5 -14.71 -8.05 -23.38
N LYS D 6 -13.50 -7.47 -23.39
CA LYS D 6 -12.86 -7.03 -24.61
C LYS D 6 -11.82 -8.06 -25.08
N CYS D 7 -12.12 -8.71 -26.20
CA CYS D 7 -11.30 -9.78 -26.78
C CYS D 7 -10.80 -9.39 -28.18
N VAL D 8 -9.48 -9.38 -28.37
CA VAL D 8 -8.88 -8.88 -29.59
C VAL D 8 -8.21 -10.03 -30.34
N VAL D 9 -8.48 -10.12 -31.63
CA VAL D 9 -8.00 -11.23 -32.42
C VAL D 9 -6.96 -10.73 -33.41
N VAL D 10 -5.80 -11.39 -33.42
CA VAL D 10 -4.66 -11.03 -34.27
C VAL D 10 -4.01 -12.27 -34.92
N GLY D 11 -3.29 -12.06 -36.02
CA GLY D 11 -2.61 -13.15 -36.73
C GLY D 11 -2.36 -12.85 -38.21
N ASP D 12 -1.62 -13.73 -38.88
CA ASP D 12 -1.28 -13.51 -40.29
C ASP D 12 -2.51 -13.43 -41.18
N GLY D 13 -2.35 -12.68 -42.28
CA GLY D 13 -3.25 -12.74 -43.41
C GLY D 13 -3.58 -14.17 -43.79
N ALA D 14 -4.77 -14.35 -44.33
CA ALA D 14 -5.32 -15.64 -44.77
C ALA D 14 -5.46 -16.75 -43.71
N VAL D 15 -5.30 -16.44 -42.42
CA VAL D 15 -5.35 -17.51 -41.39
C VAL D 15 -6.75 -17.92 -40.96
N GLY D 16 -7.73 -17.02 -41.08
CA GLY D 16 -9.12 -17.35 -40.73
C GLY D 16 -9.74 -16.65 -39.52
N LYS D 17 -9.20 -15.47 -39.15
CA LYS D 17 -9.69 -14.71 -38.01
C LYS D 17 -11.12 -14.26 -38.21
N THR D 18 -11.44 -13.78 -39.40
CA THR D 18 -12.82 -13.27 -39.61
C THR D 18 -13.85 -14.40 -39.66
N CYS D 19 -13.51 -15.50 -40.34
CA CYS D 19 -14.41 -16.63 -40.47
C CYS D 19 -14.70 -17.23 -39.08
N LEU D 20 -13.66 -17.31 -38.26
CA LEU D 20 -13.76 -17.70 -36.86
C LEU D 20 -14.81 -16.89 -36.09
N LEU D 21 -14.64 -15.57 -36.11
CA LEU D 21 -15.55 -14.68 -35.41
C LEU D 21 -16.99 -14.77 -35.94
N ILE D 22 -17.11 -14.76 -37.27
CA ILE D 22 -18.41 -14.79 -37.91
C ILE D 22 -19.08 -16.18 -37.77
N SER D 23 -18.30 -17.26 -37.86
CA SER D 23 -18.87 -18.60 -37.67
C SER D 23 -19.43 -18.76 -36.28
N TYR D 24 -18.74 -18.17 -35.29
CA TYR D 24 -19.12 -18.30 -33.90
C TYR D 24 -20.35 -17.46 -33.55
N THR D 25 -20.31 -16.19 -33.94
CA THR D 25 -21.36 -15.25 -33.60
C THR D 25 -22.66 -15.39 -34.36
N THR D 26 -22.57 -15.82 -35.62
CA THR D 26 -23.72 -15.87 -36.49
C THR D 26 -24.04 -17.25 -37.05
N ASN D 27 -23.19 -18.25 -36.82
CA ASN D 27 -23.34 -19.58 -37.40
C ASN D 27 -23.34 -19.70 -38.93
N ALA D 28 -22.62 -18.80 -39.58
CA ALA D 28 -22.39 -18.88 -41.02
C ALA D 28 -20.89 -18.73 -41.32
N PHE D 29 -20.45 -19.50 -42.31
CA PHE D 29 -19.10 -19.42 -42.84
C PHE D 29 -19.17 -18.47 -44.05
N PRO D 30 -18.48 -17.31 -43.99
CA PRO D 30 -18.52 -16.39 -45.12
C PRO D 30 -18.16 -17.07 -46.45
N GLY D 31 -18.88 -16.72 -47.52
CA GLY D 31 -18.68 -17.35 -48.82
C GLY D 31 -17.58 -16.74 -49.68
N GLU D 32 -17.01 -15.64 -49.25
CA GLU D 32 -15.96 -14.95 -49.99
C GLU D 32 -14.85 -14.62 -49.03
N TYR D 33 -13.63 -14.64 -49.56
CA TYR D 33 -12.43 -14.25 -48.83
C TYR D 33 -12.22 -12.79 -49.11
N ILE D 34 -12.50 -11.94 -48.09
CA ILE D 34 -12.32 -10.49 -48.15
C ILE D 34 -11.47 -10.03 -46.97
N PRO D 35 -10.19 -9.66 -47.22
CA PRO D 35 -9.35 -9.16 -46.12
C PRO D 35 -9.92 -7.99 -45.29
N THR D 36 -9.65 -8.02 -44.00
CA THR D 36 -10.12 -7.04 -43.01
C THR D 36 -9.19 -5.85 -42.95
N VAL D 37 -9.79 -4.67 -42.74
CA VAL D 37 -9.07 -3.47 -42.32
C VAL D 37 -9.26 -3.31 -40.81
N PHE D 38 -10.48 -3.01 -40.34
CA PHE D 38 -10.86 -3.25 -38.97
C PHE D 38 -12.36 -3.41 -38.82
N ASP D 39 -12.78 -4.32 -37.95
CA ASP D 39 -14.20 -4.50 -37.64
C ASP D 39 -14.38 -4.81 -36.16
N ASN D 40 -15.45 -4.31 -35.57
CA ASN D 40 -15.80 -4.59 -34.19
C ASN D 40 -17.21 -5.19 -34.13
N TYR D 41 -17.31 -6.40 -33.60
CA TYR D 41 -18.58 -7.07 -33.38
C TYR D 41 -18.88 -7.16 -31.89
N SER D 42 -20.16 -7.30 -31.56
CA SER D 42 -20.66 -7.53 -30.22
CA SER D 42 -20.57 -7.61 -30.21
C SER D 42 -21.61 -8.73 -30.25
N ALA D 43 -21.59 -9.54 -29.19
CA ALA D 43 -22.58 -10.58 -28.96
C ALA D 43 -22.83 -10.72 -27.45
N ASN D 44 -24.03 -11.17 -27.12
CA ASN D 44 -24.39 -11.52 -25.76
C ASN D 44 -24.08 -12.99 -25.55
N VAL D 45 -23.60 -13.33 -24.37
CA VAL D 45 -23.43 -14.72 -23.93
C VAL D 45 -23.90 -14.84 -22.48
N MET D 46 -24.51 -15.98 -22.14
CA MET D 46 -24.93 -16.24 -20.77
C MET D 46 -23.85 -17.07 -20.07
N VAL D 47 -23.27 -16.52 -19.00
CA VAL D 47 -22.19 -17.14 -18.25
C VAL D 47 -22.66 -17.43 -16.83
N ASP D 48 -22.85 -18.70 -16.50
CA ASP D 48 -23.35 -19.14 -15.19
C ASP D 48 -24.57 -18.31 -14.78
N GLY D 49 -25.53 -18.18 -15.68
CA GLY D 49 -26.78 -17.49 -15.39
C GLY D 49 -26.75 -15.98 -15.54
N LYS D 50 -25.59 -15.38 -15.75
CA LYS D 50 -25.43 -13.93 -15.87
C LYS D 50 -25.07 -13.54 -17.29
N PRO D 51 -25.74 -12.51 -17.83
CA PRO D 51 -25.44 -12.09 -19.19
C PRO D 51 -24.12 -11.35 -19.27
N VAL D 52 -23.35 -11.63 -20.32
CA VAL D 52 -22.07 -10.95 -20.55
C VAL D 52 -22.02 -10.41 -21.98
N ASN D 53 -21.51 -9.19 -22.13
CA ASN D 53 -21.35 -8.56 -23.44
C ASN D 53 -19.93 -8.83 -23.93
N LEU D 54 -19.82 -9.70 -24.93
CA LEU D 54 -18.55 -10.08 -25.51
C LEU D 54 -18.24 -9.18 -26.70
N GLY D 55 -17.26 -8.29 -26.52
CA GLY D 55 -16.76 -7.42 -27.60
C GLY D 55 -15.57 -8.02 -28.32
N LEU D 56 -15.66 -8.03 -29.65
CA LEU D 56 -14.71 -8.76 -30.47
C LEU D 56 -14.09 -7.78 -31.44
N TRP D 57 -12.77 -7.75 -31.45
CA TRP D 57 -12.04 -6.78 -32.22
C TRP D 57 -11.30 -7.54 -33.29
N ASP D 58 -11.78 -7.40 -34.54
CA ASP D 58 -11.27 -8.16 -35.68
C ASP D 58 -10.21 -7.32 -36.41
N THR D 59 -8.95 -7.74 -36.31
CA THR D 59 -7.84 -6.93 -36.81
C THR D 59 -7.31 -7.40 -38.15
N ALA D 60 -6.51 -6.56 -38.78
CA ALA D 60 -5.93 -6.84 -40.09
C ALA D 60 -4.63 -7.67 -40.02
N GLY D 61 -4.62 -8.82 -40.68
CA GLY D 61 -3.38 -9.58 -40.90
C GLY D 61 -2.38 -8.92 -41.85
N GLN D 62 -2.84 -8.16 -42.83
CA GLN D 62 -1.96 -7.38 -43.73
C GLN D 62 -1.01 -6.44 -42.98
N GLU D 63 0.27 -6.57 -43.29
CA GLU D 63 1.33 -5.74 -42.72
C GLU D 63 1.13 -4.25 -43.05
N ASP D 64 0.48 -3.97 -44.18
CA ASP D 64 0.19 -2.58 -44.58
C ASP D 64 -0.69 -1.82 -43.59
N TYR D 65 -1.46 -2.55 -42.79
CA TYR D 65 -2.25 -1.91 -41.71
C TYR D 65 -1.62 -2.13 -40.32
N ASP D 66 -0.30 -2.28 -40.31
CA ASP D 66 0.48 -2.38 -39.07
C ASP D 66 0.28 -1.16 -38.14
N ARG D 67 0.13 0.03 -38.70
CA ARG D 67 -0.01 1.23 -37.89
C ARG D 67 -1.40 1.40 -37.29
N LEU D 68 -2.40 0.78 -37.91
CA LEU D 68 -3.75 0.85 -37.38
C LEU D 68 -3.97 -0.18 -36.27
N ARG D 69 -3.30 -1.34 -36.36
CA ARG D 69 -3.64 -2.45 -35.50
C ARG D 69 -3.53 -2.11 -34.00
N PRO D 70 -2.39 -1.58 -33.57
CA PRO D 70 -2.26 -1.27 -32.16
C PRO D 70 -3.33 -0.38 -31.51
N LEU D 71 -4.17 0.31 -32.29
CA LEU D 71 -5.20 1.19 -31.70
C LEU D 71 -6.31 0.37 -31.00
N SER D 72 -6.39 -0.90 -31.40
CA SER D 72 -7.34 -1.84 -30.80
CA SER D 72 -7.35 -1.80 -30.79
C SER D 72 -6.87 -2.35 -29.44
N TYR D 73 -5.60 -2.13 -29.12
CA TYR D 73 -5.01 -2.82 -27.95
C TYR D 73 -5.32 -2.30 -26.53
N PRO D 74 -5.35 -0.96 -26.31
CA PRO D 74 -5.57 -0.52 -24.94
C PRO D 74 -6.83 -1.13 -24.29
N GLN D 75 -6.68 -1.57 -23.05
CA GLN D 75 -7.74 -2.15 -22.20
C GLN D 75 -8.27 -3.49 -22.69
N THR D 76 -7.46 -4.26 -23.41
CA THR D 76 -7.90 -5.54 -23.89
C THR D 76 -7.97 -6.46 -22.68
N ASP D 77 -8.97 -7.34 -22.67
CA ASP D 77 -9.09 -8.29 -21.57
C ASP D 77 -8.41 -9.61 -21.94
N VAL D 78 -8.46 -9.97 -23.22
CA VAL D 78 -7.88 -11.23 -23.68
C VAL D 78 -7.57 -11.17 -25.17
N PHE D 79 -6.48 -11.82 -25.57
CA PHE D 79 -6.11 -11.92 -26.98
C PHE D 79 -6.21 -13.36 -27.47
N LEU D 80 -6.64 -13.50 -28.72
CA LEU D 80 -6.46 -14.72 -29.45
C LEU D 80 -5.41 -14.45 -30.52
N ILE D 81 -4.29 -15.15 -30.45
CA ILE D 81 -3.30 -15.11 -31.55
C ILE D 81 -3.61 -16.31 -32.42
N CYS D 82 -3.92 -16.07 -33.68
CA CYS D 82 -4.30 -17.16 -34.60
C CYS D 82 -3.19 -17.46 -35.63
N PHE D 83 -2.99 -18.75 -35.89
CA PHE D 83 -2.21 -19.21 -37.06
C PHE D 83 -3.02 -20.33 -37.72
N SER D 84 -2.84 -20.53 -39.02
CA SER D 84 -3.47 -21.64 -39.73
C SER D 84 -2.65 -22.92 -39.52
N LEU D 85 -3.34 -24.01 -39.19
CA LEU D 85 -2.69 -25.30 -38.95
C LEU D 85 -2.06 -25.85 -40.24
N VAL D 86 -2.38 -25.27 -41.39
CA VAL D 86 -1.79 -25.67 -42.67
C VAL D 86 -0.92 -24.58 -43.30
N SER D 87 -0.55 -23.56 -42.51
CA SER D 87 0.48 -22.62 -42.91
C SER D 87 1.57 -22.48 -41.83
N PRO D 88 2.63 -23.29 -41.94
CA PRO D 88 3.86 -23.15 -41.15
C PRO D 88 4.37 -21.70 -41.00
N ALA D 89 4.32 -20.93 -42.08
CA ALA D 89 4.74 -19.53 -42.05
C ALA D 89 3.91 -18.71 -41.03
N SER D 90 2.60 -18.93 -41.01
CA SER D 90 1.73 -18.21 -40.07
C SER D 90 2.07 -18.64 -38.64
N PHE D 91 2.45 -19.89 -38.48
CA PHE D 91 2.82 -20.45 -37.18
C PHE D 91 4.08 -19.77 -36.64
N GLU D 92 5.13 -19.75 -37.46
CA GLU D 92 6.40 -19.14 -37.06
C GLU D 92 6.23 -17.66 -36.77
N ASN D 93 5.29 -17.01 -37.44
CA ASN D 93 5.03 -15.58 -37.19
C ASN D 93 4.37 -15.31 -35.86
N VAL D 94 3.83 -16.34 -35.21
CA VAL D 94 3.41 -16.20 -33.80
C VAL D 94 4.59 -15.80 -32.91
N ARG D 95 5.72 -16.47 -33.10
CA ARG D 95 6.94 -16.15 -32.39
C ARG D 95 7.58 -14.86 -32.94
N ALA D 96 7.63 -14.75 -34.26
CA ALA D 96 8.38 -13.68 -34.89
C ALA D 96 7.68 -12.32 -34.85
N LYS D 97 6.35 -12.31 -34.77
CA LYS D 97 5.60 -11.04 -34.88
C LYS D 97 4.47 -10.81 -33.86
N TRP D 98 3.55 -11.77 -33.74
CA TRP D 98 2.29 -11.53 -33.02
C TRP D 98 2.46 -11.47 -31.51
N TYR D 99 3.18 -12.44 -30.95
CA TYR D 99 3.46 -12.41 -29.51
C TYR D 99 4.24 -11.14 -29.06
N PRO D 100 5.37 -10.84 -29.70
CA PRO D 100 6.10 -9.62 -29.34
C PRO D 100 5.25 -8.38 -29.40
N GLU D 101 4.40 -8.28 -30.42
CA GLU D 101 3.62 -7.07 -30.63
C GLU D 101 2.55 -6.97 -29.56
N VAL D 102 1.78 -8.03 -29.37
CA VAL D 102 0.74 -8.05 -28.36
C VAL D 102 1.30 -7.72 -26.95
N ARG D 103 2.40 -8.36 -26.60
CA ARG D 103 2.92 -8.30 -25.25
C ARG D 103 3.61 -6.96 -24.98
N HIS D 104 4.19 -6.38 -26.03
CA HIS D 104 4.71 -5.02 -25.97
C HIS D 104 3.64 -3.99 -25.62
N HIS D 105 2.46 -4.11 -26.23
CA HIS D 105 1.42 -3.13 -25.97
C HIS D 105 0.65 -3.48 -24.68
N CYS D 106 0.48 -4.76 -24.42
CA CYS D 106 -0.28 -5.26 -23.26
C CYS D 106 0.52 -6.31 -22.46
N PRO D 107 1.43 -5.87 -21.57
CA PRO D 107 2.37 -6.74 -20.89
C PRO D 107 1.79 -7.85 -20.01
N HIS D 108 0.54 -7.71 -19.56
CA HIS D 108 -0.03 -8.69 -18.64
C HIS D 108 -1.39 -9.23 -19.04
N THR D 109 -1.76 -9.09 -20.30
CA THR D 109 -3.07 -9.56 -20.77
C THR D 109 -2.96 -11.02 -21.18
N PRO D 110 -3.90 -11.86 -20.74
CA PRO D 110 -3.83 -13.29 -21.12
C PRO D 110 -3.97 -13.52 -22.63
N ILE D 111 -3.27 -14.55 -23.14
CA ILE D 111 -3.25 -14.90 -24.56
C ILE D 111 -3.65 -16.38 -24.75
N LEU D 112 -4.57 -16.62 -25.69
CA LEU D 112 -4.88 -17.96 -26.13
C LEU D 112 -4.24 -18.13 -27.51
N LEU D 113 -3.57 -19.26 -27.73
CA LEU D 113 -3.04 -19.56 -29.04
C LEU D 113 -4.04 -20.48 -29.75
N VAL D 114 -4.47 -20.04 -30.94
CA VAL D 114 -5.56 -20.67 -31.65
C VAL D 114 -5.07 -21.15 -33.02
N GLY D 115 -5.15 -22.46 -33.21
CA GLY D 115 -4.88 -23.09 -34.49
C GLY D 115 -6.17 -23.21 -35.28
N THR D 116 -6.24 -22.53 -36.43
CA THR D 116 -7.43 -22.51 -37.26
C THR D 116 -7.31 -23.51 -38.41
N LYS D 117 -8.43 -23.73 -39.10
CA LYS D 117 -8.53 -24.59 -40.30
C LYS D 117 -8.22 -26.05 -39.97
N LEU D 118 -8.67 -26.49 -38.81
CA LEU D 118 -8.54 -27.88 -38.39
C LEU D 118 -9.02 -28.89 -39.46
N ASP D 119 -10.07 -28.55 -40.20
CA ASP D 119 -10.57 -29.42 -41.27
C ASP D 119 -9.55 -29.70 -42.39
N LEU D 120 -8.58 -28.81 -42.60
CA LEU D 120 -7.61 -29.01 -43.68
C LEU D 120 -6.39 -29.85 -43.25
N ARG D 121 -6.16 -30.01 -41.94
CA ARG D 121 -5.07 -30.84 -41.46
C ARG D 121 -5.28 -32.33 -41.81
N ASP D 122 -6.54 -32.77 -41.79
CA ASP D 122 -6.89 -34.14 -42.19
C ASP D 122 -7.24 -34.24 -43.67
N ASP D 123 -7.22 -33.12 -44.39
CA ASP D 123 -7.50 -33.12 -45.83
C ASP D 123 -6.29 -33.63 -46.60
N LYS D 124 -6.48 -34.75 -47.31
CA LYS D 124 -5.40 -35.46 -47.97
C LYS D 124 -4.65 -34.64 -49.04
N ASP D 125 -5.39 -33.84 -49.81
CA ASP D 125 -4.78 -33.08 -50.89
C ASP D 125 -3.95 -31.94 -50.32
N THR D 126 -4.46 -31.31 -49.27
CA THR D 126 -3.72 -30.27 -48.53
C THR D 126 -2.42 -30.82 -48.00
N ILE D 127 -2.50 -31.98 -47.36
CA ILE D 127 -1.30 -32.69 -46.88
C ILE D 127 -0.29 -32.91 -48.01
N GLU D 128 -0.75 -33.38 -49.16
CA GLU D 128 0.13 -33.64 -50.31
C GLU D 128 0.71 -32.34 -50.91
N ARG D 129 -0.10 -31.29 -50.99
CA ARG D 129 0.37 -30.01 -51.49
C ARG D 129 1.48 -29.42 -50.61
N LEU D 130 1.37 -29.62 -49.30
CA LEU D 130 2.43 -29.20 -48.36
C LEU D 130 3.70 -30.04 -48.54
N ARG D 131 3.52 -31.35 -48.69
CA ARG D 131 4.63 -32.28 -48.90
C ARG D 131 5.49 -31.89 -50.11
N ASP D 132 4.86 -31.41 -51.18
CA ASP D 132 5.60 -30.99 -52.38
C ASP D 132 6.47 -29.75 -52.17
N LYS D 133 6.12 -28.94 -51.16
CA LYS D 133 6.94 -27.79 -50.75
C LYS D 133 7.71 -28.07 -49.45
N LYS D 134 8.00 -29.35 -49.19
CA LYS D 134 8.76 -29.80 -48.01
C LYS D 134 8.19 -29.21 -46.71
N LEU D 135 6.88 -29.29 -46.58
CA LEU D 135 6.18 -28.80 -45.40
C LEU D 135 5.15 -29.80 -44.92
N ALA D 136 4.70 -29.62 -43.68
CA ALA D 136 3.63 -30.44 -43.13
C ALA D 136 2.76 -29.63 -42.19
N PRO D 137 1.49 -30.03 -42.05
CA PRO D 137 0.58 -29.36 -41.12
C PRO D 137 1.14 -29.32 -39.68
N ILE D 138 0.75 -28.32 -38.92
CA ILE D 138 1.20 -28.18 -37.55
C ILE D 138 0.44 -29.24 -36.75
N THR D 139 1.16 -30.02 -35.97
CA THR D 139 0.57 -31.04 -35.11
C THR D 139 0.18 -30.42 -33.78
N TYR D 140 -0.67 -31.12 -33.02
CA TYR D 140 -1.09 -30.63 -31.72
C TYR D 140 0.09 -30.36 -30.77
N PRO D 141 1.04 -31.31 -30.67
CA PRO D 141 2.24 -31.13 -29.86
C PRO D 141 3.10 -29.93 -30.23
N GLN D 142 3.20 -29.64 -31.52
CA GLN D 142 3.92 -28.45 -31.97
C GLN D 142 3.19 -27.17 -31.55
N GLY D 143 1.90 -27.10 -31.79
CA GLY D 143 1.10 -25.94 -31.35
C GLY D 143 1.20 -25.71 -29.84
N LEU D 144 1.03 -26.78 -29.07
CA LEU D 144 1.15 -26.73 -27.63
C LEU D 144 2.55 -26.31 -27.15
N ALA D 145 3.60 -26.63 -27.92
CA ALA D 145 4.95 -26.18 -27.54
C ALA D 145 5.14 -24.69 -27.80
N MET D 146 4.51 -24.19 -28.84
CA MET D 146 4.54 -22.76 -29.17
C MET D 146 3.74 -21.97 -28.15
N ALA D 147 2.59 -22.50 -27.75
CA ALA D 147 1.75 -21.89 -26.74
C ALA D 147 2.51 -21.72 -25.44
N ARG D 148 3.23 -22.77 -25.05
CA ARG D 148 4.02 -22.73 -23.81
C ARG D 148 5.19 -21.76 -23.88
N GLU D 149 5.82 -21.68 -25.04
CA GLU D 149 6.94 -20.78 -25.28
C GLU D 149 6.48 -19.33 -25.12
N ILE D 150 5.28 -19.00 -25.58
CA ILE D 150 4.75 -17.65 -25.41
C ILE D 150 3.93 -17.46 -24.12
N GLY D 151 3.90 -18.46 -23.24
CA GLY D 151 3.16 -18.34 -21.98
C GLY D 151 1.66 -18.14 -22.15
N SER D 152 1.08 -18.87 -23.10
CA SER D 152 -0.35 -18.83 -23.35
C SER D 152 -1.12 -19.58 -22.26
N VAL D 153 -2.32 -19.10 -21.96
CA VAL D 153 -3.22 -19.71 -20.97
CA VAL D 153 -3.14 -19.75 -20.95
C VAL D 153 -3.78 -21.04 -21.49
N LYS D 154 -3.89 -21.15 -22.80
CA LYS D 154 -4.55 -22.30 -23.43
C LYS D 154 -4.15 -22.42 -24.88
N TYR D 155 -3.81 -23.63 -25.34
CA TYR D 155 -3.73 -23.91 -26.78
C TYR D 155 -5.03 -24.59 -27.20
N LEU D 156 -5.66 -24.04 -28.26
CA LEU D 156 -6.92 -24.57 -28.82
C LEU D 156 -6.87 -24.68 -30.33
N GLU D 157 -7.47 -25.75 -30.84
CA GLU D 157 -7.56 -26.00 -32.28
C GLU D 157 -9.03 -26.08 -32.67
N CYS D 158 -9.37 -25.46 -33.80
CA CYS D 158 -10.75 -25.45 -34.30
C CYS D 158 -10.81 -25.28 -35.80
N SER D 159 -12.02 -25.51 -36.34
CA SER D 159 -12.36 -25.19 -37.70
C SER D 159 -13.59 -24.26 -37.67
N ALA D 160 -13.46 -23.10 -38.31
CA ALA D 160 -14.63 -22.21 -38.49
C ALA D 160 -15.66 -22.83 -39.46
N LEU D 161 -15.17 -23.67 -40.36
CA LEU D 161 -16.02 -24.28 -41.38
C LEU D 161 -16.94 -25.36 -40.77
N THR D 162 -16.35 -26.30 -40.02
CA THR D 162 -17.11 -27.41 -39.43
C THR D 162 -17.62 -27.05 -38.03
N GLN D 163 -17.09 -25.96 -37.46
CA GLN D 163 -17.35 -25.55 -36.07
C GLN D 163 -16.78 -26.53 -35.04
N ARG D 164 -15.95 -27.48 -35.48
CA ARG D 164 -15.26 -28.37 -34.55
C ARG D 164 -14.29 -27.53 -33.73
N GLY D 165 -14.44 -27.58 -32.41
CA GLY D 165 -13.59 -26.84 -31.48
C GLY D 165 -13.89 -25.36 -31.29
N LEU D 166 -14.91 -24.85 -31.98
CA LEU D 166 -15.09 -23.40 -32.14
C LEU D 166 -15.68 -22.70 -30.91
N LYS D 167 -16.78 -23.23 -30.39
CA LYS D 167 -17.37 -22.67 -29.17
C LYS D 167 -16.38 -22.73 -28.03
N THR D 168 -15.61 -23.81 -27.92
CA THR D 168 -14.60 -23.91 -26.87
C THR D 168 -13.58 -22.76 -26.86
N VAL D 169 -13.16 -22.29 -28.05
CA VAL D 169 -12.24 -21.14 -28.16
C VAL D 169 -12.77 -19.97 -27.34
N PHE D 170 -14.05 -19.68 -27.51
CA PHE D 170 -14.63 -18.51 -26.90
C PHE D 170 -15.06 -18.76 -25.46
N ASP D 171 -15.53 -19.98 -25.16
CA ASP D 171 -15.78 -20.37 -23.76
C ASP D 171 -14.49 -20.18 -22.94
N GLU D 172 -13.37 -20.62 -23.49
CA GLU D 172 -12.09 -20.55 -22.79
C GLU D 172 -11.57 -19.11 -22.71
N ALA D 173 -11.76 -18.35 -23.77
CA ALA D 173 -11.45 -16.90 -23.74
C ALA D 173 -12.21 -16.22 -22.60
N ILE D 174 -13.49 -16.55 -22.47
CA ILE D 174 -14.33 -15.96 -21.43
C ILE D 174 -13.83 -16.33 -20.04
N ARG D 175 -13.58 -17.62 -19.84
CA ARG D 175 -13.05 -18.15 -18.60
C ARG D 175 -11.69 -17.55 -18.22
N ALA D 176 -10.87 -17.25 -19.23
CA ALA D 176 -9.54 -16.65 -19.03
C ALA D 176 -9.63 -15.27 -18.40
N VAL D 177 -10.79 -14.63 -18.56
CA VAL D 177 -11.06 -13.28 -18.06
C VAL D 177 -11.89 -13.35 -16.78
N LEU D 178 -12.95 -14.16 -16.78
CA LEU D 178 -13.92 -14.16 -15.67
C LEU D 178 -13.76 -15.27 -14.63
N GLY D 179 -13.04 -16.34 -14.97
CA GLY D 179 -12.81 -17.47 -14.06
C GLY D 179 -13.59 -18.73 -14.42
N MET E 2 -38.89 -6.17 -23.74
CA MET E 2 -39.07 -7.45 -24.51
C MET E 2 -38.05 -7.58 -25.65
N GLN E 3 -37.46 -8.76 -25.78
CA GLN E 3 -36.56 -9.07 -26.87
C GLN E 3 -37.30 -8.85 -28.19
N ALA E 4 -36.70 -8.09 -29.11
CA ALA E 4 -37.28 -7.88 -30.43
C ALA E 4 -36.31 -8.38 -31.46
N ILE E 5 -36.83 -8.81 -32.62
CA ILE E 5 -35.99 -9.22 -33.73
C ILE E 5 -36.41 -8.40 -34.93
N LYS E 6 -35.43 -7.99 -35.74
CA LYS E 6 -35.71 -7.29 -36.96
C LYS E 6 -35.28 -8.19 -38.10
N CYS E 7 -36.29 -8.70 -38.81
CA CYS E 7 -36.09 -9.58 -39.95
C CYS E 7 -36.48 -8.84 -41.23
N VAL E 8 -35.55 -8.75 -42.19
CA VAL E 8 -35.80 -8.05 -43.45
C VAL E 8 -35.84 -9.06 -44.61
N VAL E 9 -36.89 -9.01 -45.41
CA VAL E 9 -37.11 -9.99 -46.48
C VAL E 9 -36.88 -9.33 -47.85
N VAL E 10 -35.96 -9.90 -48.64
CA VAL E 10 -35.60 -9.37 -49.96
C VAL E 10 -35.60 -10.44 -51.04
N GLY E 11 -35.76 -10.00 -52.29
CA GLY E 11 -35.72 -10.92 -53.43
C GLY E 11 -36.46 -10.35 -54.64
N ASP E 12 -36.33 -11.04 -55.76
CA ASP E 12 -36.91 -10.61 -57.02
C ASP E 12 -38.41 -10.40 -56.95
N GLY E 13 -38.92 -9.63 -57.89
CA GLY E 13 -40.35 -9.52 -58.05
C GLY E 13 -40.94 -10.88 -58.30
N ALA E 14 -42.20 -11.03 -57.93
CA ALA E 14 -42.97 -12.26 -58.12
C ALA E 14 -42.48 -13.52 -57.40
N VAL E 15 -41.54 -13.44 -56.44
CA VAL E 15 -41.00 -14.67 -55.84
C VAL E 15 -41.83 -15.20 -54.69
N GLY E 16 -42.61 -14.35 -54.02
CA GLY E 16 -43.53 -14.82 -52.96
C GLY E 16 -43.19 -14.40 -51.54
N LYS E 17 -42.47 -13.30 -51.40
CA LYS E 17 -42.07 -12.75 -50.13
C LYS E 17 -43.28 -12.41 -49.25
N THR E 18 -44.22 -11.67 -49.82
CA THR E 18 -45.37 -11.19 -49.09
C THR E 18 -46.28 -12.33 -48.71
N CYS E 19 -46.49 -13.26 -49.63
CA CYS E 19 -47.34 -14.41 -49.35
C CYS E 19 -46.77 -15.22 -48.21
N LEU E 20 -45.46 -15.44 -48.25
CA LEU E 20 -44.75 -16.18 -47.21
C LEU E 20 -44.96 -15.52 -45.84
N LEU E 21 -44.80 -14.20 -45.80
CA LEU E 21 -44.93 -13.44 -44.56
C LEU E 21 -46.36 -13.47 -44.02
N ILE E 22 -47.32 -13.28 -44.91
CA ILE E 22 -48.72 -13.23 -44.54
C ILE E 22 -49.28 -14.61 -44.23
N SER E 23 -48.82 -15.62 -44.97
CA SER E 23 -49.20 -16.97 -44.67
C SER E 23 -48.77 -17.34 -43.26
N TYR E 24 -47.52 -16.99 -42.90
CA TYR E 24 -46.96 -17.30 -41.58
C TYR E 24 -47.66 -16.57 -40.45
N THR E 25 -47.83 -15.26 -40.62
CA THR E 25 -48.35 -14.40 -39.55
C THR E 25 -49.87 -14.49 -39.39
N THR E 26 -50.60 -14.72 -40.47
CA THR E 26 -52.07 -14.74 -40.39
C THR E 26 -52.71 -16.06 -40.79
N ASN E 27 -51.93 -17.02 -41.29
CA ASN E 27 -52.47 -18.25 -41.88
C ASN E 27 -53.45 -18.04 -43.03
N ALA E 28 -53.25 -16.97 -43.79
CA ALA E 28 -54.02 -16.73 -45.01
C ALA E 28 -53.07 -16.62 -46.19
N PHE E 29 -53.43 -17.24 -47.31
CA PHE E 29 -52.73 -17.05 -48.57
C PHE E 29 -53.44 -15.93 -49.32
N PRO E 30 -52.75 -14.82 -49.58
CA PRO E 30 -53.40 -13.73 -50.32
C PRO E 30 -54.02 -14.18 -51.63
N GLY E 31 -55.24 -13.72 -51.90
CA GLY E 31 -55.97 -14.12 -53.10
C GLY E 31 -55.47 -13.44 -54.37
N GLU E 32 -54.93 -12.24 -54.23
CA GLU E 32 -54.51 -11.42 -55.36
C GLU E 32 -53.01 -11.18 -55.30
N TYR E 33 -52.38 -11.18 -56.47
CA TYR E 33 -50.98 -10.76 -56.58
C TYR E 33 -50.91 -9.22 -56.67
N ILE E 34 -50.35 -8.62 -55.62
CA ILE E 34 -50.22 -7.19 -55.48
C ILE E 34 -48.80 -6.84 -55.04
N PRO E 35 -47.94 -6.44 -56.00
CA PRO E 35 -46.57 -6.04 -55.60
C PRO E 35 -46.51 -5.04 -54.44
N THR E 36 -45.44 -5.17 -53.66
CA THR E 36 -45.17 -4.34 -52.48
C THR E 36 -44.36 -3.11 -52.83
N VAL E 37 -44.65 -2.01 -52.16
CA VAL E 37 -43.74 -0.86 -52.10
C VAL E 37 -42.89 -0.93 -50.83
N PHE E 38 -43.54 -0.92 -49.67
CA PHE E 38 -42.93 -1.36 -48.43
C PHE E 38 -43.99 -1.62 -47.38
N ASP E 39 -43.78 -2.66 -46.60
CA ASP E 39 -44.69 -2.96 -45.53
C ASP E 39 -43.94 -3.48 -44.31
N ASN E 40 -44.42 -3.09 -43.13
CA ASN E 40 -43.84 -3.54 -41.88
C ASN E 40 -44.92 -4.21 -41.04
N TYR E 41 -44.67 -5.47 -40.67
CA TYR E 41 -45.59 -6.26 -39.84
C TYR E 41 -44.87 -6.68 -38.56
N SER E 42 -45.65 -6.85 -37.50
CA SER E 42 -45.16 -7.38 -36.22
CA SER E 42 -45.12 -7.43 -36.26
C SER E 42 -45.99 -8.59 -35.80
N ALA E 43 -45.35 -9.53 -35.09
CA ALA E 43 -46.03 -10.65 -34.41
C ALA E 43 -45.27 -11.05 -33.14
N ASN E 44 -46.02 -11.53 -32.15
CA ASN E 44 -45.43 -12.16 -30.97
C ASN E 44 -45.21 -13.65 -31.19
N VAL E 45 -44.09 -14.14 -30.70
CA VAL E 45 -43.79 -15.55 -30.66
C VAL E 45 -43.23 -15.89 -29.29
N MET E 46 -43.53 -17.10 -28.82
CA MET E 46 -43.00 -17.59 -27.56
C MET E 46 -41.79 -18.46 -27.86
N VAL E 47 -40.61 -18.04 -27.40
CA VAL E 47 -39.39 -18.78 -27.65
C VAL E 47 -38.87 -19.35 -26.35
N ASP E 48 -38.94 -20.67 -26.21
CA ASP E 48 -38.51 -21.36 -25.00
C ASP E 48 -39.10 -20.70 -23.75
N GLY E 49 -40.37 -20.33 -23.83
CA GLY E 49 -41.07 -19.80 -22.68
C GLY E 49 -40.96 -18.31 -22.49
N LYS E 50 -40.15 -17.64 -23.31
CA LYS E 50 -40.04 -16.17 -23.27
C LYS E 50 -40.67 -15.50 -24.52
N PRO E 51 -41.38 -14.37 -24.31
CA PRO E 51 -42.01 -13.64 -25.41
C PRO E 51 -41.01 -12.80 -26.21
N VAL E 52 -41.15 -12.85 -27.53
CA VAL E 52 -40.25 -12.15 -28.45
C VAL E 52 -41.11 -11.39 -29.44
N ASN E 53 -40.78 -10.13 -29.71
CA ASN E 53 -41.46 -9.41 -30.78
C ASN E 53 -40.74 -9.53 -32.11
N LEU E 54 -41.44 -10.06 -33.10
CA LEU E 54 -40.86 -10.27 -34.41
C LEU E 54 -41.29 -9.13 -35.34
N GLY E 55 -40.33 -8.33 -35.78
CA GLY E 55 -40.58 -7.28 -36.75
C GLY E 55 -40.27 -7.81 -38.13
N LEU E 56 -41.19 -7.63 -39.05
CA LEU E 56 -41.01 -8.12 -40.40
C LEU E 56 -41.05 -6.96 -41.39
N TRP E 57 -39.94 -6.83 -42.13
CA TRP E 57 -39.75 -5.73 -43.07
C TRP E 57 -39.83 -6.31 -44.48
N ASP E 58 -40.98 -6.09 -45.11
CA ASP E 58 -41.35 -6.73 -46.38
C ASP E 58 -41.00 -5.74 -47.49
N THR E 59 -39.96 -6.04 -48.28
CA THR E 59 -39.44 -5.08 -49.24
C THR E 59 -39.98 -5.32 -50.66
N ALA E 60 -39.73 -4.36 -51.53
CA ALA E 60 -40.14 -4.44 -52.93
C ALA E 60 -39.10 -5.19 -53.79
N GLY E 61 -39.56 -6.17 -54.57
CA GLY E 61 -38.71 -6.80 -55.54
C GLY E 61 -38.57 -6.00 -56.80
N GLN E 62 -39.53 -5.10 -57.08
CA GLN E 62 -39.44 -4.22 -58.28
C GLN E 62 -38.17 -3.36 -58.23
N GLU E 63 -37.37 -3.37 -59.28
CA GLU E 63 -36.16 -2.55 -59.30
C GLU E 63 -36.44 -1.04 -59.37
N ASP E 64 -37.63 -0.64 -59.78
CA ASP E 64 -38.06 0.77 -59.67
C ASP E 64 -38.01 1.28 -58.23
N TYR E 65 -38.12 0.39 -57.26
CA TYR E 65 -38.04 0.79 -55.84
C TYR E 65 -36.67 0.54 -55.21
N ASP E 66 -35.65 0.38 -56.05
CA ASP E 66 -34.28 0.22 -55.59
C ASP E 66 -33.87 1.28 -54.55
N ARG E 67 -34.27 2.54 -54.75
CA ARG E 67 -33.87 3.63 -53.84
C ARG E 67 -34.51 3.55 -52.46
N LEU E 68 -35.64 2.86 -52.35
CA LEU E 68 -36.31 2.75 -51.09
C LEU E 68 -35.77 1.56 -50.27
N ARG E 69 -35.42 0.47 -50.95
CA ARG E 69 -35.13 -0.79 -50.25
C ARG E 69 -34.12 -0.69 -49.12
N PRO E 70 -32.95 -0.08 -49.37
CA PRO E 70 -31.89 -0.10 -48.37
C PRO E 70 -32.17 0.71 -47.10
N LEU E 71 -33.24 1.52 -47.10
CA LEU E 71 -33.64 2.22 -45.88
C LEU E 71 -34.11 1.25 -44.81
N SER E 72 -34.41 0.00 -45.21
CA SER E 72 -34.78 -1.07 -44.27
CA SER E 72 -34.78 -1.03 -44.25
C SER E 72 -33.56 -1.75 -43.64
N TYR E 73 -32.36 -1.53 -44.21
CA TYR E 73 -31.18 -2.32 -43.83
C TYR E 73 -30.52 -2.01 -42.45
N PRO E 74 -30.38 -0.73 -42.07
CA PRO E 74 -29.70 -0.45 -40.78
C PRO E 74 -30.26 -1.23 -39.58
N GLN E 75 -29.36 -1.88 -38.84
CA GLN E 75 -29.67 -2.64 -37.63
C GLN E 75 -30.58 -3.85 -37.85
N THR E 76 -30.47 -4.48 -39.00
CA THR E 76 -31.19 -5.72 -39.25
C THR E 76 -30.57 -6.80 -38.38
N ASP E 77 -31.42 -7.65 -37.81
CA ASP E 77 -30.91 -8.80 -37.06
C ASP E 77 -30.70 -10.01 -37.98
N VAL E 78 -31.58 -10.19 -38.96
CA VAL E 78 -31.52 -11.36 -39.86
C VAL E 78 -32.22 -11.05 -41.19
N PHE E 79 -31.61 -11.49 -42.31
CA PHE E 79 -32.17 -11.33 -43.65
C PHE E 79 -32.67 -12.66 -44.21
N LEU E 80 -33.79 -12.62 -44.93
CA LEU E 80 -34.20 -13.72 -45.80
C LEU E 80 -34.04 -13.23 -47.21
N ILE E 81 -33.14 -13.86 -47.96
CA ILE E 81 -33.04 -13.63 -49.39
C ILE E 81 -33.86 -14.73 -50.00
N CYS E 82 -34.90 -14.36 -50.74
CA CYS E 82 -35.83 -15.33 -51.33
C CYS E 82 -35.69 -15.44 -52.84
N PHE E 83 -35.90 -16.65 -53.35
CA PHE E 83 -36.03 -16.91 -54.78
C PHE E 83 -37.09 -17.99 -54.96
N SER E 84 -37.74 -17.98 -56.13
CA SER E 84 -38.67 -19.05 -56.51
C SER E 84 -37.95 -20.30 -57.05
N LEU E 85 -38.28 -21.44 -56.46
CA LEU E 85 -37.76 -22.73 -56.93
C LEU E 85 -38.12 -23.06 -58.39
N VAL E 86 -39.08 -22.32 -58.97
CA VAL E 86 -39.46 -22.50 -60.38
C VAL E 86 -39.16 -21.28 -61.28
N SER E 87 -38.28 -20.42 -60.80
CA SER E 87 -37.69 -19.33 -61.58
C SER E 87 -36.15 -19.40 -61.45
N PRO E 88 -35.50 -20.07 -62.39
CA PRO E 88 -34.05 -19.99 -62.47
C PRO E 88 -33.47 -18.57 -62.48
N ALA E 89 -34.16 -17.61 -63.09
CA ALA E 89 -33.66 -16.21 -63.14
C ALA E 89 -33.63 -15.57 -61.76
N SER E 90 -34.66 -15.82 -60.95
CA SER E 90 -34.69 -15.28 -59.58
C SER E 90 -33.52 -15.82 -58.73
N PHE E 91 -33.23 -17.09 -58.94
CA PHE E 91 -32.11 -17.81 -58.33
C PHE E 91 -30.78 -17.20 -58.76
N GLU E 92 -30.61 -16.99 -60.06
CA GLU E 92 -29.41 -16.30 -60.58
C GLU E 92 -29.21 -14.95 -59.88
N ASN E 93 -30.33 -14.27 -59.61
CA ASN E 93 -30.29 -12.93 -59.01
C ASN E 93 -29.89 -12.88 -57.55
N VAL E 94 -30.01 -14.01 -56.84
CA VAL E 94 -29.43 -14.11 -55.50
C VAL E 94 -27.97 -13.74 -55.56
N ARG E 95 -27.27 -14.27 -56.55
CA ARG E 95 -25.85 -14.08 -56.75
C ARG E 95 -25.59 -12.70 -57.36
N ALA E 96 -26.36 -12.34 -58.38
CA ALA E 96 -26.10 -11.12 -59.15
C ALA E 96 -26.55 -9.82 -58.47
N LYS E 97 -27.62 -9.89 -57.68
CA LYS E 97 -28.21 -8.68 -57.10
C LYS E 97 -28.35 -8.71 -55.58
N TRP E 98 -28.94 -9.76 -55.01
CA TRP E 98 -29.36 -9.69 -53.59
C TRP E 98 -28.23 -9.82 -52.61
N TYR E 99 -27.34 -10.80 -52.83
CA TYR E 99 -26.17 -10.97 -51.96
C TYR E 99 -25.26 -9.74 -52.02
N PRO E 100 -24.88 -9.30 -53.24
CA PRO E 100 -24.06 -8.10 -53.22
C PRO E 100 -24.79 -6.92 -52.58
N GLU E 101 -26.07 -6.75 -52.86
CA GLU E 101 -26.79 -5.58 -52.31
C GLU E 101 -26.85 -5.57 -50.77
N VAL E 102 -27.31 -6.69 -50.17
CA VAL E 102 -27.41 -6.80 -48.72
C VAL E 102 -26.02 -6.64 -48.10
N ARG E 103 -25.02 -7.30 -48.71
CA ARG E 103 -23.70 -7.34 -48.12
C ARG E 103 -22.96 -6.00 -48.18
N HIS E 104 -23.27 -5.18 -49.19
CA HIS E 104 -22.80 -3.80 -49.26
C HIS E 104 -23.21 -2.97 -48.05
N HIS E 105 -24.38 -3.28 -47.50
CA HIS E 105 -24.90 -2.50 -46.39
C HIS E 105 -24.65 -3.17 -45.04
N CYS E 106 -24.73 -4.48 -45.04
CA CYS E 106 -24.59 -5.27 -43.83
C CYS E 106 -23.59 -6.40 -44.10
N PRO E 107 -22.30 -6.13 -43.87
CA PRO E 107 -21.24 -7.10 -44.21
C PRO E 107 -21.31 -8.53 -43.63
N HIS E 108 -21.94 -8.74 -42.48
CA HIS E 108 -21.99 -10.09 -41.86
C HIS E 108 -23.30 -10.46 -41.16
N THR E 109 -24.30 -9.60 -41.26
CA THR E 109 -25.59 -9.90 -40.66
C THR E 109 -26.06 -11.25 -41.21
N PRO E 110 -26.55 -12.13 -40.33
CA PRO E 110 -27.00 -13.45 -40.79
C PRO E 110 -28.01 -13.39 -41.94
N ILE E 111 -27.78 -14.22 -42.95
CA ILE E 111 -28.69 -14.40 -44.07
C ILE E 111 -29.18 -15.84 -44.08
N LEU E 112 -30.50 -16.02 -44.18
CA LEU E 112 -31.08 -17.32 -44.58
C LEU E 112 -31.49 -17.25 -46.06
N LEU E 113 -31.14 -18.27 -46.83
CA LEU E 113 -31.56 -18.38 -48.21
C LEU E 113 -32.84 -19.19 -48.26
N VAL E 114 -33.93 -18.56 -48.71
CA VAL E 114 -35.22 -19.21 -48.79
C VAL E 114 -35.64 -19.50 -50.26
N GLY E 115 -35.82 -20.77 -50.58
CA GLY E 115 -36.43 -21.17 -51.85
C GLY E 115 -37.94 -21.29 -51.68
N THR E 116 -38.70 -20.45 -52.41
CA THR E 116 -40.14 -20.39 -52.28
C THR E 116 -40.89 -21.22 -53.35
N LYS E 117 -42.19 -21.37 -53.14
CA LYS E 117 -43.10 -22.09 -54.05
C LYS E 117 -42.68 -23.57 -54.26
N LEU E 118 -42.37 -24.24 -53.15
CA LEU E 118 -42.00 -25.66 -53.16
C LEU E 118 -43.08 -26.51 -53.82
N ASP E 119 -44.34 -26.12 -53.65
CA ASP E 119 -45.47 -26.89 -54.18
C ASP E 119 -45.51 -26.97 -55.70
N LEU E 120 -44.79 -26.07 -56.39
CA LEU E 120 -44.74 -26.06 -57.83
C LEU E 120 -43.58 -26.86 -58.41
N ARG E 121 -42.60 -27.22 -57.58
CA ARG E 121 -41.44 -27.98 -58.08
C ARG E 121 -41.83 -29.34 -58.62
N ASP E 122 -42.84 -29.97 -57.99
CA ASP E 122 -43.37 -31.28 -58.40
C ASP E 122 -44.58 -31.18 -59.34
N ASP E 123 -44.99 -29.95 -59.66
CA ASP E 123 -46.17 -29.71 -60.48
C ASP E 123 -45.86 -30.12 -61.91
N LYS E 124 -46.58 -31.11 -62.42
CA LYS E 124 -46.30 -31.67 -63.73
C LYS E 124 -46.28 -30.60 -64.83
N ASP E 125 -47.22 -29.67 -64.77
CA ASP E 125 -47.34 -28.64 -65.81
C ASP E 125 -46.22 -27.61 -65.74
N THR E 126 -45.86 -27.21 -64.53
CA THR E 126 -44.73 -26.32 -64.31
C THR E 126 -43.43 -26.93 -64.85
N ILE E 127 -43.23 -28.23 -64.61
CA ILE E 127 -42.06 -28.92 -65.09
C ILE E 127 -42.00 -28.89 -66.64
N GLU E 128 -43.15 -29.03 -67.29
CA GLU E 128 -43.22 -29.04 -68.76
C GLU E 128 -42.97 -27.68 -69.37
N ARG E 129 -43.55 -26.65 -68.77
CA ARG E 129 -43.39 -25.28 -69.24
C ARG E 129 -41.95 -24.82 -69.12
N LEU E 130 -41.28 -25.22 -68.04
CA LEU E 130 -39.85 -24.96 -67.88
C LEU E 130 -39.06 -25.74 -68.93
N ARG E 131 -39.40 -27.01 -69.12
CA ARG E 131 -38.69 -27.88 -70.07
C ARG E 131 -38.74 -27.29 -71.48
N ASP E 132 -39.88 -26.71 -71.85
CA ASP E 132 -40.03 -26.04 -73.13
C ASP E 132 -39.02 -24.91 -73.33
N LYS E 133 -38.68 -24.18 -72.26
CA LYS E 133 -37.67 -23.11 -72.32
C LYS E 133 -36.27 -23.63 -72.01
N LYS E 134 -36.08 -24.94 -72.07
CA LYS E 134 -34.83 -25.60 -71.68
C LYS E 134 -34.40 -25.24 -70.23
N LEU E 135 -35.39 -25.08 -69.35
CA LEU E 135 -35.12 -24.83 -67.92
C LEU E 135 -35.63 -25.98 -67.04
N ALA E 136 -35.27 -25.93 -65.77
CA ALA E 136 -35.77 -26.89 -64.79
C ALA E 136 -35.88 -26.19 -63.44
N PRO E 137 -36.74 -26.72 -62.56
CA PRO E 137 -36.76 -26.22 -61.19
C PRO E 137 -35.40 -26.35 -60.50
N ILE E 138 -35.16 -25.47 -59.54
CA ILE E 138 -33.95 -25.47 -58.76
C ILE E 138 -34.06 -26.63 -57.80
N THR E 139 -33.05 -27.49 -57.77
CA THR E 139 -33.07 -28.63 -56.86
C THR E 139 -32.50 -28.25 -55.51
N TYR E 140 -32.71 -29.14 -54.55
CA TYR E 140 -32.20 -28.91 -53.21
C TYR E 140 -30.67 -28.76 -53.13
N PRO E 141 -29.90 -29.68 -53.77
CA PRO E 141 -28.44 -29.52 -53.83
C PRO E 141 -27.96 -28.19 -54.42
N GLN E 142 -28.67 -27.68 -55.42
CA GLN E 142 -28.34 -26.39 -56.04
C GLN E 142 -28.55 -25.26 -55.07
N GLY E 143 -29.69 -25.28 -54.37
CA GLY E 143 -30.00 -24.23 -53.41
C GLY E 143 -28.99 -24.17 -52.29
N LEU E 144 -28.57 -25.34 -51.86
CA LEU E 144 -27.56 -25.49 -50.83
C LEU E 144 -26.19 -24.98 -51.28
N ALA E 145 -25.82 -25.26 -52.53
CA ALA E 145 -24.57 -24.73 -53.09
C ALA E 145 -24.58 -23.20 -53.11
N MET E 146 -25.67 -22.63 -53.61
CA MET E 146 -25.86 -21.20 -53.60
C MET E 146 -25.75 -20.69 -52.16
N ALA E 147 -26.36 -21.41 -51.22
CA ALA E 147 -26.33 -21.02 -49.81
C ALA E 147 -24.91 -20.89 -49.27
N ARG E 148 -24.06 -21.85 -49.60
CA ARG E 148 -22.64 -21.84 -49.22
C ARG E 148 -21.89 -20.69 -49.90
N GLU E 149 -22.20 -20.46 -51.17
CA GLU E 149 -21.55 -19.43 -51.97
C GLU E 149 -21.77 -18.04 -51.38
N ILE E 150 -22.96 -17.79 -50.86
CA ILE E 150 -23.31 -16.48 -50.30
C ILE E 150 -23.13 -16.40 -48.79
N GLY E 151 -22.51 -17.42 -48.19
CA GLY E 151 -22.24 -17.41 -46.75
C GLY E 151 -23.49 -17.34 -45.90
N SER E 152 -24.48 -18.13 -46.28
CA SER E 152 -25.77 -18.19 -45.61
C SER E 152 -25.69 -19.07 -44.35
N VAL E 153 -26.50 -18.72 -43.36
CA VAL E 153 -26.64 -19.53 -42.15
C VAL E 153 -27.28 -20.89 -42.46
N LYS E 154 -28.33 -20.85 -43.28
CA LYS E 154 -29.16 -22.03 -43.56
C LYS E 154 -29.84 -21.84 -44.93
N TYR E 155 -30.01 -22.93 -45.68
CA TYR E 155 -30.85 -22.95 -46.87
C TYR E 155 -32.11 -23.69 -46.51
N LEU E 156 -33.25 -23.06 -46.77
CA LEU E 156 -34.56 -23.59 -46.42
C LEU E 156 -35.51 -23.48 -47.62
N GLU E 157 -36.39 -24.48 -47.73
CA GLU E 157 -37.40 -24.53 -48.80
C GLU E 157 -38.78 -24.57 -48.19
N CYS E 158 -39.71 -23.89 -48.84
CA CYS E 158 -41.06 -23.81 -48.32
C CYS E 158 -42.08 -23.45 -49.38
N SER E 159 -43.35 -23.58 -48.96
CA SER E 159 -44.52 -23.16 -49.71
C SER E 159 -45.38 -22.29 -48.81
N ALA E 160 -45.57 -21.03 -49.19
CA ALA E 160 -46.54 -20.17 -48.50
C ALA E 160 -47.93 -20.81 -48.64
N LEU E 161 -48.17 -21.46 -49.78
CA LEU E 161 -49.50 -21.95 -50.14
C LEU E 161 -49.93 -23.16 -49.29
N THR E 162 -49.07 -24.16 -49.19
CA THR E 162 -49.38 -25.37 -48.41
C THR E 162 -48.86 -25.24 -46.96
N GLN E 163 -47.94 -24.29 -46.74
CA GLN E 163 -47.27 -24.06 -45.44
C GLN E 163 -46.22 -25.14 -45.14
N ARG E 164 -45.94 -25.98 -46.13
CA ARG E 164 -44.89 -26.97 -45.96
C ARG E 164 -43.56 -26.24 -45.79
N GLY E 165 -42.89 -26.49 -44.67
CA GLY E 165 -41.57 -25.91 -44.40
C GLY E 165 -41.59 -24.47 -43.98
N LEU E 166 -42.79 -23.91 -43.79
CA LEU E 166 -42.95 -22.47 -43.61
C LEU E 166 -42.59 -21.99 -42.20
N LYS E 167 -43.14 -22.65 -41.19
CA LYS E 167 -42.82 -22.32 -39.79
C LYS E 167 -41.35 -22.49 -39.53
N THR E 168 -40.75 -23.56 -40.08
CA THR E 168 -39.31 -23.78 -40.01
C THR E 168 -38.49 -22.58 -40.47
N VAL E 169 -38.88 -21.93 -41.56
CA VAL E 169 -38.15 -20.73 -42.03
C VAL E 169 -38.02 -19.73 -40.90
N PHE E 170 -39.15 -19.46 -40.25
CA PHE E 170 -39.20 -18.44 -39.24
C PHE E 170 -38.64 -18.89 -37.89
N ASP E 171 -38.76 -20.18 -37.59
CA ASP E 171 -38.10 -20.76 -36.40
C ASP E 171 -36.59 -20.58 -36.52
N GLU E 172 -36.07 -20.89 -37.71
CA GLU E 172 -34.64 -20.82 -37.97
C GLU E 172 -34.15 -19.37 -37.97
N ALA E 173 -34.95 -18.47 -38.51
CA ALA E 173 -34.63 -17.05 -38.49
C ALA E 173 -34.46 -16.60 -37.05
N ILE E 174 -35.40 -16.99 -36.21
CA ILE E 174 -35.40 -16.62 -34.79
C ILE E 174 -34.15 -17.20 -34.09
N ARG E 175 -33.89 -18.50 -34.28
CA ARG E 175 -32.71 -19.16 -33.71
C ARG E 175 -31.39 -18.56 -34.21
N ALA E 176 -31.41 -18.04 -35.44
CA ALA E 176 -30.23 -17.40 -36.03
C ALA E 176 -29.80 -16.18 -35.21
N VAL E 177 -30.77 -15.50 -34.62
CA VAL E 177 -30.51 -14.29 -33.82
C VAL E 177 -30.36 -14.65 -32.34
N LEU E 178 -31.21 -15.53 -31.82
CA LEU E 178 -31.27 -15.81 -30.39
C LEU E 178 -30.50 -17.05 -29.91
N GLY E 179 -30.05 -17.89 -30.83
CA GLY E 179 -29.33 -19.13 -30.47
C GLY E 179 -30.29 -20.32 -30.35
N SER F 1 -56.59 -4.55 -31.66
CA SER F 1 -57.52 -3.80 -30.80
C SER F 1 -56.85 -2.51 -30.37
N MET F 2 -57.59 -1.68 -29.63
CA MET F 2 -57.08 -0.41 -29.09
C MET F 2 -55.81 -0.59 -28.30
N GLN F 3 -54.96 0.44 -28.34
CA GLN F 3 -53.75 0.46 -27.56
C GLN F 3 -54.17 0.43 -26.09
N ALA F 4 -53.61 -0.54 -25.36
CA ALA F 4 -53.84 -0.68 -23.93
C ALA F 4 -52.49 -0.80 -23.23
N ILE F 5 -52.43 -0.32 -22.00
CA ILE F 5 -51.24 -0.44 -21.17
C ILE F 5 -51.64 -0.98 -19.80
N LYS F 6 -50.99 -2.06 -19.38
CA LYS F 6 -51.12 -2.58 -18.03
C LYS F 6 -50.01 -2.01 -17.14
N CYS F 7 -50.42 -1.29 -16.10
CA CYS F 7 -49.51 -0.65 -15.19
C CYS F 7 -49.71 -1.21 -13.77
N VAL F 8 -48.69 -1.88 -13.24
CA VAL F 8 -48.77 -2.44 -11.87
C VAL F 8 -47.96 -1.57 -10.91
N VAL F 9 -48.59 -1.28 -9.77
CA VAL F 9 -48.04 -0.37 -8.76
C VAL F 9 -47.72 -1.19 -7.51
N VAL F 10 -46.46 -1.14 -7.08
CA VAL F 10 -46.01 -1.90 -5.93
C VAL F 10 -45.16 -1.00 -5.02
N GLY F 11 -44.94 -1.45 -3.79
CA GLY F 11 -44.23 -0.69 -2.78
C GLY F 11 -44.78 -0.99 -1.38
N ASP F 12 -44.05 -0.53 -0.38
CA ASP F 12 -44.36 -0.84 1.01
C ASP F 12 -45.73 -0.35 1.46
N GLY F 13 -46.18 -0.90 2.57
CA GLY F 13 -47.34 -0.35 3.28
C GLY F 13 -47.15 1.14 3.55
N ALA F 14 -48.29 1.83 3.66
CA ALA F 14 -48.42 3.27 3.89
C ALA F 14 -47.65 4.26 2.98
N VAL F 15 -47.20 3.84 1.78
CA VAL F 15 -46.37 4.74 0.96
C VAL F 15 -47.20 5.68 0.08
N GLY F 16 -48.43 5.30 -0.24
CA GLY F 16 -49.38 6.16 -0.95
C GLY F 16 -49.75 5.73 -2.35
N LYS F 17 -49.59 4.42 -2.63
CA LYS F 17 -49.95 3.80 -3.91
C LYS F 17 -51.40 4.03 -4.33
N THR F 18 -52.33 3.79 -3.42
CA THR F 18 -53.74 3.93 -3.76
C THR F 18 -54.14 5.41 -3.98
N CYS F 19 -53.72 6.28 -3.05
CA CYS F 19 -53.95 7.72 -3.19
C CYS F 19 -53.38 8.27 -4.50
N LEU F 20 -52.21 7.80 -4.85
CA LEU F 20 -51.58 8.12 -6.12
C LEU F 20 -52.52 7.78 -7.28
N LEU F 21 -53.06 6.57 -7.27
CA LEU F 21 -53.88 6.11 -8.40
C LEU F 21 -55.22 6.86 -8.48
N ILE F 22 -55.83 7.09 -7.32
CA ILE F 22 -57.14 7.74 -7.23
C ILE F 22 -57.05 9.24 -7.50
N SER F 23 -56.07 9.90 -6.90
CA SER F 23 -55.81 11.30 -7.19
C SER F 23 -55.58 11.54 -8.69
N TYR F 24 -54.82 10.67 -9.34
CA TYR F 24 -54.56 10.80 -10.77
C TYR F 24 -55.85 10.62 -11.56
N THR F 25 -56.54 9.50 -11.35
CA THR F 25 -57.70 9.16 -12.16
C THR F 25 -58.98 9.96 -11.83
N THR F 26 -59.15 10.37 -10.58
CA THR F 26 -60.41 11.01 -10.17
C THR F 26 -60.28 12.47 -9.72
N ASN F 27 -59.07 12.95 -9.54
CA ASN F 27 -58.80 14.27 -8.96
C ASN F 27 -59.34 14.46 -7.55
N ALA F 28 -59.50 13.36 -6.82
CA ALA F 28 -59.97 13.39 -5.45
C ALA F 28 -58.97 12.64 -4.61
N PHE F 29 -58.76 13.08 -3.38
CA PHE F 29 -57.84 12.42 -2.45
C PHE F 29 -58.69 11.65 -1.45
N PRO F 30 -58.47 10.33 -1.33
CA PRO F 30 -59.24 9.50 -0.39
C PRO F 30 -59.20 10.03 1.05
N GLY F 31 -60.36 10.08 1.69
CA GLY F 31 -60.50 10.71 2.99
C GLY F 31 -60.11 9.80 4.14
N GLU F 32 -59.93 8.51 3.86
CA GLU F 32 -59.55 7.54 4.88
C GLU F 32 -58.34 6.80 4.39
N TYR F 33 -57.58 6.26 5.35
CA TYR F 33 -56.49 5.36 5.06
C TYR F 33 -56.96 3.93 5.29
N ILE F 34 -57.21 3.23 4.18
CA ILE F 34 -57.61 1.81 4.17
C ILE F 34 -56.62 0.99 3.32
N PRO F 35 -55.78 0.17 3.97
CA PRO F 35 -54.86 -0.72 3.25
C PRO F 35 -55.54 -1.64 2.18
N THR F 36 -54.83 -1.85 1.08
CA THR F 36 -55.34 -2.55 -0.11
C THR F 36 -55.05 -4.06 -0.01
N VAL F 37 -56.00 -4.88 -0.44
CA VAL F 37 -55.71 -6.29 -0.68
C VAL F 37 -55.39 -6.39 -2.18
N PHE F 38 -56.37 -6.03 -3.00
CA PHE F 38 -56.13 -5.80 -4.42
C PHE F 38 -57.26 -5.02 -5.03
N ASP F 39 -56.91 -4.04 -5.87
CA ASP F 39 -57.90 -3.27 -6.62
C ASP F 39 -57.41 -2.97 -8.03
N ASN F 40 -58.36 -2.93 -8.96
CA ASN F 40 -58.08 -2.67 -10.36
C ASN F 40 -58.94 -1.51 -10.80
N TYR F 41 -58.29 -0.52 -11.44
CA TYR F 41 -58.96 0.64 -12.00
C TYR F 41 -58.69 0.72 -13.50
N SER F 42 -59.62 1.33 -14.22
CA SER F 42 -59.42 1.66 -15.65
C SER F 42 -59.63 3.14 -15.85
N ALA F 43 -58.97 3.68 -16.86
CA ALA F 43 -59.20 5.04 -17.35
C ALA F 43 -58.75 5.09 -18.81
N ASN F 44 -59.28 6.07 -19.55
CA ASN F 44 -58.78 6.34 -20.89
C ASN F 44 -57.96 7.62 -20.91
N VAL F 45 -56.88 7.59 -21.69
CA VAL F 45 -56.05 8.74 -21.96
C VAL F 45 -55.85 8.87 -23.48
N MET F 46 -55.82 10.11 -23.97
CA MET F 46 -55.51 10.38 -25.35
C MET F 46 -54.02 10.62 -25.47
N VAL F 47 -53.34 9.76 -26.23
CA VAL F 47 -51.91 9.89 -26.50
C VAL F 47 -51.67 10.36 -27.92
N ASP F 48 -51.28 11.62 -28.05
CA ASP F 48 -51.18 12.29 -29.36
C ASP F 48 -52.09 11.99 -30.55
N GLY F 49 -53.40 12.12 -30.34
CA GLY F 49 -54.40 11.82 -31.36
C GLY F 49 -55.09 10.47 -31.19
N LYS F 50 -54.47 9.56 -30.44
CA LYS F 50 -54.95 8.18 -30.34
C LYS F 50 -55.41 7.83 -28.93
N PRO F 51 -56.59 7.18 -28.79
CA PRO F 51 -57.06 6.76 -27.48
C PRO F 51 -56.26 5.60 -26.93
N VAL F 52 -56.00 5.62 -25.63
CA VAL F 52 -55.28 4.53 -24.97
C VAL F 52 -56.01 4.13 -23.67
N ASN F 53 -56.35 2.84 -23.57
CA ASN F 53 -56.95 2.31 -22.36
C ASN F 53 -55.87 2.02 -21.32
N LEU F 54 -56.00 2.65 -20.17
CA LEU F 54 -55.06 2.49 -19.08
C LEU F 54 -55.63 1.53 -18.04
N GLY F 55 -54.91 0.42 -17.82
CA GLY F 55 -55.24 -0.55 -16.77
C GLY F 55 -54.29 -0.41 -15.59
N LEU F 56 -54.85 -0.08 -14.42
CA LEU F 56 -54.07 0.20 -13.23
C LEU F 56 -54.37 -0.83 -12.14
N TRP F 57 -53.34 -1.60 -11.81
CA TRP F 57 -53.43 -2.68 -10.86
C TRP F 57 -52.81 -2.24 -9.51
N ASP F 58 -53.65 -2.09 -8.51
CA ASP F 58 -53.26 -1.50 -7.22
C ASP F 58 -53.07 -2.63 -6.21
N THR F 59 -51.80 -2.91 -5.91
CA THR F 59 -51.42 -4.06 -5.08
C THR F 59 -51.23 -3.74 -3.58
N ALA F 60 -51.10 -4.82 -2.80
CA ALA F 60 -51.00 -4.76 -1.34
C ALA F 60 -49.55 -4.61 -0.92
N GLY F 61 -49.25 -3.50 -0.24
CA GLY F 61 -47.99 -3.35 0.49
C GLY F 61 -47.79 -4.24 1.72
N GLN F 62 -48.87 -4.71 2.33
CA GLN F 62 -48.74 -5.61 3.47
C GLN F 62 -48.07 -6.93 3.05
N GLU F 63 -46.98 -7.27 3.75
CA GLU F 63 -46.30 -8.56 3.64
C GLU F 63 -47.24 -9.76 3.66
N ASP F 64 -48.26 -9.69 4.51
CA ASP F 64 -49.20 -10.80 4.71
C ASP F 64 -49.90 -11.21 3.42
N TYR F 65 -49.95 -10.28 2.46
CA TYR F 65 -50.51 -10.55 1.14
C TYR F 65 -49.46 -10.75 0.07
N ASP F 66 -48.23 -11.08 0.48
CA ASP F 66 -47.20 -11.56 -0.45
C ASP F 66 -47.72 -12.60 -1.46
N ARG F 67 -48.55 -13.53 -1.02
CA ARG F 67 -48.95 -14.65 -1.90
C ARG F 67 -49.93 -14.24 -3.00
N LEU F 68 -50.64 -13.13 -2.79
CA LEU F 68 -51.59 -12.64 -3.77
C LEU F 68 -50.89 -11.81 -4.84
N ARG F 69 -49.83 -11.10 -4.46
CA ARG F 69 -49.28 -10.04 -5.32
C ARG F 69 -48.85 -10.48 -6.73
N PRO F 70 -48.10 -11.59 -6.85
CA PRO F 70 -47.62 -12.06 -8.15
C PRO F 70 -48.69 -12.31 -9.20
N LEU F 71 -49.91 -12.64 -8.76
CA LEU F 71 -51.04 -12.85 -9.68
C LEU F 71 -51.33 -11.63 -10.56
N SER F 72 -50.95 -10.44 -10.10
CA SER F 72 -51.10 -9.22 -10.89
CA SER F 72 -51.13 -9.25 -10.93
C SER F 72 -50.02 -9.05 -11.96
N TYR F 73 -48.97 -9.87 -11.94
CA TYR F 73 -47.75 -9.56 -12.73
C TYR F 73 -47.67 -10.03 -14.19
N PRO F 74 -48.22 -11.20 -14.54
CA PRO F 74 -48.14 -11.61 -15.95
C PRO F 74 -48.75 -10.59 -16.92
N GLN F 75 -48.10 -10.44 -18.07
CA GLN F 75 -48.52 -9.50 -19.12
C GLN F 75 -48.50 -8.00 -18.71
N THR F 76 -47.69 -7.65 -17.72
CA THR F 76 -47.50 -6.25 -17.30
C THR F 76 -46.64 -5.48 -18.29
N ASP F 77 -47.01 -4.21 -18.53
CA ASP F 77 -46.28 -3.34 -19.47
C ASP F 77 -45.29 -2.40 -18.77
N VAL F 78 -45.63 -1.97 -17.57
CA VAL F 78 -44.76 -1.10 -16.82
C VAL F 78 -45.07 -1.24 -15.35
N PHE F 79 -44.04 -1.14 -14.53
CA PHE F 79 -44.18 -1.09 -13.07
C PHE F 79 -43.86 0.30 -12.57
N LEU F 80 -44.64 0.73 -11.58
CA LEU F 80 -44.24 1.78 -10.67
C LEU F 80 -43.84 1.09 -9.36
N ILE F 81 -42.56 1.19 -9.01
CA ILE F 81 -42.12 0.85 -7.66
C ILE F 81 -42.10 2.18 -6.89
N CYS F 82 -42.92 2.26 -5.84
CA CYS F 82 -43.11 3.49 -5.05
C CYS F 82 -42.49 3.39 -3.65
N PHE F 83 -42.09 4.53 -3.13
CA PHE F 83 -41.61 4.65 -1.74
C PHE F 83 -41.96 6.05 -1.31
N SER F 84 -42.16 6.23 -0.01
CA SER F 84 -42.45 7.55 0.54
C SER F 84 -41.13 8.26 0.74
N LEU F 85 -41.09 9.54 0.37
CA LEU F 85 -39.89 10.36 0.53
C LEU F 85 -39.70 10.72 2.00
N VAL F 86 -40.69 10.48 2.84
CA VAL F 86 -40.52 10.70 4.29
C VAL F 86 -40.45 9.39 5.10
N SER F 87 -40.25 8.26 4.40
CA SER F 87 -39.93 6.95 5.04
C SER F 87 -38.71 6.26 4.41
N PRO F 88 -37.53 6.46 5.01
CA PRO F 88 -36.33 5.78 4.55
C PRO F 88 -36.39 4.25 4.61
N ALA F 89 -37.21 3.68 5.48
CA ALA F 89 -37.40 2.23 5.51
C ALA F 89 -38.03 1.75 4.20
N SER F 90 -39.01 2.49 3.69
CA SER F 90 -39.70 2.09 2.43
C SER F 90 -38.80 2.23 1.22
N PHE F 91 -37.87 3.19 1.28
CA PHE F 91 -36.87 3.46 0.25
C PHE F 91 -35.86 2.31 0.19
N GLU F 92 -35.35 1.90 1.35
CA GLU F 92 -34.49 0.71 1.47
C GLU F 92 -35.15 -0.53 0.88
N ASN F 93 -36.45 -0.73 1.13
CA ASN F 93 -37.17 -1.91 0.61
C ASN F 93 -37.40 -1.91 -0.90
N VAL F 94 -37.23 -0.76 -1.55
CA VAL F 94 -37.12 -0.74 -3.01
C VAL F 94 -36.07 -1.76 -3.49
N ARG F 95 -34.91 -1.76 -2.85
CA ARG F 95 -33.80 -2.61 -3.28
C ARG F 95 -33.90 -3.97 -2.58
N ALA F 96 -34.28 -3.99 -1.31
CA ALA F 96 -34.39 -5.23 -0.54
C ALA F 96 -35.54 -6.11 -1.03
N LYS F 97 -36.69 -5.51 -1.33
CA LYS F 97 -37.87 -6.30 -1.67
C LYS F 97 -38.39 -6.10 -3.11
N TRP F 98 -38.67 -4.87 -3.49
CA TRP F 98 -39.55 -4.65 -4.62
C TRP F 98 -38.87 -4.91 -5.95
N TYR F 99 -37.65 -4.42 -6.11
CA TYR F 99 -36.91 -4.64 -7.35
C TYR F 99 -36.73 -6.14 -7.58
N PRO F 100 -36.14 -6.86 -6.61
CA PRO F 100 -35.98 -8.31 -6.79
C PRO F 100 -37.30 -9.04 -7.11
N GLU F 101 -38.36 -8.78 -6.34
CA GLU F 101 -39.66 -9.42 -6.58
C GLU F 101 -40.19 -9.20 -8.00
N VAL F 102 -40.29 -7.93 -8.41
CA VAL F 102 -40.74 -7.60 -9.77
C VAL F 102 -39.89 -8.28 -10.83
N ARG F 103 -38.58 -8.17 -10.65
CA ARG F 103 -37.61 -8.61 -11.65
C ARG F 103 -37.51 -10.13 -11.72
N HIS F 104 -37.87 -10.83 -10.64
CA HIS F 104 -37.98 -12.30 -10.66
C HIS F 104 -39.11 -12.75 -11.57
N HIS F 105 -40.25 -12.04 -11.52
CA HIS F 105 -41.43 -12.41 -12.32
C HIS F 105 -41.46 -11.82 -13.73
N CYS F 106 -40.78 -10.69 -13.92
CA CYS F 106 -40.86 -9.88 -15.12
C CYS F 106 -39.47 -9.32 -15.42
N PRO F 107 -38.59 -10.14 -16.01
CA PRO F 107 -37.20 -9.76 -16.19
C PRO F 107 -36.94 -8.50 -17.01
N HIS F 108 -37.80 -8.16 -17.96
CA HIS F 108 -37.49 -7.06 -18.87
C HIS F 108 -38.53 -5.95 -18.94
N THR F 109 -39.48 -5.96 -18.02
CA THR F 109 -40.52 -4.94 -18.01
C THR F 109 -39.96 -3.65 -17.43
N PRO F 110 -40.22 -2.50 -18.08
CA PRO F 110 -39.76 -1.22 -17.53
C PRO F 110 -40.28 -0.87 -16.13
N ILE F 111 -39.36 -0.42 -15.30
CA ILE F 111 -39.64 0.03 -13.95
C ILE F 111 -39.42 1.55 -13.91
N LEU F 112 -40.38 2.26 -13.35
CA LEU F 112 -40.21 3.65 -13.01
C LEU F 112 -40.14 3.64 -11.50
N LEU F 113 -39.15 4.33 -10.93
CA LEU F 113 -39.10 4.49 -9.47
C LEU F 113 -39.80 5.80 -9.09
N VAL F 114 -40.80 5.71 -8.22
CA VAL F 114 -41.61 6.89 -7.87
C VAL F 114 -41.48 7.18 -6.38
N GLY F 115 -41.18 8.44 -6.05
CA GLY F 115 -41.11 8.91 -4.68
C GLY F 115 -42.37 9.70 -4.39
N THR F 116 -43.08 9.31 -3.33
CA THR F 116 -44.43 9.84 -3.02
C THR F 116 -44.38 10.81 -1.85
N LYS F 117 -45.49 11.50 -1.61
CA LYS F 117 -45.59 12.42 -0.47
C LYS F 117 -44.55 13.56 -0.54
N LEU F 118 -44.29 14.04 -1.76
CA LEU F 118 -43.40 15.18 -1.97
C LEU F 118 -43.75 16.39 -1.09
N ASP F 119 -45.04 16.56 -0.79
CA ASP F 119 -45.47 17.69 0.03
C ASP F 119 -44.99 17.63 1.49
N LEU F 120 -44.52 16.46 1.94
CA LEU F 120 -44.03 16.31 3.31
C LEU F 120 -42.52 16.52 3.44
N ARG F 121 -41.79 16.50 2.32
CA ARG F 121 -40.34 16.62 2.38
C ARG F 121 -39.88 17.88 3.11
N ASP F 122 -40.59 18.99 2.94
CA ASP F 122 -40.25 20.25 3.59
C ASP F 122 -41.15 20.57 4.78
N ASP F 123 -41.83 19.56 5.31
CA ASP F 123 -42.75 19.72 6.43
C ASP F 123 -42.00 19.65 7.78
N LYS F 124 -42.00 20.78 8.50
CA LYS F 124 -41.24 20.92 9.74
C LYS F 124 -41.45 19.75 10.68
N ASP F 125 -42.70 19.43 10.95
CA ASP F 125 -43.00 18.40 11.95
C ASP F 125 -42.46 17.06 11.51
N THR F 126 -42.58 16.77 10.19
CA THR F 126 -42.14 15.49 9.67
C THR F 126 -40.61 15.38 9.72
N ILE F 127 -39.93 16.44 9.31
CA ILE F 127 -38.48 16.53 9.42
C ILE F 127 -37.98 16.26 10.86
N GLU F 128 -38.68 16.81 11.85
CA GLU F 128 -38.27 16.69 13.25
C GLU F 128 -38.42 15.26 13.79
N ARG F 129 -39.45 14.56 13.37
CA ARG F 129 -39.66 13.19 13.86
C ARG F 129 -38.63 12.26 13.26
N LEU F 130 -38.32 12.50 11.99
CA LEU F 130 -37.25 11.74 11.32
C LEU F 130 -35.93 12.03 12.03
N ARG F 131 -35.68 13.30 12.30
CA ARG F 131 -34.46 13.73 13.01
C ARG F 131 -34.27 13.04 14.36
N ASP F 132 -35.36 12.92 15.12
CA ASP F 132 -35.34 12.20 16.41
C ASP F 132 -34.88 10.75 16.27
N LYS F 133 -35.10 10.14 15.10
CA LYS F 133 -34.50 8.83 14.79
C LYS F 133 -33.16 8.93 14.00
N LYS F 134 -32.54 10.11 14.00
CA LYS F 134 -31.34 10.38 13.19
C LYS F 134 -31.54 10.10 11.68
N LEU F 135 -32.70 10.49 11.16
CA LEU F 135 -33.07 10.27 9.76
C LEU F 135 -33.54 11.57 9.13
N ALA F 136 -33.67 11.59 7.81
CA ALA F 136 -34.26 12.74 7.11
C ALA F 136 -35.00 12.26 5.88
N PRO F 137 -35.80 13.13 5.25
CA PRO F 137 -36.39 12.72 3.97
C PRO F 137 -35.37 12.34 2.91
N ILE F 138 -35.76 11.46 2.02
CA ILE F 138 -34.96 11.10 0.89
C ILE F 138 -34.85 12.33 -0.02
N THR F 139 -33.63 12.70 -0.36
CA THR F 139 -33.35 13.77 -1.29
C THR F 139 -33.41 13.29 -2.73
N TYR F 140 -33.56 14.24 -3.66
CA TYR F 140 -33.55 13.93 -5.07
C TYR F 140 -32.30 13.15 -5.51
N PRO F 141 -31.07 13.62 -5.15
CA PRO F 141 -29.90 12.82 -5.55
C PRO F 141 -29.91 11.36 -5.03
N GLN F 142 -30.44 11.16 -3.83
CA GLN F 142 -30.53 9.82 -3.24
C GLN F 142 -31.48 8.93 -4.02
N GLY F 143 -32.66 9.46 -4.35
CA GLY F 143 -33.64 8.73 -5.16
C GLY F 143 -33.12 8.39 -6.54
N LEU F 144 -32.52 9.36 -7.20
CA LEU F 144 -31.95 9.14 -8.54
C LEU F 144 -30.87 8.05 -8.54
N ALA F 145 -30.03 8.04 -7.51
CA ALA F 145 -28.99 7.02 -7.35
C ALA F 145 -29.60 5.63 -7.20
N MET F 146 -30.67 5.53 -6.42
CA MET F 146 -31.41 4.29 -6.26
C MET F 146 -32.02 3.87 -7.59
N ALA F 147 -32.59 4.81 -8.34
CA ALA F 147 -33.19 4.51 -9.64
C ALA F 147 -32.16 3.93 -10.59
N ARG F 148 -30.96 4.50 -10.59
CA ARG F 148 -29.88 4.05 -11.46
C ARG F 148 -29.41 2.66 -11.06
N GLU F 149 -29.31 2.40 -9.77
CA GLU F 149 -28.94 1.11 -9.24
C GLU F 149 -29.87 0.00 -9.72
N ILE F 150 -31.17 0.25 -9.68
CA ILE F 150 -32.14 -0.78 -10.09
C ILE F 150 -32.43 -0.78 -11.60
N GLY F 151 -31.87 0.17 -12.33
CA GLY F 151 -32.04 0.24 -13.77
C GLY F 151 -33.41 0.77 -14.14
N SER F 152 -33.94 1.66 -13.31
CA SER F 152 -35.21 2.30 -13.59
C SER F 152 -35.04 3.18 -14.83
N VAL F 153 -36.09 3.25 -15.64
CA VAL F 153 -36.08 4.08 -16.83
C VAL F 153 -36.29 5.56 -16.46
N LYS F 154 -36.80 5.81 -15.26
CA LYS F 154 -37.01 7.18 -14.81
C LYS F 154 -37.20 7.21 -13.31
N TYR F 155 -36.67 8.25 -12.65
CA TYR F 155 -36.99 8.54 -11.24
C TYR F 155 -37.86 9.79 -11.19
N LEU F 156 -38.98 9.71 -10.48
CA LEU F 156 -39.91 10.84 -10.41
C LEU F 156 -40.39 11.06 -8.98
N GLU F 157 -40.65 12.31 -8.63
CA GLU F 157 -41.19 12.64 -7.31
C GLU F 157 -42.57 13.26 -7.50
N CYS F 158 -43.53 12.89 -6.64
CA CYS F 158 -44.87 13.47 -6.69
C CYS F 158 -45.58 13.56 -5.33
N SER F 159 -46.57 14.44 -5.26
CA SER F 159 -47.57 14.40 -4.20
C SER F 159 -48.92 14.04 -4.81
N ALA F 160 -49.53 12.99 -4.31
CA ALA F 160 -50.93 12.70 -4.66
C ALA F 160 -51.84 13.77 -4.08
N LEU F 161 -51.46 14.29 -2.91
CA LEU F 161 -52.27 15.30 -2.22
C LEU F 161 -52.35 16.60 -3.01
N THR F 162 -51.22 17.23 -3.31
CA THR F 162 -51.22 18.48 -4.09
C THR F 162 -51.30 18.26 -5.60
N GLN F 163 -51.00 17.04 -6.05
CA GLN F 163 -50.92 16.67 -7.48
C GLN F 163 -49.63 17.16 -8.18
N ARG F 164 -48.70 17.72 -7.41
CA ARG F 164 -47.43 18.15 -7.98
C ARG F 164 -46.65 16.97 -8.53
N GLY F 165 -46.28 17.01 -9.80
CA GLY F 165 -45.53 15.91 -10.46
C GLY F 165 -46.33 14.65 -10.75
N LEU F 166 -47.62 14.68 -10.41
CA LEU F 166 -48.48 13.50 -10.43
C LEU F 166 -48.79 13.04 -11.85
N LYS F 167 -49.27 13.94 -12.72
CA LYS F 167 -49.53 13.61 -14.13
C LYS F 167 -48.27 13.13 -14.86
N THR F 168 -47.13 13.76 -14.55
CA THR F 168 -45.87 13.41 -15.17
C THR F 168 -45.49 11.96 -14.90
N VAL F 169 -45.79 11.46 -13.70
CA VAL F 169 -45.56 10.05 -13.38
C VAL F 169 -46.18 9.13 -14.44
N PHE F 170 -47.44 9.36 -14.76
CA PHE F 170 -48.19 8.49 -15.65
C PHE F 170 -47.89 8.79 -17.10
N ASP F 171 -47.68 10.06 -17.42
CA ASP F 171 -47.17 10.47 -18.74
C ASP F 171 -45.87 9.70 -19.05
N GLU F 172 -44.94 9.66 -18.09
CA GLU F 172 -43.67 8.94 -18.28
C GLU F 172 -43.86 7.42 -18.37
N ALA F 173 -44.74 6.88 -17.54
CA ALA F 173 -45.10 5.46 -17.59
C ALA F 173 -45.63 5.07 -18.97
N ILE F 174 -46.53 5.88 -19.54
CA ILE F 174 -47.09 5.62 -20.87
C ILE F 174 -45.96 5.69 -21.91
N ARG F 175 -45.18 6.76 -21.83
CA ARG F 175 -44.04 6.98 -22.71
C ARG F 175 -43.02 5.83 -22.66
N ALA F 176 -42.80 5.26 -21.48
CA ALA F 176 -41.92 4.10 -21.33
C ALA F 176 -42.41 2.87 -22.12
N VAL F 177 -43.72 2.80 -22.34
CA VAL F 177 -44.34 1.70 -23.10
C VAL F 177 -44.50 2.02 -24.58
N LEU F 178 -45.05 3.19 -24.88
CA LEU F 178 -45.40 3.58 -26.25
C LEU F 178 -44.32 4.42 -26.93
N GLY F 179 -43.44 5.05 -26.15
CA GLY F 179 -42.35 5.83 -26.69
C GLY F 179 -42.77 7.24 -27.08
N GLN G 3 -14.80 11.99 37.81
CA GLN G 3 -14.02 12.48 36.61
C GLN G 3 -12.55 12.26 36.88
N ALA G 4 -11.99 11.24 36.23
CA ALA G 4 -10.65 10.76 36.55
C ALA G 4 -9.77 10.94 35.34
N ILE G 5 -8.47 11.15 35.57
CA ILE G 5 -7.51 11.17 34.48
C ILE G 5 -6.38 10.21 34.79
N LYS G 6 -6.10 9.27 33.89
CA LYS G 6 -4.92 8.42 34.01
C LYS G 6 -3.74 8.96 33.19
N CYS G 7 -2.74 9.46 33.92
CA CYS G 7 -1.53 10.02 33.35
C CYS G 7 -0.34 9.14 33.72
N VAL G 8 0.34 8.60 32.69
CA VAL G 8 1.49 7.75 32.84
C VAL G 8 2.76 8.50 32.41
N VAL G 9 3.78 8.43 33.27
CA VAL G 9 5.05 9.12 33.05
C VAL G 9 6.18 8.13 32.76
N VAL G 10 6.89 8.33 31.64
CA VAL G 10 7.97 7.43 31.19
C VAL G 10 9.18 8.22 30.69
N GLY G 11 10.34 7.56 30.66
CA GLY G 11 11.64 8.21 30.35
C GLY G 11 12.84 7.48 30.97
N ASP G 12 14.03 7.79 30.46
CA ASP G 12 15.29 7.23 30.93
C ASP G 12 15.46 7.39 32.44
N GLY G 13 16.29 6.54 33.02
CA GLY G 13 16.75 6.71 34.40
C GLY G 13 17.40 8.06 34.55
N ALA G 14 17.36 8.61 35.77
CA ALA G 14 17.99 9.88 36.10
C ALA G 14 17.38 11.15 35.49
N VAL G 15 16.26 11.06 34.76
CA VAL G 15 15.71 12.24 34.07
C VAL G 15 14.88 13.16 34.96
N GLY G 16 14.33 12.63 36.06
CA GLY G 16 13.58 13.45 37.01
C GLY G 16 12.07 13.27 37.00
N LYS G 17 11.59 12.10 36.61
CA LYS G 17 10.17 11.79 36.55
C LYS G 17 9.55 11.92 37.93
N THR G 18 10.14 11.27 38.91
CA THR G 18 9.59 11.23 40.26
C THR G 18 9.65 12.60 40.90
N CYS G 19 10.76 13.30 40.72
CA CYS G 19 10.91 14.63 41.31
C CYS G 19 9.86 15.61 40.75
N LEU G 20 9.59 15.46 39.46
CA LEU G 20 8.58 16.27 38.76
C LEU G 20 7.18 16.05 39.37
N LEU G 21 6.86 14.78 39.56
CA LEU G 21 5.56 14.37 40.09
C LEU G 21 5.38 14.79 41.55
N ILE G 22 6.42 14.63 42.33
CA ILE G 22 6.36 14.95 43.77
C ILE G 22 6.44 16.45 44.01
N SER G 23 7.32 17.13 43.27
CA SER G 23 7.35 18.59 43.31
C SER G 23 5.97 19.21 42.97
N TYR G 24 5.33 18.69 41.93
CA TYR G 24 4.01 19.16 41.55
C TYR G 24 2.94 18.86 42.62
N THR G 25 2.85 17.61 43.06
CA THR G 25 1.76 17.22 43.98
C THR G 25 1.96 17.64 45.45
N THR G 26 3.21 17.76 45.90
CA THR G 26 3.46 18.10 47.31
C THR G 26 4.23 19.39 47.55
N ASN G 27 4.72 20.03 46.49
CA ASN G 27 5.62 21.21 46.62
C ASN G 27 6.86 20.97 47.47
N ALA G 28 7.41 19.77 47.33
CA ALA G 28 8.69 19.44 47.91
C ALA G 28 9.58 18.83 46.82
N PHE G 29 10.86 19.18 46.83
CA PHE G 29 11.85 18.51 45.95
C PHE G 29 12.48 17.43 46.81
N PRO G 30 12.36 16.14 46.41
CA PRO G 30 12.96 15.07 47.22
C PRO G 30 14.45 15.30 47.51
N GLY G 31 14.83 15.02 48.76
CA GLY G 31 16.19 15.18 49.23
C GLY G 31 17.15 14.08 48.81
N GLU G 32 16.63 12.93 48.42
CA GLU G 32 17.44 11.76 48.02
C GLU G 32 17.05 11.31 46.60
N TYR G 33 18.00 10.68 45.92
CA TYR G 33 17.76 10.12 44.59
C TYR G 33 17.57 8.63 44.80
N ILE G 34 16.34 8.17 44.56
CA ILE G 34 15.96 6.76 44.70
C ILE G 34 15.19 6.32 43.46
N PRO G 35 15.83 5.53 42.59
CA PRO G 35 15.10 5.05 41.42
C PRO G 35 13.82 4.32 41.77
N THR G 36 12.87 4.36 40.83
CA THR G 36 11.54 3.80 40.97
C THR G 36 11.47 2.41 40.37
N VAL G 37 10.66 1.56 41.00
CA VAL G 37 10.21 0.31 40.42
C VAL G 37 8.84 0.62 39.84
N PHE G 38 7.92 0.99 40.73
CA PHE G 38 6.65 1.58 40.31
C PHE G 38 5.96 2.24 41.48
N ASP G 39 5.32 3.37 41.21
CA ASP G 39 4.55 4.09 42.22
C ASP G 39 3.34 4.75 41.60
N ASN G 40 2.24 4.79 42.36
CA ASN G 40 1.01 5.39 41.89
C ASN G 40 0.58 6.43 42.90
N TYR G 41 0.43 7.68 42.44
CA TYR G 41 -0.05 8.81 43.25
C TYR G 41 -1.39 9.32 42.72
N SER G 42 -2.14 9.93 43.62
CA SER G 42 -3.41 10.58 43.28
C SER G 42 -3.40 12.01 43.82
N ALA G 43 -4.08 12.89 43.12
CA ALA G 43 -4.31 14.25 43.61
C ALA G 43 -5.62 14.81 43.02
N ASN G 44 -6.28 15.66 43.80
CA ASN G 44 -7.45 16.38 43.33
C ASN G 44 -7.05 17.71 42.73
N VAL G 45 -7.67 18.05 41.60
CA VAL G 45 -7.48 19.32 40.94
C VAL G 45 -8.85 19.83 40.54
N MET G 46 -9.09 21.13 40.72
CA MET G 46 -10.33 21.76 40.27
C MET G 46 -10.11 22.33 38.88
N VAL G 47 -10.93 21.91 37.92
CA VAL G 47 -10.80 22.30 36.52
C VAL G 47 -12.06 23.02 36.08
N ASP G 48 -11.95 24.34 35.89
CA ASP G 48 -13.10 25.19 35.61
C ASP G 48 -14.23 24.90 36.59
N GLY G 49 -13.88 24.84 37.86
CA GLY G 49 -14.85 24.69 38.93
C GLY G 49 -15.39 23.28 39.13
N LYS G 50 -14.91 22.32 38.35
CA LYS G 50 -15.29 20.92 38.52
C LYS G 50 -14.10 20.12 39.08
N PRO G 51 -14.34 19.29 40.11
CA PRO G 51 -13.27 18.49 40.67
C PRO G 51 -12.90 17.36 39.76
N VAL G 52 -11.60 17.15 39.56
CA VAL G 52 -11.07 16.04 38.76
C VAL G 52 -10.05 15.27 39.61
N ASN G 53 -10.08 13.95 39.56
CA ASN G 53 -9.05 13.16 40.22
C ASN G 53 -7.95 12.75 39.27
N LEU G 54 -6.72 13.18 39.58
CA LEU G 54 -5.56 12.92 38.73
C LEU G 54 -4.84 11.69 39.24
N GLY G 55 -4.77 10.65 38.44
CA GLY G 55 -4.05 9.45 38.81
C GLY G 55 -2.73 9.53 38.10
N LEU G 56 -1.63 9.41 38.83
CA LEU G 56 -0.31 9.51 38.26
C LEU G 56 0.44 8.19 38.44
N TRP G 57 0.88 7.63 37.31
CA TRP G 57 1.60 6.38 37.26
C TRP G 57 3.08 6.71 36.98
N ASP G 58 3.88 6.59 38.04
CA ASP G 58 5.30 6.91 38.03
C ASP G 58 6.08 5.62 37.76
N THR G 59 6.63 5.48 36.55
CA THR G 59 7.28 4.25 36.10
C THR G 59 8.80 4.27 36.23
N ALA G 60 9.38 3.09 36.03
CA ALA G 60 10.80 2.88 36.17
C ALA G 60 11.54 3.21 34.88
N GLY G 61 12.54 4.08 34.98
CA GLY G 61 13.43 4.34 33.85
C GLY G 61 14.46 3.25 33.62
N GLN G 62 14.78 2.49 34.68
CA GLN G 62 15.72 1.37 34.57
C GLN G 62 15.17 0.39 33.56
N GLU G 63 15.99 0.07 32.55
CA GLU G 63 15.60 -0.94 31.58
C GLU G 63 15.47 -2.34 32.21
N ASP G 64 16.00 -2.51 33.42
CA ASP G 64 15.81 -3.78 34.14
C ASP G 64 14.34 -4.04 34.47
N TYR G 65 13.53 -2.97 34.52
CA TYR G 65 12.10 -3.10 34.76
C TYR G 65 11.26 -2.95 33.46
N ASP G 66 11.89 -3.25 32.32
CA ASP G 66 11.21 -3.24 31.02
C ASP G 66 9.97 -4.14 31.00
N ARG G 67 9.98 -5.24 31.73
CA ARG G 67 8.84 -6.17 31.73
C ARG G 67 7.67 -5.65 32.58
N LEU G 68 7.94 -4.81 33.57
CA LEU G 68 6.92 -4.29 34.47
C LEU G 68 6.20 -3.08 33.88
N ARG G 69 6.96 -2.25 33.17
CA ARG G 69 6.49 -0.94 32.72
C ARG G 69 5.15 -0.97 31.97
N PRO G 70 5.03 -1.84 30.95
CA PRO G 70 3.81 -1.85 30.14
C PRO G 70 2.53 -2.29 30.81
N LEU G 71 2.61 -2.87 32.02
CA LEU G 71 1.40 -3.15 32.79
C LEU G 71 0.67 -1.86 33.18
N SER G 72 1.38 -0.73 33.10
CA SER G 72 0.80 0.59 33.40
CA SER G 72 0.79 0.58 33.40
C SER G 72 0.00 1.15 32.22
N TYR G 73 0.25 0.64 31.01
CA TYR G 73 -0.25 1.28 29.79
C TYR G 73 -1.74 1.17 29.42
N PRO G 74 -2.37 0.00 29.63
CA PRO G 74 -3.77 -0.10 29.22
C PRO G 74 -4.66 1.00 29.81
N GLN G 75 -5.48 1.60 28.94
CA GLN G 75 -6.47 2.62 29.28
C GLN G 75 -5.86 3.95 29.80
N THR G 76 -4.64 4.26 29.38
CA THR G 76 -4.01 5.53 29.71
C THR G 76 -4.75 6.66 28.95
N ASP G 77 -4.98 7.78 29.64
CA ASP G 77 -5.54 8.98 29.03
C ASP G 77 -4.47 9.87 28.42
N VAL G 78 -3.36 10.04 29.12
CA VAL G 78 -2.27 10.87 28.62
C VAL G 78 -0.89 10.40 29.12
N PHE G 79 0.09 10.44 28.22
CA PHE G 79 1.48 10.12 28.55
C PHE G 79 2.33 11.38 28.61
N LEU G 80 3.22 11.43 29.60
CA LEU G 80 4.38 12.35 29.56
C LEU G 80 5.61 11.50 29.27
N ILE G 81 6.23 11.73 28.10
CA ILE G 81 7.56 11.19 27.81
C ILE G 81 8.56 12.28 28.20
N CYS G 82 9.42 11.97 29.16
CA CYS G 82 10.42 12.89 29.68
C CYS G 82 11.86 12.57 29.25
N PHE G 83 12.63 13.62 29.04
CA PHE G 83 14.09 13.55 28.86
C PHE G 83 14.69 14.77 29.54
N SER G 84 15.96 14.67 29.91
CA SER G 84 16.66 15.75 30.63
C SER G 84 17.23 16.70 29.60
N LEU G 85 16.98 18.00 29.79
CA LEU G 85 17.53 19.01 28.90
C LEU G 85 19.07 19.01 28.90
N VAL G 86 19.68 18.42 29.94
CA VAL G 86 21.15 18.36 30.03
C VAL G 86 21.70 16.93 29.79
N SER G 87 20.89 16.07 29.19
CA SER G 87 21.31 14.74 28.77
C SER G 87 20.88 14.44 27.35
N PRO G 88 21.74 14.81 26.37
CA PRO G 88 21.47 14.43 24.97
C PRO G 88 21.09 12.98 24.75
N ALA G 89 21.71 12.05 25.52
CA ALA G 89 21.44 10.60 25.41
C ALA G 89 20.01 10.27 25.79
N SER G 90 19.47 10.94 26.83
CA SER G 90 18.05 10.75 27.20
C SER G 90 17.12 11.30 26.12
N PHE G 91 17.58 12.36 25.46
CA PHE G 91 16.83 12.99 24.38
C PHE G 91 16.68 12.02 23.23
N GLU G 92 17.81 11.44 22.83
CA GLU G 92 17.81 10.51 21.70
C GLU G 92 16.97 9.29 22.02
N ASN G 93 16.93 8.88 23.28
CA ASN G 93 16.10 7.73 23.69
C ASN G 93 14.58 7.95 23.61
N VAL G 94 14.14 9.19 23.50
CA VAL G 94 12.75 9.48 23.23
C VAL G 94 12.37 8.85 21.90
N ARG G 95 13.22 9.08 20.90
CA ARG G 95 13.06 8.53 19.57
C ARG G 95 13.35 7.03 19.52
N ALA G 96 14.43 6.59 20.15
CA ALA G 96 14.90 5.21 20.02
C ALA G 96 14.10 4.19 20.84
N LYS G 97 13.61 4.62 22.01
CA LYS G 97 12.95 3.72 22.95
C LYS G 97 11.52 4.12 23.30
N TRP G 98 11.33 5.35 23.78
CA TRP G 98 10.09 5.67 24.48
C TRP G 98 8.90 5.88 23.56
N TYR G 99 9.08 6.59 22.44
CA TYR G 99 8.01 6.77 21.46
C TYR G 99 7.61 5.38 20.89
N PRO G 100 8.59 4.59 20.44
CA PRO G 100 8.27 3.23 20.02
C PRO G 100 7.58 2.38 21.08
N GLU G 101 8.02 2.47 22.33
CA GLU G 101 7.45 1.58 23.35
C GLU G 101 5.98 1.95 23.63
N VAL G 102 5.74 3.24 23.83
CA VAL G 102 4.39 3.71 24.11
C VAL G 102 3.44 3.40 22.94
N ARG G 103 3.91 3.66 21.73
CA ARG G 103 3.06 3.53 20.56
C ARG G 103 2.74 2.09 20.19
N HIS G 104 3.60 1.16 20.61
CA HIS G 104 3.33 -0.26 20.41
C HIS G 104 2.10 -0.72 21.19
N HIS G 105 1.89 -0.09 22.35
CA HIS G 105 0.77 -0.40 23.23
C HIS G 105 -0.44 0.53 23.02
N CYS G 106 -0.17 1.80 22.72
CA CYS G 106 -1.19 2.82 22.66
C CYS G 106 -0.94 3.69 21.41
N PRO G 107 -1.44 3.27 20.25
CA PRO G 107 -1.08 3.92 18.99
C PRO G 107 -1.40 5.41 18.81
N HIS G 108 -2.37 5.97 19.55
CA HIS G 108 -2.75 7.40 19.40
C HIS G 108 -3.04 8.20 20.68
N THR G 109 -2.94 7.54 21.84
CA THR G 109 -3.12 8.20 23.11
C THR G 109 -2.22 9.44 23.14
N PRO G 110 -2.77 10.59 23.55
CA PRO G 110 -2.02 11.84 23.68
C PRO G 110 -0.67 11.68 24.37
N ILE G 111 0.38 12.19 23.75
CA ILE G 111 1.71 12.28 24.37
C ILE G 111 2.12 13.73 24.54
N LEU G 112 2.58 14.11 25.73
CA LEU G 112 3.28 15.39 25.90
C LEU G 112 4.77 15.09 26.05
N LEU G 113 5.62 15.81 25.31
CA LEU G 113 7.07 15.68 25.46
C LEU G 113 7.57 16.73 26.43
N VAL G 114 8.15 16.26 27.54
CA VAL G 114 8.59 17.10 28.63
C VAL G 114 10.11 17.10 28.78
N GLY G 115 10.68 18.30 28.69
CA GLY G 115 12.08 18.54 28.94
C GLY G 115 12.24 19.01 30.37
N THR G 116 13.02 18.23 31.13
CA THR G 116 13.20 18.45 32.56
C THR G 116 14.58 19.02 32.88
N LYS G 117 14.75 19.41 34.14
CA LYS G 117 15.98 20.05 34.64
C LYS G 117 16.31 21.34 33.89
N LEU G 118 15.27 22.13 33.62
CA LEU G 118 15.43 23.40 32.95
C LEU G 118 16.45 24.31 33.66
N ASP G 119 16.52 24.18 34.99
CA ASP G 119 17.44 24.98 35.80
C ASP G 119 18.93 24.72 35.49
N LEU G 120 19.26 23.55 34.94
CA LEU G 120 20.65 23.21 34.61
C LEU G 120 21.04 23.59 33.19
N ARG G 121 20.10 24.01 32.36
CA ARG G 121 20.45 24.29 30.96
C ARG G 121 21.36 25.51 30.82
N ASP G 122 21.12 26.50 31.68
CA ASP G 122 21.92 27.71 31.77
C ASP G 122 22.90 27.67 32.95
N ASP G 123 23.19 26.48 33.47
CA ASP G 123 24.18 26.32 34.53
C ASP G 123 25.56 26.20 33.90
N LYS G 124 26.41 27.21 34.16
CA LYS G 124 27.73 27.34 33.57
C LYS G 124 28.54 26.06 33.68
N ASP G 125 28.59 25.50 34.89
CA ASP G 125 29.34 24.26 35.11
C ASP G 125 28.82 23.07 34.29
N THR G 126 27.50 22.93 34.22
CA THR G 126 26.89 21.85 33.41
C THR G 126 27.17 22.06 31.93
N ILE G 127 27.20 23.32 31.50
CA ILE G 127 27.49 23.63 30.11
C ILE G 127 28.92 23.20 29.80
N GLU G 128 29.85 23.53 30.70
CA GLU G 128 31.27 23.21 30.54
C GLU G 128 31.55 21.70 30.56
N ARG G 129 30.98 20.99 31.52
CA ARG G 129 31.13 19.56 31.59
C ARG G 129 30.59 18.82 30.36
N LEU G 130 29.49 19.30 29.79
CA LEU G 130 29.00 18.74 28.52
C LEU G 130 29.94 19.10 27.37
N ARG G 131 30.46 20.33 27.39
CA ARG G 131 31.39 20.80 26.38
C ARG G 131 32.66 19.93 26.37
N ASP G 132 33.11 19.48 27.54
CA ASP G 132 34.26 18.58 27.61
C ASP G 132 34.01 17.27 26.87
N LYS G 133 32.80 16.75 26.97
CA LYS G 133 32.39 15.55 26.25
C LYS G 133 31.87 15.80 24.82
N LYS G 134 32.00 17.02 24.30
CA LYS G 134 31.58 17.31 22.93
C LYS G 134 30.06 17.38 22.75
N LEU G 135 29.34 17.59 23.86
CA LEU G 135 27.87 17.65 23.90
C LEU G 135 27.42 19.06 24.32
N ALA G 136 26.14 19.34 24.16
CA ALA G 136 25.57 20.60 24.62
C ALA G 136 24.16 20.33 25.13
N PRO G 137 23.63 21.21 25.98
CA PRO G 137 22.24 21.00 26.36
C PRO G 137 21.31 21.01 25.14
N ILE G 138 20.13 20.39 25.31
CA ILE G 138 19.07 20.44 24.30
C ILE G 138 18.40 21.81 24.33
N THR G 139 18.26 22.41 23.15
CA THR G 139 17.71 23.74 22.99
C THR G 139 16.21 23.62 22.77
N TYR G 140 15.50 24.72 22.95
CA TYR G 140 14.05 24.70 22.78
C TYR G 140 13.65 24.26 21.37
N PRO G 141 14.28 24.85 20.32
CA PRO G 141 13.95 24.41 18.95
C PRO G 141 14.15 22.92 18.67
N GLN G 142 15.18 22.33 19.27
CA GLN G 142 15.45 20.88 19.08
C GLN G 142 14.40 20.03 19.75
N GLY G 143 14.00 20.44 20.95
CA GLY G 143 12.93 19.78 21.67
C GLY G 143 11.63 19.82 20.86
N LEU G 144 11.33 20.98 20.29
CA LEU G 144 10.11 21.15 19.50
C LEU G 144 10.13 20.27 18.25
N ALA G 145 11.25 20.27 17.53
CA ALA G 145 11.43 19.36 16.40
C ALA G 145 11.21 17.90 16.82
N MET G 146 11.75 17.52 17.98
CA MET G 146 11.54 16.15 18.46
C MET G 146 10.03 15.92 18.75
N ALA G 147 9.38 16.91 19.36
CA ALA G 147 7.94 16.81 19.69
C ALA G 147 7.11 16.48 18.43
N ARG G 148 7.45 17.15 17.33
CA ARG G 148 6.76 16.96 16.06
C ARG G 148 7.00 15.61 15.43
N GLU G 149 8.25 15.18 15.51
CA GLU G 149 8.66 13.89 15.01
C GLU G 149 7.87 12.74 15.63
N ILE G 150 7.53 12.86 16.91
CA ILE G 150 6.84 11.80 17.62
C ILE G 150 5.34 12.03 17.74
N GLY G 151 4.82 13.11 17.13
CA GLY G 151 3.37 13.38 17.13
C GLY G 151 2.81 13.78 18.48
N SER G 152 3.57 14.59 19.18
CA SER G 152 3.23 15.05 20.51
C SER G 152 2.16 16.17 20.43
N VAL G 153 1.31 16.25 21.46
CA VAL G 153 0.38 17.39 21.61
C VAL G 153 1.14 18.72 21.87
N LYS G 154 2.21 18.65 22.63
CA LYS G 154 2.84 19.85 23.15
C LYS G 154 4.24 19.46 23.57
N TYR G 155 5.17 20.39 23.40
CA TYR G 155 6.50 20.28 23.94
C TYR G 155 6.60 21.28 25.06
N LEU G 156 7.00 20.79 26.23
CA LEU G 156 7.03 21.60 27.45
C LEU G 156 8.35 21.37 28.17
N GLU G 157 8.89 22.47 28.70
CA GLU G 157 10.13 22.47 29.48
C GLU G 157 9.83 22.86 30.91
N CYS G 158 10.51 22.22 31.85
CA CYS G 158 10.30 22.55 33.25
C CYS G 158 11.48 22.17 34.13
N SER G 159 11.46 22.69 35.35
CA SER G 159 12.34 22.31 36.42
C SER G 159 11.49 21.92 37.63
N ALA G 160 11.72 20.71 38.14
CA ALA G 160 11.07 20.25 39.37
C ALA G 160 11.60 21.06 40.56
N LEU G 161 12.88 21.42 40.46
CA LEU G 161 13.60 22.15 41.49
C LEU G 161 13.05 23.56 41.72
N THR G 162 13.01 24.37 40.65
CA THR G 162 12.50 25.74 40.76
C THR G 162 10.99 25.85 40.54
N GLN G 163 10.39 24.81 39.95
CA GLN G 163 8.97 24.78 39.58
C GLN G 163 8.61 25.66 38.37
N ARG G 164 9.62 26.23 37.73
CA ARG G 164 9.38 26.89 36.46
C ARG G 164 8.81 25.90 35.46
N GLY G 165 7.64 26.23 34.92
CA GLY G 165 6.99 25.44 33.87
C GLY G 165 6.26 24.23 34.38
N LEU G 166 6.34 23.98 35.69
CA LEU G 166 5.91 22.72 36.26
C LEU G 166 4.39 22.58 36.24
N LYS G 167 3.70 23.59 36.74
CA LYS G 167 2.24 23.56 36.75
C LYS G 167 1.71 23.46 35.31
N THR G 168 2.38 24.13 34.37
CA THR G 168 1.97 24.16 32.98
C THR G 168 2.00 22.74 32.36
N VAL G 169 2.94 21.91 32.79
CA VAL G 169 2.98 20.53 32.30
C VAL G 169 1.67 19.78 32.63
N PHE G 170 1.22 19.88 33.87
CA PHE G 170 0.03 19.18 34.31
C PHE G 170 -1.28 19.85 33.89
N ASP G 171 -1.27 21.18 33.80
CA ASP G 171 -2.39 21.90 33.22
C ASP G 171 -2.61 21.50 31.76
N GLU G 172 -1.54 21.36 30.99
CA GLU G 172 -1.64 20.89 29.59
C GLU G 172 -2.03 19.40 29.49
N ALA G 173 -1.47 18.56 30.36
CA ALA G 173 -1.84 17.16 30.45
C ALA G 173 -3.34 17.05 30.65
N ILE G 174 -3.85 17.79 31.63
CA ILE G 174 -5.28 17.80 31.92
C ILE G 174 -6.13 18.29 30.71
N ARG G 175 -5.74 19.42 30.12
CA ARG G 175 -6.45 19.99 28.96
C ARG G 175 -6.36 19.06 27.75
N ALA G 176 -5.28 18.27 27.67
CA ALA G 176 -5.12 17.28 26.60
C ALA G 176 -6.19 16.19 26.64
N VAL G 177 -6.65 15.86 27.84
CA VAL G 177 -7.70 14.87 28.03
C VAL G 177 -9.08 15.53 28.02
N LEU G 178 -9.23 16.65 28.73
CA LEU G 178 -10.57 17.26 28.92
C LEU G 178 -10.97 18.38 27.97
N GLY G 179 -10.02 18.87 27.17
CA GLY G 179 -10.31 19.91 26.17
C GLY G 179 -10.30 21.33 26.74
N SER H 1 54.34 2.71 61.46
CA SER H 1 52.94 2.98 61.88
C SER H 1 52.14 1.71 61.74
N MET H 2 50.92 1.73 62.27
CA MET H 2 50.10 0.52 62.31
C MET H 2 49.56 0.27 60.91
N GLN H 3 49.44 -0.99 60.52
CA GLN H 3 48.98 -1.32 59.17
C GLN H 3 47.55 -0.85 58.88
N ALA H 4 47.42 -0.16 57.75
CA ALA H 4 46.15 0.34 57.26
C ALA H 4 46.12 0.12 55.76
N ILE H 5 44.99 -0.35 55.26
CA ILE H 5 44.78 -0.55 53.82
C ILE H 5 43.69 0.39 53.34
N LYS H 6 44.02 1.17 52.31
CA LYS H 6 43.03 1.97 51.59
C LYS H 6 42.59 1.27 50.31
N CYS H 7 41.35 0.79 50.31
CA CYS H 7 40.76 0.13 49.17
C CYS H 7 39.67 1.02 48.52
N VAL H 8 39.82 1.33 47.23
CA VAL H 8 38.87 2.19 46.52
C VAL H 8 38.07 1.36 45.51
N VAL H 9 36.74 1.52 45.52
CA VAL H 9 35.85 0.73 44.68
C VAL H 9 35.24 1.58 43.57
N VAL H 10 35.48 1.18 42.32
CA VAL H 10 34.94 1.88 41.16
C VAL H 10 34.20 0.94 40.21
N GLY H 11 33.39 1.52 39.32
CA GLY H 11 32.68 0.78 38.27
C GLY H 11 31.34 1.43 37.95
N ASP H 12 30.69 0.95 36.89
CA ASP H 12 29.43 1.56 36.39
C ASP H 12 28.34 1.67 37.48
N GLY H 13 27.42 2.60 37.25
CA GLY H 13 26.21 2.64 38.07
C GLY H 13 25.43 1.33 38.00
N ALA H 14 24.72 1.05 39.08
CA ALA H 14 23.90 -0.15 39.24
C ALA H 14 24.67 -1.49 39.27
N VAL H 15 26.00 -1.48 39.36
CA VAL H 15 26.74 -2.77 39.30
C VAL H 15 26.76 -3.54 40.64
N GLY H 16 26.59 -2.85 41.77
CA GLY H 16 26.52 -3.48 43.09
C GLY H 16 27.71 -3.19 44.01
N LYS H 17 28.39 -2.06 43.81
CA LYS H 17 29.54 -1.71 44.61
C LYS H 17 29.19 -1.54 46.08
N THR H 18 28.11 -0.82 46.35
CA THR H 18 27.75 -0.54 47.73
C THR H 18 27.27 -1.81 48.44
N CYS H 19 26.39 -2.55 47.78
CA CYS H 19 25.89 -3.80 48.36
C CYS H 19 27.02 -4.76 48.73
N LEU H 20 27.98 -4.91 47.83
CA LEU H 20 29.21 -5.69 48.07
C LEU H 20 29.95 -5.27 49.35
N LEU H 21 30.13 -3.96 49.54
CA LEU H 21 30.83 -3.44 50.71
C LEU H 21 30.03 -3.63 52.02
N ILE H 22 28.73 -3.39 51.98
CA ILE H 22 27.84 -3.53 53.12
C ILE H 22 27.54 -4.99 53.49
N SER H 23 27.40 -5.86 52.50
CA SER H 23 27.26 -7.30 52.76
C SER H 23 28.51 -7.83 53.46
N TYR H 24 29.67 -7.36 53.01
CA TYR H 24 30.94 -7.75 53.57
C TYR H 24 31.15 -7.28 55.00
N THR H 25 30.92 -6.00 55.26
CA THR H 25 31.24 -5.44 56.57
C THR H 25 30.13 -5.61 57.62
N THR H 26 28.90 -5.89 57.20
CA THR H 26 27.77 -5.98 58.14
C THR H 26 26.93 -7.25 58.04
N ASN H 27 27.18 -8.07 57.03
CA ASN H 27 26.36 -9.26 56.73
C ASN H 27 24.90 -8.96 56.38
N ALA H 28 24.59 -7.70 56.12
CA ALA H 28 23.24 -7.31 55.72
C ALA H 28 23.29 -6.84 54.26
N PHE H 29 22.22 -7.13 53.53
CA PHE H 29 22.03 -6.65 52.18
C PHE H 29 21.11 -5.42 52.27
N PRO H 30 21.56 -4.27 51.76
CA PRO H 30 20.72 -3.08 51.71
C PRO H 30 19.33 -3.34 51.13
N GLY H 31 18.32 -2.78 51.80
CA GLY H 31 16.93 -3.03 51.45
C GLY H 31 16.44 -2.19 50.29
N GLU H 32 17.16 -1.10 50.01
CA GLU H 32 16.82 -0.19 48.94
C GLU H 32 18.00 -0.02 47.97
N TYR H 33 17.69 0.48 46.78
CA TYR H 33 18.69 0.82 45.80
C TYR H 33 18.79 2.35 45.78
N ILE H 34 19.89 2.85 46.33
CA ILE H 34 20.15 4.29 46.47
C ILE H 34 21.56 4.53 45.97
N PRO H 35 21.71 5.13 44.76
CA PRO H 35 23.02 5.47 44.23
C PRO H 35 23.87 6.30 45.18
N THR H 36 25.18 6.07 45.11
CA THR H 36 26.17 6.69 45.99
C THR H 36 26.69 7.98 45.35
N VAL H 37 26.97 8.99 46.17
CA VAL H 37 27.73 10.15 45.73
C VAL H 37 29.15 9.86 46.16
N PHE H 38 29.35 9.73 47.47
CA PHE H 38 30.57 9.13 48.00
C PHE H 38 30.31 8.70 49.43
N ASP H 39 30.86 7.56 49.81
CA ASP H 39 30.81 7.12 51.21
C ASP H 39 32.12 6.46 51.60
N ASN H 40 32.52 6.63 52.86
CA ASN H 40 33.71 5.99 53.40
C ASN H 40 33.35 5.14 54.59
N TYR H 41 33.80 3.89 54.58
CA TYR H 41 33.63 2.99 55.72
C TYR H 41 34.97 2.49 56.20
N SER H 42 35.02 2.16 57.48
CA SER H 42 36.18 1.51 58.04
C SER H 42 35.78 0.24 58.76
N ALA H 43 36.69 -0.73 58.75
CA ALA H 43 36.53 -1.97 59.49
C ALA H 43 37.89 -2.43 59.95
N ASN H 44 37.90 -3.26 60.99
CA ASN H 44 39.10 -3.95 61.44
C ASN H 44 39.07 -5.41 61.00
N VAL H 45 40.23 -5.92 60.64
CA VAL H 45 40.41 -7.32 60.32
C VAL H 45 41.69 -7.76 61.02
N MET H 46 41.75 -9.02 61.42
CA MET H 46 42.97 -9.60 61.98
C MET H 46 43.62 -10.42 60.86
N VAL H 47 44.91 -10.19 60.58
CA VAL H 47 45.62 -10.90 59.50
C VAL H 47 46.86 -11.64 60.04
N ASP H 48 46.88 -12.96 59.88
CA ASP H 48 47.90 -13.86 60.47
C ASP H 48 48.28 -13.45 61.89
N GLY H 49 47.28 -13.11 62.68
CA GLY H 49 47.48 -12.69 64.06
C GLY H 49 47.39 -11.19 64.30
N LYS H 50 47.88 -10.39 63.35
CA LYS H 50 48.03 -8.94 63.54
C LYS H 50 46.82 -8.13 63.02
N PRO H 51 46.52 -6.99 63.68
CA PRO H 51 45.41 -6.14 63.28
C PRO H 51 45.72 -5.24 62.09
N VAL H 52 44.74 -5.12 61.20
CA VAL H 52 44.83 -4.26 60.03
C VAL H 52 43.58 -3.39 60.00
N ASN H 53 43.74 -2.09 59.78
CA ASN H 53 42.60 -1.21 59.62
C ASN H 53 42.30 -1.14 58.14
N LEU H 54 41.07 -1.47 57.78
CA LEU H 54 40.66 -1.52 56.41
C LEU H 54 39.77 -0.31 56.18
N GLY H 55 40.17 0.56 55.23
CA GLY H 55 39.38 1.71 54.82
C GLY H 55 38.77 1.48 53.44
N LEU H 56 37.46 1.68 53.32
CA LEU H 56 36.73 1.36 52.09
C LEU H 56 36.07 2.62 51.54
N TRP H 57 36.52 3.00 50.34
CA TRP H 57 36.10 4.24 49.69
C TRP H 57 35.12 3.90 48.59
N ASP H 58 33.86 4.21 48.83
CA ASP H 58 32.75 3.80 47.97
C ASP H 58 32.34 4.96 47.03
N THR H 59 32.62 4.80 45.74
CA THR H 59 32.49 5.88 44.79
C THR H 59 31.25 5.76 43.89
N ALA H 60 30.95 6.88 43.24
CA ALA H 60 29.80 7.01 42.36
C ALA H 60 30.03 6.39 40.99
N GLY H 61 29.17 5.46 40.61
CA GLY H 61 29.13 4.97 39.24
C GLY H 61 28.51 5.99 38.28
N GLN H 62 27.73 6.92 38.82
CA GLN H 62 27.16 7.98 38.00
C GLN H 62 28.24 8.86 37.36
N GLU H 63 28.20 8.86 36.03
CA GLU H 63 29.00 9.72 35.19
C GLU H 63 28.93 11.20 35.57
N ASP H 64 27.75 11.64 36.01
CA ASP H 64 27.57 13.02 36.49
C ASP H 64 28.50 13.40 37.66
N TYR H 65 29.00 12.41 38.40
CA TYR H 65 29.93 12.68 39.50
C TYR H 65 31.39 12.38 39.12
N ASP H 66 31.67 12.35 37.82
CA ASP H 66 33.03 12.18 37.31
C ASP H 66 34.08 13.07 38.01
N ARG H 67 33.72 14.32 38.29
CA ARG H 67 34.65 15.30 38.86
C ARG H 67 35.02 15.06 40.32
N LEU H 68 34.17 14.37 41.05
CA LEU H 68 34.43 14.04 42.47
C LEU H 68 35.25 12.76 42.62
N ARG H 69 35.15 11.83 41.67
CA ARG H 69 35.68 10.49 41.88
C ARG H 69 37.18 10.47 42.15
N PRO H 70 37.98 11.13 41.30
CA PRO H 70 39.42 11.04 41.48
C PRO H 70 39.98 11.61 42.77
N LEU H 71 39.19 12.32 43.57
CA LEU H 71 39.66 12.82 44.87
C LEU H 71 39.91 11.66 45.83
N SER H 72 39.28 10.50 45.58
CA SER H 72 39.52 9.29 46.38
CA SER H 72 39.54 9.32 46.42
C SER H 72 40.84 8.59 46.03
N TYR H 73 41.43 8.92 44.88
CA TYR H 73 42.52 8.10 44.32
C TYR H 73 43.89 8.17 44.97
N PRO H 74 44.33 9.37 45.40
CA PRO H 74 45.67 9.45 46.00
C PRO H 74 45.86 8.55 47.22
N GLN H 75 46.99 7.86 47.21
CA GLN H 75 47.44 7.02 48.31
C GLN H 75 46.62 5.73 48.42
N THR H 76 45.95 5.35 47.34
CA THR H 76 45.19 4.10 47.31
C THR H 76 46.17 2.94 47.32
N ASP H 77 45.84 1.90 48.09
CA ASP H 77 46.65 0.67 48.14
C ASP H 77 46.16 -0.40 47.15
N VAL H 78 44.84 -0.49 46.98
CA VAL H 78 44.25 -1.45 46.05
C VAL H 78 42.92 -0.92 45.51
N PHE H 79 42.70 -1.15 44.21
CA PHE H 79 41.43 -0.87 43.56
C PHE H 79 40.64 -2.14 43.29
N LEU H 80 39.36 -2.09 43.61
CA LEU H 80 38.39 -3.00 42.99
C LEU H 80 37.70 -2.30 41.83
N ILE H 81 37.93 -2.75 40.60
CA ILE H 81 37.09 -2.31 39.47
C ILE H 81 35.97 -3.34 39.26
N CYS H 82 34.72 -2.89 39.36
CA CYS H 82 33.58 -3.81 39.38
C CYS H 82 32.74 -3.72 38.09
N PHE H 83 32.21 -4.85 37.65
CA PHE H 83 31.22 -4.88 36.57
C PHE H 83 30.19 -5.95 36.94
N SER H 84 28.96 -5.80 36.50
CA SER H 84 27.94 -6.82 36.72
C SER H 84 28.05 -7.92 35.66
N LEU H 85 28.06 -9.18 36.12
CA LEU H 85 28.08 -10.32 35.22
C LEU H 85 26.87 -10.36 34.29
N VAL H 86 25.80 -9.66 34.66
CA VAL H 86 24.62 -9.63 33.80
C VAL H 86 24.41 -8.31 33.06
N SER H 87 25.46 -7.46 33.04
CA SER H 87 25.48 -6.24 32.22
C SER H 87 26.74 -6.17 31.34
N PRO H 88 26.66 -6.72 30.12
CA PRO H 88 27.78 -6.57 29.19
C PRO H 88 28.27 -5.12 28.97
N ALA H 89 27.39 -4.14 29.09
CA ALA H 89 27.79 -2.74 28.94
C ALA H 89 28.74 -2.31 30.05
N SER H 90 28.46 -2.76 31.29
CA SER H 90 29.34 -2.48 32.43
C SER H 90 30.72 -3.13 32.23
N PHE H 91 30.73 -4.29 31.60
CA PHE H 91 31.96 -5.02 31.32
C PHE H 91 32.80 -4.21 30.34
N GLU H 92 32.20 -3.84 29.22
CA GLU H 92 32.88 -2.99 28.23
C GLU H 92 33.44 -1.72 28.82
N ASN H 93 32.72 -1.12 29.76
CA ASN H 93 33.17 0.13 30.42
C ASN H 93 34.37 -0.06 31.36
N VAL H 94 34.65 -1.31 31.74
CA VAL H 94 35.91 -1.63 32.42
C VAL H 94 37.10 -1.18 31.54
N ARG H 95 37.02 -1.51 30.26
CA ARG H 95 38.07 -1.21 29.31
C ARG H 95 37.96 0.24 28.86
N ALA H 96 36.73 0.68 28.56
CA ALA H 96 36.48 2.00 27.98
C ALA H 96 36.71 3.13 28.97
N LYS H 97 36.32 2.92 30.23
CA LYS H 97 36.36 4.00 31.21
C LYS H 97 37.25 3.74 32.43
N TRP H 98 36.99 2.65 33.15
CA TRP H 98 37.53 2.50 34.50
C TRP H 98 39.02 2.23 34.55
N TYR H 99 39.50 1.31 33.73
CA TYR H 99 40.94 1.06 33.66
C TYR H 99 41.72 2.33 33.30
N PRO H 100 41.33 3.04 32.23
CA PRO H 100 42.07 4.27 31.92
C PRO H 100 41.95 5.36 32.98
N GLU H 101 40.78 5.52 33.59
CA GLU H 101 40.63 6.56 34.61
C GLU H 101 41.53 6.26 35.82
N VAL H 102 41.47 5.03 36.32
CA VAL H 102 42.29 4.64 37.47
C VAL H 102 43.79 4.79 37.13
N ARG H 103 44.18 4.31 35.96
CA ARG H 103 45.59 4.25 35.61
C ARG H 103 46.18 5.61 35.32
N HIS H 104 45.34 6.57 34.94
CA HIS H 104 45.77 7.96 34.71
C HIS H 104 46.24 8.59 36.01
N HIS H 105 45.56 8.27 37.10
CA HIS H 105 45.91 8.77 38.42
C HIS H 105 46.88 7.88 39.18
N CYS H 106 46.78 6.58 38.97
CA CYS H 106 47.59 5.59 39.69
C CYS H 106 48.15 4.56 38.72
N PRO H 107 49.31 4.86 38.13
CA PRO H 107 49.83 4.01 37.07
C PRO H 107 50.06 2.53 37.38
N HIS H 108 50.29 2.17 38.64
CA HIS H 108 50.63 0.75 38.93
C HIS H 108 50.00 0.15 40.19
N THR H 109 49.14 0.88 40.87
CA THR H 109 48.47 0.39 42.06
C THR H 109 47.67 -0.87 41.73
N PRO H 110 47.76 -1.92 42.58
CA PRO H 110 46.99 -3.15 42.43
C PRO H 110 45.53 -2.90 42.09
N ILE H 111 45.07 -3.62 41.05
CA ILE H 111 43.68 -3.66 40.64
C ILE H 111 43.17 -5.09 40.75
N LEU H 112 42.03 -5.29 41.42
CA LEU H 112 41.32 -6.57 41.29
C LEU H 112 40.07 -6.34 40.45
N LEU H 113 39.86 -7.16 39.43
CA LEU H 113 38.64 -7.09 38.62
C LEU H 113 37.57 -7.97 39.25
N VAL H 114 36.45 -7.37 39.65
CA VAL H 114 35.38 -8.09 40.34
C VAL H 114 34.11 -8.16 39.50
N GLY H 115 33.67 -9.36 39.18
CA GLY H 115 32.40 -9.57 38.51
C GLY H 115 31.33 -9.70 39.57
N THR H 116 30.31 -8.85 39.52
CA THR H 116 29.31 -8.82 40.58
C THR H 116 28.03 -9.55 40.16
N LYS H 117 27.14 -9.81 41.13
CA LYS H 117 25.81 -10.40 40.87
C LYS H 117 25.88 -11.82 40.30
N LEU H 118 26.84 -12.61 40.80
CA LEU H 118 27.01 -13.98 40.33
C LEU H 118 25.70 -14.78 40.42
N ASP H 119 24.89 -14.46 41.42
CA ASP H 119 23.61 -15.15 41.62
C ASP H 119 22.63 -14.98 40.45
N LEU H 120 22.72 -13.86 39.74
CA LEU H 120 21.90 -13.60 38.57
C LEU H 120 22.40 -14.28 37.28
N ARG H 121 23.65 -14.73 37.24
CA ARG H 121 24.13 -15.42 36.03
C ARG H 121 23.49 -16.80 35.87
N ASP H 122 23.01 -17.36 36.98
CA ASP H 122 22.26 -18.62 36.97
C ASP H 122 20.81 -18.36 37.39
N ASP H 123 20.30 -17.21 36.96
CA ASP H 123 18.88 -16.89 37.05
C ASP H 123 18.30 -16.99 35.65
N ASP H 125 15.71 -16.52 34.00
CA ASP H 125 14.87 -15.35 33.71
C ASP H 125 15.72 -14.21 33.19
N THR H 126 16.78 -13.90 33.93
CA THR H 126 17.73 -12.85 33.58
C THR H 126 18.47 -13.20 32.28
N ILE H 127 18.74 -14.49 32.08
CA ILE H 127 19.36 -15.00 30.86
C ILE H 127 18.45 -14.74 29.67
N GLU H 128 17.17 -15.12 29.80
CA GLU H 128 16.16 -14.89 28.76
C GLU H 128 16.01 -13.42 28.41
N ARG H 129 15.96 -12.56 29.42
CA ARG H 129 15.80 -11.11 29.21
C ARG H 129 16.97 -10.44 28.50
N LEU H 130 18.18 -11.01 28.65
CA LEU H 130 19.36 -10.58 27.89
C LEU H 130 19.39 -11.19 26.49
N ARG H 131 18.93 -12.43 26.35
CA ARG H 131 18.77 -13.06 25.02
C ARG H 131 17.96 -12.15 24.11
N ASP H 132 16.81 -11.70 24.60
CA ASP H 132 15.92 -10.78 23.87
C ASP H 132 16.67 -9.58 23.30
N LYS H 133 17.66 -9.06 24.03
CA LYS H 133 18.50 -7.96 23.55
C LYS H 133 19.71 -8.42 22.71
N LYS H 134 19.75 -9.69 22.33
CA LYS H 134 20.89 -10.25 21.59
C LYS H 134 22.16 -10.19 22.46
N LEU H 135 22.00 -10.42 23.76
CA LEU H 135 23.09 -10.32 24.71
C LEU H 135 23.17 -11.59 25.53
N ALA H 136 24.27 -11.72 26.26
CA ALA H 136 24.49 -12.88 27.13
C ALA H 136 25.29 -12.45 28.36
N PRO H 137 25.19 -13.23 29.45
CA PRO H 137 26.02 -12.94 30.60
C PRO H 137 27.52 -13.08 30.30
N ILE H 138 28.35 -12.37 31.06
CA ILE H 138 29.79 -12.50 30.96
C ILE H 138 30.21 -13.82 31.58
N THR H 139 31.00 -14.59 30.84
CA THR H 139 31.57 -15.84 31.29
C THR H 139 32.86 -15.61 32.07
N TYR H 140 33.26 -16.62 32.85
CA TYR H 140 34.49 -16.53 33.63
C TYR H 140 35.73 -16.32 32.75
N PRO H 141 35.85 -17.05 31.61
CA PRO H 141 36.92 -16.81 30.65
C PRO H 141 36.94 -15.38 30.11
N GLN H 142 35.78 -14.80 29.83
CA GLN H 142 35.73 -13.40 29.38
C GLN H 142 36.23 -12.48 30.48
N GLY H 143 35.78 -12.71 31.71
CA GLY H 143 36.29 -11.96 32.85
C GLY H 143 37.79 -12.09 33.00
N LEU H 144 38.30 -13.32 32.96
CA LEU H 144 39.72 -13.54 33.08
C LEU H 144 40.51 -12.81 31.97
N ALA H 145 40.02 -12.92 30.73
CA ALA H 145 40.63 -12.23 29.60
C ALA H 145 40.70 -10.70 29.84
N MET H 146 39.59 -10.10 30.29
CA MET H 146 39.56 -8.67 30.61
C MET H 146 40.54 -8.30 31.73
N ALA H 147 40.63 -9.16 32.74
CA ALA H 147 41.56 -8.96 33.85
C ALA H 147 43.00 -8.88 33.34
N ARG H 148 43.37 -9.79 32.45
CA ARG H 148 44.72 -9.83 31.92
C ARG H 148 45.00 -8.62 31.03
N GLU H 149 43.96 -8.21 30.29
CA GLU H 149 44.04 -7.05 29.43
C GLU H 149 44.34 -5.78 30.21
N ILE H 150 43.75 -5.67 31.40
CA ILE H 150 43.97 -4.47 32.21
C ILE H 150 45.09 -4.63 33.25
N GLY H 151 45.86 -5.73 33.17
CA GLY H 151 46.95 -5.97 34.10
C GLY H 151 46.51 -6.14 35.54
N SER H 152 45.45 -6.91 35.70
CA SER H 152 44.82 -7.18 36.98
C SER H 152 45.70 -8.10 37.83
N VAL H 153 45.61 -7.94 39.16
CA VAL H 153 46.22 -8.87 40.09
C VAL H 153 45.45 -10.18 40.08
N LYS H 154 44.13 -10.07 39.99
CA LYS H 154 43.27 -11.23 40.01
C LYS H 154 41.89 -10.87 39.45
N TYR H 155 41.23 -11.83 38.83
CA TYR H 155 39.81 -11.74 38.47
C TYR H 155 38.99 -12.57 39.47
N LEU H 156 37.94 -11.95 40.02
CA LEU H 156 37.11 -12.64 41.00
C LEU H 156 35.62 -12.43 40.73
N GLU H 157 34.81 -13.45 41.02
CA GLU H 157 33.36 -13.33 40.90
C GLU H 157 32.71 -13.46 42.28
N CYS H 158 31.69 -12.63 42.52
CA CYS H 158 30.92 -12.75 43.77
C CYS H 158 29.46 -12.35 43.61
N SER H 159 28.68 -12.75 44.62
CA SER H 159 27.36 -12.21 44.89
C SER H 159 27.38 -11.59 46.28
N ALA H 160 27.03 -10.30 46.36
CA ALA H 160 26.79 -9.64 47.65
C ALA H 160 25.56 -10.22 48.37
N LEU H 161 24.61 -10.76 47.61
CA LEU H 161 23.34 -11.27 48.12
C LEU H 161 23.48 -12.60 48.84
N THR H 162 24.15 -13.54 48.18
CA THR H 162 24.43 -14.86 48.78
C THR H 162 25.75 -14.89 49.58
N GLN H 163 26.63 -13.93 49.30
CA GLN H 163 27.98 -13.81 49.88
C GLN H 163 28.99 -14.78 49.26
N ARG H 164 28.57 -15.50 48.23
CA ARG H 164 29.47 -16.37 47.54
C ARG H 164 30.59 -15.57 46.92
N GLY H 165 31.83 -15.94 47.23
CA GLY H 165 33.00 -15.25 46.70
C GLY H 165 33.31 -13.92 47.36
N LEU H 166 32.46 -13.47 48.26
CA LEU H 166 32.59 -12.15 48.84
C LEU H 166 33.80 -12.06 49.77
N LYS H 167 33.97 -13.03 50.67
CA LYS H 167 35.13 -13.01 51.54
C LYS H 167 36.42 -13.05 50.74
N THR H 168 36.47 -13.91 49.72
CA THR H 168 37.63 -14.01 48.86
C THR H 168 38.04 -12.68 48.20
N VAL H 169 37.07 -11.89 47.78
CA VAL H 169 37.38 -10.61 47.16
C VAL H 169 38.20 -9.75 48.15
N PHE H 170 37.73 -9.66 49.40
CA PHE H 170 38.42 -8.81 50.36
C PHE H 170 39.70 -9.42 50.92
N ASP H 171 39.72 -10.75 51.06
CA ASP H 171 40.94 -11.48 51.40
C ASP H 171 42.03 -11.26 50.36
N GLU H 172 41.67 -11.35 49.08
CA GLU H 172 42.62 -11.21 47.99
C GLU H 172 43.10 -9.79 47.85
N ALA H 173 42.24 -8.80 48.13
CA ALA H 173 42.64 -7.40 48.12
C ALA H 173 43.65 -7.11 49.23
N ILE H 174 43.43 -7.69 50.41
CA ILE H 174 44.35 -7.57 51.54
C ILE H 174 45.70 -8.21 51.21
N ARG H 175 45.67 -9.41 50.63
CA ARG H 175 46.90 -10.11 50.31
C ARG H 175 47.62 -9.40 49.15
N ALA H 176 46.84 -8.71 48.32
CA ALA H 176 47.37 -7.85 47.25
C ALA H 176 48.30 -6.76 47.76
N VAL H 177 48.00 -6.25 48.96
CA VAL H 177 48.73 -5.18 49.62
C VAL H 177 49.77 -5.75 50.58
N LEU H 178 49.36 -6.68 51.45
CA LEU H 178 50.22 -7.16 52.53
C LEU H 178 51.09 -8.37 52.20
N GLY H 179 50.78 -9.09 51.13
CA GLY H 179 51.53 -10.30 50.79
C GLY H 179 51.08 -11.55 51.52
N GLU I 1 -24.27 25.46 21.43
CA GLU I 1 -22.96 25.47 20.75
C GLU I 1 -22.35 24.07 20.88
N ILE I 2 -21.24 23.86 20.19
CA ILE I 2 -20.60 22.53 20.18
C ILE I 2 -19.21 22.66 20.77
N SER I 3 -18.94 21.91 21.84
CA SER I 3 -17.67 22.00 22.54
C SER I 3 -16.56 21.28 21.78
N ALA I 4 -15.33 21.52 22.21
CA ALA I 4 -14.20 20.70 21.83
C ALA I 4 -14.41 19.26 22.33
N PRO I 5 -13.87 18.27 21.60
CA PRO I 5 -14.01 16.89 22.05
C PRO I 5 -13.19 16.64 23.32
N SER I 6 -13.59 15.62 24.08
CA SER I 6 -12.86 15.21 25.27
C SER I 6 -12.95 13.68 25.47
N ASN I 7 -12.10 13.16 26.36
CA ASN I 7 -12.14 11.76 26.77
C ASN I 7 -12.02 10.79 25.61
N PHE I 8 -11.05 11.08 24.74
CA PHE I 8 -10.68 10.19 23.65
C PHE I 8 -10.53 8.75 24.16
N GLU I 9 -10.97 7.81 23.34
CA GLU I 9 -10.79 6.38 23.59
C GLU I 9 -10.52 5.68 22.29
N HIS I 10 -9.54 4.79 22.27
CA HIS I 10 -9.24 4.02 21.10
C HIS I 10 -9.83 2.62 21.36
N ARG I 11 -11.01 2.38 20.81
CA ARG I 11 -11.79 1.22 21.19
C ARG I 11 -11.35 -0.01 20.44
N VAL I 12 -11.01 0.15 19.17
CA VAL I 12 -10.60 -0.96 18.32
C VAL I 12 -9.35 -0.58 17.53
N HIS I 13 -8.36 -1.47 17.52
CA HIS I 13 -7.17 -1.32 16.69
C HIS I 13 -6.96 -2.63 15.91
N THR I 14 -7.25 -2.59 14.61
CA THR I 14 -7.18 -3.77 13.76
C THR I 14 -5.87 -3.78 12.95
N GLY I 15 -5.31 -4.96 12.82
CA GLY I 15 -4.12 -5.18 11.99
C GLY I 15 -4.31 -6.37 11.05
N PHE I 16 -3.24 -6.71 10.34
CA PHE I 16 -3.27 -7.82 9.42
C PHE I 16 -1.96 -8.54 9.48
N ASP I 17 -2.04 -9.86 9.67
CA ASP I 17 -0.89 -10.75 9.70
C ASP I 17 -0.66 -11.40 8.33
N GLN I 18 0.48 -11.12 7.71
CA GLN I 18 0.76 -11.62 6.37
C GLN I 18 1.07 -13.12 6.36
N HIS I 19 1.65 -13.65 7.44
CA HIS I 19 1.94 -15.08 7.54
C HIS I 19 0.66 -15.93 7.41
N GLU I 20 -0.36 -15.58 8.19
CA GLU I 20 -1.59 -16.39 8.25
C GLU I 20 -2.65 -15.89 7.28
N GLN I 21 -2.46 -14.67 6.77
CA GLN I 21 -3.41 -13.93 5.95
C GLN I 21 -4.71 -13.75 6.72
N LYS I 22 -4.57 -13.28 7.97
CA LYS I 22 -5.71 -13.13 8.88
C LYS I 22 -5.62 -11.78 9.53
N PHE I 23 -6.78 -11.15 9.68
CA PHE I 23 -6.89 -9.92 10.46
C PHE I 23 -6.65 -10.21 11.94
N THR I 24 -6.25 -9.15 12.63
CA THR I 24 -5.93 -9.23 14.04
C THR I 24 -6.69 -8.08 14.71
N GLY I 25 -7.14 -8.28 15.95
CA GLY I 25 -7.91 -7.26 16.67
C GLY I 25 -9.16 -6.76 15.94
N LEU I 26 -9.91 -7.70 15.36
CA LEU I 26 -11.20 -7.38 14.73
C LEU I 26 -12.24 -7.05 15.80
N PRO I 27 -13.12 -6.06 15.50
CA PRO I 27 -14.32 -5.85 16.32
C PRO I 27 -15.00 -7.18 16.49
N ARG I 28 -15.43 -7.46 17.73
CA ARG I 28 -15.97 -8.77 18.10
C ARG I 28 -17.16 -9.18 17.21
N GLN I 29 -17.89 -8.19 16.72
CA GLN I 29 -19.04 -8.43 15.83
C GLN I 29 -18.63 -8.87 14.41
N TRP I 30 -17.40 -8.57 13.99
CA TRP I 30 -16.92 -8.90 12.65
C TRP I 30 -16.26 -10.25 12.55
N GLN I 31 -16.10 -10.93 13.67
CA GLN I 31 -15.36 -12.19 13.68
C GLN I 31 -16.13 -13.33 12.99
N SER I 32 -17.46 -13.24 12.96
CA SER I 32 -18.28 -14.21 12.20
C SER I 32 -18.50 -13.80 10.74
N LEU I 33 -18.08 -12.60 10.38
CA LEU I 33 -18.28 -12.04 9.03
C LEU I 33 -17.01 -12.11 8.15
N ILE I 34 -15.84 -12.18 8.77
CA ILE I 34 -14.57 -12.10 8.06
C ILE I 34 -13.45 -12.79 8.86
N GLU J 1 31.18 -19.63 -3.29
CA GLU J 1 29.75 -19.32 -2.97
C GLU J 1 29.60 -17.91 -2.37
N ILE J 2 28.35 -17.52 -2.18
CA ILE J 2 28.01 -16.28 -1.53
C ILE J 2 27.30 -16.65 -0.25
N SER J 3 27.80 -16.10 0.86
CA SER J 3 27.26 -16.39 2.17
C SER J 3 26.00 -15.59 2.42
N ALA J 4 25.28 -15.93 3.50
CA ALA J 4 24.20 -15.10 4.00
C ALA J 4 24.80 -13.82 4.59
N PRO J 5 24.03 -12.71 4.61
CA PRO J 5 24.55 -11.46 5.17
C PRO J 5 24.76 -11.43 6.69
N SER J 6 25.69 -10.58 7.13
CA SER J 6 25.97 -10.35 8.55
C SER J 6 26.22 -8.86 8.81
N ASN J 7 26.34 -8.49 10.09
CA ASN J 7 26.69 -7.13 10.50
C ASN J 7 25.74 -6.05 9.97
N PHE J 8 24.45 -6.33 10.00
CA PHE J 8 23.46 -5.36 9.58
C PHE J 8 23.62 -4.08 10.37
N GLU J 9 23.62 -2.95 9.66
CA GLU J 9 23.59 -1.65 10.30
C GLU J 9 22.55 -0.80 9.59
N HIS J 10 21.75 -0.09 10.36
CA HIS J 10 20.83 0.90 9.84
C HIS J 10 21.56 2.26 9.92
N ARG J 11 22.18 2.66 8.81
CA ARG J 11 23.07 3.84 8.79
C ARG J 11 22.32 5.17 8.65
N VAL J 12 21.34 5.24 7.74
CA VAL J 12 20.56 6.48 7.58
C VAL J 12 19.06 6.21 7.66
N HIS J 13 18.37 7.10 8.36
CA HIS J 13 16.91 7.09 8.42
C HIS J 13 16.38 8.49 8.22
N THR J 14 15.87 8.76 7.03
CA THR J 14 15.37 10.07 6.66
C THR J 14 13.85 10.11 6.88
N GLY J 15 13.40 11.25 7.38
CA GLY J 15 11.98 11.53 7.55
C GLY J 15 11.58 12.83 6.89
N PHE J 16 10.32 13.22 7.14
CA PHE J 16 9.80 14.49 6.63
C PHE J 16 8.91 15.20 7.64
N ASP J 17 9.20 16.48 7.83
CA ASP J 17 8.42 17.32 8.70
C ASP J 17 7.47 18.21 7.89
N GLN J 18 6.17 18.03 8.09
CA GLN J 18 5.15 18.74 7.35
C GLN J 18 4.98 20.19 7.85
N HIS J 19 5.28 20.43 9.12
CA HIS J 19 5.22 21.76 9.70
C HIS J 19 6.13 22.75 8.93
N GLU J 20 7.39 22.39 8.72
CA GLU J 20 8.37 23.25 8.04
C GLU J 20 8.61 22.80 6.59
N GLN J 21 7.98 21.72 6.18
CA GLN J 21 8.14 21.17 4.80
C GLN J 21 9.60 20.85 4.47
N LYS J 22 10.29 20.24 5.44
CA LYS J 22 11.73 19.92 5.29
C LYS J 22 11.96 18.48 5.63
N PHE J 23 13.00 17.93 4.99
CA PHE J 23 13.46 16.60 5.29
C PHE J 23 14.24 16.64 6.60
N THR J 24 14.24 15.52 7.30
CA THR J 24 14.92 15.38 8.57
C THR J 24 15.78 14.11 8.47
N GLY J 25 16.93 14.11 9.13
CA GLY J 25 17.83 12.98 9.09
C GLY J 25 18.41 12.67 7.71
N LEU J 26 18.69 13.71 6.92
CA LEU J 26 19.31 13.51 5.60
C LEU J 26 20.77 13.11 5.72
N PRO J 27 21.24 12.30 4.77
CA PRO J 27 22.67 12.23 4.60
C PRO J 27 23.26 13.64 4.54
N ARG J 28 24.37 13.84 5.25
CA ARG J 28 25.01 15.16 5.31
C ARG J 28 25.39 15.67 3.91
N GLN J 29 25.77 14.74 3.03
CA GLN J 29 26.00 15.05 1.61
C GLN J 29 24.80 15.77 0.99
N TRP J 30 23.61 15.24 1.24
CA TRP J 30 22.40 15.75 0.62
C TRP J 30 21.95 17.08 1.22
N GLN J 31 22.37 17.34 2.46
CA GLN J 31 21.98 18.58 3.14
C GLN J 31 22.25 19.83 2.28
N SER J 32 23.35 19.82 1.53
CA SER J 32 23.62 20.91 0.58
C SER J 32 22.95 20.72 -0.81
N LEU J 33 22.43 19.53 -1.08
CA LEU J 33 21.70 19.25 -2.34
C LEU J 33 20.19 19.52 -2.26
N ILE J 34 19.62 19.40 -1.06
CA ILE J 34 18.15 19.45 -0.87
C ILE J 34 17.76 19.93 0.54
N GLU J 35 16.62 20.62 0.63
CA GLU J 35 16.03 21.03 1.93
C GLU J 35 14.68 20.33 2.20
N GLU K 1 -22.62 -22.79 -16.47
CA GLU K 1 -22.33 -23.15 -17.89
C GLU K 1 -22.26 -21.87 -18.74
N ILE K 2 -21.75 -22.00 -19.95
CA ILE K 2 -21.64 -20.89 -20.88
C ILE K 2 -22.48 -21.15 -22.13
N SER K 3 -23.43 -20.26 -22.42
CA SER K 3 -24.35 -20.44 -23.53
C SER K 3 -23.75 -20.10 -24.90
N ALA K 4 -24.50 -20.43 -25.93
CA ALA K 4 -24.24 -19.96 -27.28
C ALA K 4 -24.38 -18.42 -27.33
N PRO K 5 -23.64 -17.77 -28.25
CA PRO K 5 -23.84 -16.33 -28.37
C PRO K 5 -25.20 -16.00 -28.99
N SER K 6 -25.70 -14.80 -28.70
CA SER K 6 -26.89 -14.26 -29.32
C SER K 6 -26.71 -12.77 -29.58
N ASN K 7 -27.65 -12.17 -30.31
CA ASN K 7 -27.72 -10.73 -30.49
C ASN K 7 -26.45 -10.11 -31.10
N PHE K 8 -25.94 -10.72 -32.16
CA PHE K 8 -24.82 -10.18 -32.93
C PHE K 8 -25.08 -8.74 -33.35
N GLU K 9 -24.11 -7.87 -33.11
CA GLU K 9 -24.09 -6.51 -33.63
C GLU K 9 -22.75 -6.25 -34.29
N HIS K 10 -22.77 -5.73 -35.51
CA HIS K 10 -21.58 -5.22 -36.16
C HIS K 10 -21.47 -3.72 -35.84
N ARG K 11 -20.60 -3.38 -34.88
CA ARG K 11 -20.52 -2.04 -34.32
C ARG K 11 -19.68 -1.09 -35.16
N VAL K 12 -18.57 -1.60 -35.70
CA VAL K 12 -17.64 -0.78 -36.50
C VAL K 12 -17.24 -1.52 -37.74
N HIS K 13 -17.24 -0.81 -38.86
CA HIS K 13 -16.78 -1.36 -40.13
C HIS K 13 -15.84 -0.38 -40.84
N THR K 14 -14.54 -0.64 -40.70
CA THR K 14 -13.52 0.25 -41.20
C THR K 14 -13.01 -0.22 -42.56
N GLY K 15 -12.81 0.75 -43.44
CA GLY K 15 -12.27 0.55 -44.78
C GLY K 15 -11.17 1.53 -45.09
N PHE K 16 -10.66 1.48 -46.32
CA PHE K 16 -9.59 2.36 -46.73
C PHE K 16 -9.83 2.83 -48.15
N ASP K 17 -9.68 4.12 -48.35
CA ASP K 17 -9.90 4.76 -49.64
C ASP K 17 -8.56 5.08 -50.29
N GLN K 18 -8.25 4.40 -51.39
CA GLN K 18 -6.96 4.61 -52.09
C GLN K 18 -6.87 6.02 -52.70
N HIS K 19 -8.00 6.59 -53.13
CA HIS K 19 -7.97 7.92 -53.75
C HIS K 19 -7.48 9.01 -52.81
N GLU K 20 -7.90 8.97 -51.55
CA GLU K 20 -7.54 10.00 -50.59
C GLU K 20 -6.46 9.54 -49.62
N GLN K 21 -6.13 8.25 -49.68
CA GLN K 21 -5.24 7.60 -48.71
C GLN K 21 -5.73 7.90 -47.30
N LYS K 22 -6.99 7.55 -47.07
CA LYS K 22 -7.67 7.82 -45.81
C LYS K 22 -8.54 6.64 -45.40
N PHE K 23 -8.58 6.36 -44.11
CA PHE K 23 -9.52 5.38 -43.56
C PHE K 23 -10.95 5.88 -43.58
N THR K 24 -11.87 4.93 -43.71
CA THR K 24 -13.29 5.20 -43.68
C THR K 24 -13.91 4.36 -42.57
N GLY K 25 -14.94 4.88 -41.94
CA GLY K 25 -15.64 4.18 -40.89
C GLY K 25 -14.77 3.85 -39.70
N LEU K 26 -13.81 4.73 -39.39
CA LEU K 26 -12.96 4.58 -38.20
C LEU K 26 -13.80 4.76 -36.95
N PRO K 27 -13.52 4.00 -35.88
CA PRO K 27 -14.04 4.39 -34.58
C PRO K 27 -13.73 5.87 -34.30
N ARG K 28 -14.70 6.64 -33.82
CA ARG K 28 -14.52 8.08 -33.55
C ARG K 28 -13.34 8.38 -32.62
N GLN K 29 -13.10 7.49 -31.64
CA GLN K 29 -11.98 7.65 -30.69
C GLN K 29 -10.63 7.62 -31.40
N TRP K 30 -10.59 7.08 -32.61
CA TRP K 30 -9.33 6.86 -33.29
C TRP K 30 -8.98 7.91 -34.29
N GLN K 31 -9.95 8.69 -34.77
CA GLN K 31 -9.63 9.63 -35.88
C GLN K 31 -8.69 10.72 -35.38
N SER K 32 -8.75 10.95 -34.08
CA SER K 32 -7.80 11.82 -33.39
CA SER K 32 -7.79 11.82 -33.39
C SER K 32 -6.38 11.23 -33.34
N LEU K 33 -6.28 9.92 -33.47
CA LEU K 33 -5.01 9.18 -33.26
C LEU K 33 -4.28 8.70 -34.52
N ILE K 34 -4.88 8.89 -35.69
CA ILE K 34 -4.25 8.52 -36.97
C ILE K 34 -2.97 9.33 -37.26
N GLU L 1 -48.86 14.94 -27.39
CA GLU L 1 -49.27 15.28 -25.99
C GLU L 1 -50.14 14.18 -25.38
N ILE L 2 -50.11 14.06 -24.06
CA ILE L 2 -50.97 13.11 -23.35
C ILE L 2 -51.97 13.91 -22.52
N SER L 3 -53.25 13.55 -22.62
CA SER L 3 -54.31 14.27 -21.92
C SER L 3 -54.46 13.78 -20.48
N ALA L 4 -55.23 14.52 -19.67
CA ALA L 4 -55.65 14.02 -18.37
C ALA L 4 -56.55 12.81 -18.58
N PRO L 5 -56.57 11.89 -17.60
CA PRO L 5 -57.38 10.68 -17.71
C PRO L 5 -58.89 10.95 -17.57
N SER L 6 -59.69 10.13 -18.23
CA SER L 6 -61.16 10.23 -18.15
C SER L 6 -61.78 8.85 -17.99
N ASN L 7 -63.10 8.79 -17.83
CA ASN L 7 -63.82 7.52 -17.81
C ASN L 7 -63.26 6.52 -16.79
N PHE L 8 -62.98 7.00 -15.60
CA PHE L 8 -62.52 6.15 -14.50
C PHE L 8 -63.52 5.05 -14.17
N GLU L 9 -63.03 3.82 -14.02
CA GLU L 9 -63.85 2.71 -13.58
C GLU L 9 -63.10 1.89 -12.54
N HIS L 10 -63.79 1.50 -11.49
CA HIS L 10 -63.29 0.60 -10.47
C HIS L 10 -63.83 -0.79 -10.79
N ARG L 11 -62.98 -1.60 -11.40
CA ARG L 11 -63.39 -2.88 -11.98
C ARG L 11 -63.36 -4.03 -10.96
N VAL L 12 -62.35 -4.04 -10.09
CA VAL L 12 -62.16 -5.13 -9.14
C VAL L 12 -61.86 -4.55 -7.76
N HIS L 13 -62.52 -5.09 -6.75
CA HIS L 13 -62.24 -4.79 -5.36
C HIS L 13 -62.19 -6.09 -4.58
N THR L 14 -60.97 -6.52 -4.26
CA THR L 14 -60.75 -7.77 -3.57
C THR L 14 -60.65 -7.51 -2.08
N GLY L 15 -61.13 -8.48 -1.29
CA GLY L 15 -61.06 -8.40 0.16
C GLY L 15 -60.58 -9.72 0.75
N PHE L 16 -60.67 -9.83 2.06
CA PHE L 16 -60.29 -11.08 2.75
C PHE L 16 -61.23 -11.33 3.91
N ASP L 17 -61.66 -12.59 4.04
CA ASP L 17 -62.55 -12.99 5.11
C ASP L 17 -61.77 -13.81 6.13
N GLN L 18 -61.60 -13.25 7.33
CA GLN L 18 -60.86 -13.94 8.38
C GLN L 18 -61.58 -15.19 8.91
N HIS L 19 -62.91 -15.20 8.91
CA HIS L 19 -63.68 -16.36 9.39
C HIS L 19 -63.31 -17.61 8.56
N GLU L 20 -63.41 -17.49 7.23
CA GLU L 20 -63.17 -18.63 6.32
C GLU L 20 -61.71 -18.68 5.85
N GLN L 21 -60.94 -17.62 6.13
CA GLN L 21 -59.55 -17.52 5.68
C GLN L 21 -59.44 -17.57 4.15
N LYS L 22 -60.31 -16.82 3.49
CA LYS L 22 -60.46 -16.84 2.04
C LYS L 22 -60.58 -15.44 1.48
N PHE L 23 -60.00 -15.26 0.30
CA PHE L 23 -60.18 -14.04 -0.45
C PHE L 23 -61.62 -13.88 -0.94
N THR L 24 -62.04 -12.63 -1.09
CA THR L 24 -63.37 -12.28 -1.55
C THR L 24 -63.21 -11.30 -2.70
N GLY L 25 -64.06 -11.44 -3.71
CA GLY L 25 -64.06 -10.54 -4.85
C GLY L 25 -62.82 -10.67 -5.71
N LEU L 26 -62.37 -11.91 -5.89
CA LEU L 26 -61.19 -12.16 -6.72
C LEU L 26 -61.57 -11.93 -8.17
N PRO L 27 -60.63 -11.41 -8.98
CA PRO L 27 -60.83 -11.57 -10.42
C PRO L 27 -61.09 -13.04 -10.73
N ARG L 28 -61.99 -13.32 -11.67
CA ARG L 28 -62.39 -14.71 -11.99
C ARG L 28 -61.21 -15.60 -12.36
N GLN L 29 -60.24 -15.02 -13.09
CA GLN L 29 -59.04 -15.73 -13.50
C GLN L 29 -58.23 -16.26 -12.31
N TRP L 30 -58.22 -15.54 -11.19
CA TRP L 30 -57.44 -15.97 -10.03
C TRP L 30 -58.19 -16.96 -9.14
N GLN L 31 -59.49 -17.09 -9.36
CA GLN L 31 -60.30 -18.02 -8.56
C GLN L 31 -59.81 -19.48 -8.74
N SER L 32 -59.39 -19.82 -9.96
CA SER L 32 -58.73 -21.10 -10.21
C SER L 32 -57.33 -21.19 -9.59
N LEU L 33 -56.63 -20.07 -9.53
CA LEU L 33 -55.21 -20.05 -9.15
C LEU L 33 -54.97 -19.92 -7.64
N ILE L 34 -55.89 -19.26 -6.93
CA ILE L 34 -55.75 -19.05 -5.49
C ILE L 34 -57.11 -19.20 -4.77
N GLU L 35 -57.04 -19.49 -3.47
CA GLU L 35 -58.23 -19.64 -2.60
C GLU L 35 -58.11 -18.74 -1.35
N GLU M 1 -10.36 28.00 35.04
CA GLU M 1 -8.94 27.87 35.47
C GLU M 1 -8.70 26.46 36.02
N ILE M 2 -7.43 26.09 36.15
CA ILE M 2 -7.03 24.82 36.75
C ILE M 2 -6.31 25.12 38.05
N SER M 3 -6.84 24.64 39.17
CA SER M 3 -6.24 24.91 40.49
C SER M 3 -4.94 24.12 40.72
N ALA M 4 -4.28 24.43 41.85
CA ALA M 4 -3.15 23.64 42.33
C ALA M 4 -3.71 22.29 42.75
N PRO M 5 -2.86 21.25 42.74
CA PRO M 5 -3.34 19.97 43.26
C PRO M 5 -3.52 20.02 44.78
N SER M 6 -4.22 19.01 45.29
CA SER M 6 -4.65 18.93 46.68
C SER M 6 -4.73 17.47 47.03
N ASN M 7 -4.74 17.18 48.33
CA ASN M 7 -5.09 15.86 48.84
C ASN M 7 -4.29 14.72 48.25
N PHE M 8 -2.98 14.96 48.11
CA PHE M 8 -2.02 13.94 47.69
C PHE M 8 -2.27 12.58 48.40
N GLU M 9 -2.27 11.51 47.62
CA GLU M 9 -2.30 10.15 48.16
C GLU M 9 -1.24 9.31 47.46
N HIS M 10 -0.52 8.50 48.23
CA HIS M 10 0.38 7.50 47.67
C HIS M 10 -0.35 6.16 47.69
N ARG M 11 -0.88 5.75 46.54
CA ARG M 11 -1.83 4.64 46.50
C ARG M 11 -1.12 3.30 46.39
N VAL M 12 -0.05 3.26 45.59
CA VAL M 12 0.74 2.05 45.37
C VAL M 12 2.23 2.37 45.45
N HIS M 13 2.96 1.54 46.21
CA HIS M 13 4.41 1.58 46.31
C HIS M 13 5.00 0.20 46.07
N THR M 14 5.53 0.01 44.86
CA THR M 14 6.08 -1.27 44.44
C THR M 14 7.59 -1.32 44.63
N GLY M 15 8.07 -2.48 45.06
CA GLY M 15 9.50 -2.72 45.21
C GLY M 15 9.85 -4.07 44.62
N PHE M 16 11.10 -4.49 44.79
CA PHE M 16 11.58 -5.74 44.26
C PHE M 16 12.50 -6.36 45.26
N ASP M 17 12.24 -7.60 45.58
CA ASP M 17 13.01 -8.34 46.55
C ASP M 17 14.04 -9.19 45.82
N GLN M 18 15.32 -8.91 46.00
CA GLN M 18 16.39 -9.66 45.30
C GLN M 18 16.51 -11.11 45.77
N HIS M 19 16.25 -11.35 47.06
CA HIS M 19 16.33 -12.70 47.63
C HIS M 19 15.36 -13.68 46.96
N GLU M 20 14.15 -13.20 46.67
CA GLU M 20 13.12 -14.04 46.07
C GLU M 20 12.98 -13.82 44.58
N GLN M 21 13.54 -12.72 44.07
CA GLN M 21 13.32 -12.28 42.68
C GLN M 21 11.83 -12.03 42.42
N LYS M 22 11.19 -11.35 43.36
CA LYS M 22 9.78 -11.04 43.24
C LYS M 22 9.51 -9.58 43.58
N PHE M 23 8.54 -9.01 42.88
CA PHE M 23 8.01 -7.69 43.20
C PHE M 23 7.25 -7.70 44.51
N THR M 24 7.34 -6.60 45.24
CA THR M 24 6.61 -6.39 46.49
C THR M 24 5.63 -5.23 46.25
N GLY M 25 4.49 -5.25 46.91
CA GLY M 25 3.51 -4.16 46.81
C GLY M 25 2.98 -3.89 45.40
N LEU M 26 2.87 -4.94 44.58
CA LEU M 26 2.27 -4.83 43.26
C LEU M 26 0.81 -4.40 43.40
N PRO M 27 0.29 -3.65 42.40
CA PRO M 27 -1.15 -3.38 42.36
C PRO M 27 -1.88 -4.69 42.31
N ARG M 28 -2.98 -4.80 43.05
CA ARG M 28 -3.72 -6.07 43.15
C ARG M 28 -4.04 -6.61 41.76
N GLN M 29 -4.32 -5.69 40.85
CA GLN M 29 -4.66 -6.04 39.47
C GLN M 29 -3.49 -6.67 38.66
N TRP M 30 -2.25 -6.37 39.04
CA TRP M 30 -1.09 -6.97 38.35
C TRP M 30 -0.66 -8.31 38.93
N GLN M 31 -1.15 -8.63 40.13
CA GLN M 31 -0.71 -9.86 40.81
C GLN M 31 -1.01 -11.11 40.00
N SER M 32 -2.09 -11.06 39.23
CA SER M 32 -2.45 -12.16 38.33
C SER M 32 -1.57 -12.22 37.07
N LEU M 33 -0.74 -11.19 36.86
CA LEU M 33 -0.04 -10.95 35.59
C LEU M 33 1.49 -11.06 35.66
N ILE M 34 2.09 -10.86 36.83
CA ILE M 34 3.55 -10.87 36.95
C ILE M 34 4.04 -11.39 38.31
N GLU N 1 37.88 21.80 -3.02
CA GLU N 1 38.49 21.76 -1.65
C GLU N 1 38.28 20.42 -0.97
N ILE N 2 39.09 20.18 0.05
CA ILE N 2 39.00 19.01 0.93
C ILE N 2 38.71 19.54 2.33
N SER N 3 37.64 19.04 2.94
CA SER N 3 37.26 19.51 4.27
C SER N 3 38.08 18.81 5.34
N ALA N 4 37.91 19.25 6.58
CA ALA N 4 38.49 18.58 7.71
C ALA N 4 37.67 17.31 7.96
N PRO N 5 38.31 16.30 8.57
CA PRO N 5 37.62 15.04 8.80
C PRO N 5 36.52 15.16 9.84
N SER N 6 35.50 14.32 9.72
CA SER N 6 34.43 14.22 10.71
C SER N 6 34.01 12.76 10.89
N ASN N 7 33.06 12.52 11.80
CA ASN N 7 32.55 11.16 12.12
C ASN N 7 33.67 10.19 12.41
N PHE N 8 34.63 10.60 13.23
CA PHE N 8 35.73 9.72 13.59
C PHE N 8 35.20 8.48 14.28
N GLU N 9 35.76 7.33 13.94
CA GLU N 9 35.44 6.08 14.62
C GLU N 9 36.68 5.24 14.80
N HIS N 10 36.80 4.61 15.96
CA HIS N 10 37.88 3.71 16.22
C HIS N 10 37.30 2.32 16.12
N ARG N 11 37.54 1.67 14.97
CA ARG N 11 36.81 0.46 14.58
C ARG N 11 37.49 -0.84 15.02
N VAL N 12 38.81 -0.83 15.05
CA VAL N 12 39.58 -1.97 15.50
C VAL N 12 40.69 -1.49 16.44
N HIS N 13 40.76 -2.13 17.61
CA HIS N 13 41.88 -2.00 18.51
C HIS N 13 42.36 -3.39 18.85
N THR N 14 43.50 -3.76 18.25
CA THR N 14 44.08 -5.07 18.43
C THR N 14 45.14 -5.02 19.52
N GLY N 15 45.23 -6.08 20.30
CA GLY N 15 46.26 -6.20 21.33
C GLY N 15 46.92 -7.56 21.26
N PHE N 16 47.70 -7.89 22.29
CA PHE N 16 48.38 -9.19 22.36
C PHE N 16 48.49 -9.66 23.79
N ASP N 17 48.07 -10.91 23.99
CA ASP N 17 48.08 -11.54 25.30
C ASP N 17 49.26 -12.48 25.40
N GLN N 18 50.18 -12.13 26.29
CA GLN N 18 51.39 -12.90 26.50
C GLN N 18 51.09 -14.24 27.15
N HIS N 19 50.09 -14.28 28.03
CA HIS N 19 49.66 -15.53 28.69
C HIS N 19 49.36 -16.65 27.69
N GLU N 20 48.59 -16.33 26.66
CA GLU N 20 48.16 -17.34 25.68
C GLU N 20 48.85 -17.14 24.33
N GLN N 21 49.76 -16.17 24.25
CA GLN N 21 50.49 -15.88 23.02
C GLN N 21 49.57 -15.74 21.81
N LYS N 22 48.54 -14.91 21.97
CA LYS N 22 47.52 -14.75 20.96
C LYS N 22 47.13 -13.30 20.84
N PHE N 23 46.88 -12.87 19.61
CA PHE N 23 46.29 -11.57 19.34
C PHE N 23 44.88 -11.49 19.90
N THR N 24 44.52 -10.30 20.34
CA THR N 24 43.19 -10.03 20.83
C THR N 24 42.66 -8.89 19.99
N GLY N 25 41.33 -8.82 19.86
CA GLY N 25 40.66 -7.79 19.06
C GLY N 25 41.11 -7.75 17.61
N LEU N 26 41.31 -8.92 16.98
CA LEU N 26 41.70 -8.97 15.57
C LEU N 26 40.56 -8.50 14.67
N PRO N 27 40.89 -7.91 13.51
CA PRO N 27 39.86 -7.80 12.48
C PRO N 27 39.31 -9.20 12.16
N ARG N 28 38.00 -9.33 12.06
CA ARG N 28 37.37 -10.63 11.83
C ARG N 28 37.94 -11.36 10.60
N GLN N 29 38.31 -10.60 9.56
CA GLN N 29 38.92 -11.17 8.34
C GLN N 29 40.27 -11.83 8.62
N TRP N 30 40.99 -11.30 9.61
CA TRP N 30 42.33 -11.77 9.98
C TRP N 30 42.26 -13.00 10.87
N GLN N 31 41.17 -13.10 11.62
CA GLN N 31 40.87 -14.21 12.52
C GLN N 31 41.30 -15.60 11.98
N SER N 32 41.08 -15.82 10.69
CA SER N 32 41.41 -17.10 10.03
C SER N 32 42.82 -17.14 9.39
N LEU N 33 43.49 -15.99 9.31
CA LEU N 33 44.84 -15.90 8.74
C LEU N 33 45.95 -15.91 9.80
N ILE N 34 45.63 -15.47 11.01
CA ILE N 34 46.59 -15.42 12.11
C ILE N 34 45.90 -15.75 13.44
N GLU N 35 46.66 -16.30 14.40
CA GLU N 35 46.20 -16.54 15.77
C GLU N 35 47.11 -15.80 16.78
N GLU O 1 -39.04 -24.76 -27.18
CA GLU O 1 -39.82 -24.80 -28.43
C GLU O 1 -40.25 -23.38 -28.85
N ILE O 2 -40.44 -23.17 -30.13
CA ILE O 2 -40.96 -21.88 -30.62
C ILE O 2 -42.44 -22.01 -30.99
N SER O 3 -43.29 -21.18 -30.40
CA SER O 3 -44.74 -21.21 -30.66
C SER O 3 -45.07 -20.65 -32.06
N ALA O 4 -46.31 -20.85 -32.47
CA ALA O 4 -46.86 -20.20 -33.66
C ALA O 4 -46.97 -18.71 -33.35
N PRO O 5 -46.91 -17.86 -34.39
CA PRO O 5 -47.02 -16.42 -34.12
C PRO O 5 -48.42 -15.99 -33.64
N SER O 6 -48.51 -14.85 -32.95
CA SER O 6 -49.78 -14.28 -32.50
C SER O 6 -49.75 -12.76 -32.58
N ASN O 7 -50.94 -12.17 -32.51
CA ASN O 7 -51.09 -10.73 -32.42
C ASN O 7 -50.44 -9.97 -33.57
N PHE O 8 -50.74 -10.42 -34.80
CA PHE O 8 -50.36 -9.72 -36.01
C PHE O 8 -50.71 -8.24 -35.91
N GLU O 9 -49.76 -7.40 -36.31
CA GLU O 9 -49.98 -5.97 -36.46
C GLU O 9 -49.34 -5.47 -37.74
N HIS O 10 -50.10 -4.73 -38.52
CA HIS O 10 -49.59 -4.13 -39.75
C HIS O 10 -49.21 -2.70 -39.38
N ARG O 11 -47.92 -2.49 -39.19
CA ARG O 11 -47.40 -1.26 -38.57
C ARG O 11 -47.18 -0.13 -39.57
N VAL O 12 -46.65 -0.45 -40.75
CA VAL O 12 -46.44 0.53 -41.81
C VAL O 12 -46.97 -0.03 -43.12
N HIS O 13 -47.68 0.81 -43.86
CA HIS O 13 -48.12 0.48 -45.21
C HIS O 13 -47.75 1.61 -46.17
N THR O 14 -46.67 1.41 -46.92
CA THR O 14 -46.17 2.45 -47.80
C THR O 14 -46.72 2.28 -49.20
N GLY O 15 -47.03 3.42 -49.82
CA GLY O 15 -47.51 3.47 -51.18
C GLY O 15 -46.77 4.55 -51.95
N PHE O 16 -47.20 4.79 -53.18
CA PHE O 16 -46.58 5.79 -54.03
C PHE O 16 -47.64 6.44 -54.90
N ASP O 17 -47.72 7.77 -54.82
CA ASP O 17 -48.72 8.54 -55.54
C ASP O 17 -48.10 9.10 -56.82
N GLN O 18 -48.65 8.70 -57.98
CA GLN O 18 -48.04 9.02 -59.26
C GLN O 18 -48.22 10.51 -59.62
N HIS O 19 -49.35 11.10 -59.24
CA HIS O 19 -49.58 12.51 -59.49
C HIS O 19 -48.52 13.38 -58.81
N GLU O 20 -48.32 13.16 -57.50
CA GLU O 20 -47.34 13.94 -56.73
C GLU O 20 -45.92 13.43 -56.94
N GLN O 21 -45.76 12.17 -57.36
CA GLN O 21 -44.46 11.47 -57.36
C GLN O 21 -43.84 11.55 -55.97
N LYS O 22 -44.61 11.08 -54.99
CA LYS O 22 -44.14 11.03 -53.61
C LYS O 22 -44.62 9.72 -52.98
N PHE O 23 -43.78 9.12 -52.15
CA PHE O 23 -44.21 7.99 -51.33
C PHE O 23 -45.27 8.44 -50.32
N THR O 24 -46.18 7.51 -49.99
CA THR O 24 -47.23 7.72 -49.01
C THR O 24 -47.07 6.73 -47.86
N GLY O 25 -47.44 7.13 -46.65
CA GLY O 25 -47.28 6.27 -45.47
C GLY O 25 -45.87 5.75 -45.23
N LEU O 26 -44.87 6.62 -45.43
CA LEU O 26 -43.50 6.26 -45.09
C LEU O 26 -43.38 6.08 -43.60
N PRO O 27 -42.47 5.19 -43.17
CA PRO O 27 -42.09 5.21 -41.77
C PRO O 27 -41.61 6.60 -41.40
N ARG O 28 -42.01 7.05 -40.21
CA ARG O 28 -41.64 8.37 -39.67
C ARG O 28 -40.16 8.66 -39.85
N GLN O 29 -39.32 7.65 -39.60
CA GLN O 29 -37.87 7.82 -39.63
C GLN O 29 -37.29 7.98 -41.03
N TRP O 30 -38.05 7.59 -42.06
CA TRP O 30 -37.58 7.73 -43.45
C TRP O 30 -38.07 9.02 -44.08
N GLN O 31 -38.94 9.75 -43.39
CA GLN O 31 -39.52 10.95 -43.97
C GLN O 31 -38.45 12.01 -44.22
N SER O 32 -37.44 12.05 -43.36
CA SER O 32 -36.29 12.93 -43.56
C SER O 32 -35.22 12.35 -44.51
N LEU O 33 -35.39 11.11 -44.96
CA LEU O 33 -34.41 10.42 -45.79
C LEU O 33 -34.81 10.28 -47.27
N ILE O 34 -36.11 10.37 -47.56
CA ILE O 34 -36.61 10.13 -48.92
C ILE O 34 -37.90 10.92 -49.18
N GLU P 1 45.71 -17.07 58.44
CA GLU P 1 44.26 -16.78 58.32
C GLU P 1 43.99 -15.27 58.27
N ILE P 2 42.94 -14.89 57.54
CA ILE P 2 42.36 -13.55 57.63
C ILE P 2 40.95 -13.70 58.23
N SER P 3 40.67 -12.93 59.28
CA SER P 3 39.39 -13.02 59.99
C SER P 3 38.31 -12.24 59.26
N ALA P 4 37.08 -12.41 59.74
CA ALA P 4 35.95 -11.61 59.27
C ALA P 4 36.11 -10.20 59.81
N PRO P 5 35.59 -9.19 59.08
CA PRO P 5 35.65 -7.82 59.57
C PRO P 5 34.85 -7.53 60.85
N SER P 6 35.31 -6.55 61.61
CA SER P 6 34.61 -6.06 62.80
C SER P 6 34.82 -4.55 62.96
N ASN P 7 34.18 -3.96 63.97
CA ASN P 7 34.23 -2.51 64.23
C ASN P 7 33.85 -1.65 63.03
N PHE P 8 32.81 -2.07 62.31
CA PHE P 8 32.30 -1.32 61.17
C PHE P 8 31.94 0.10 61.57
N GLU P 9 32.41 1.07 60.80
CA GLU P 9 32.11 2.49 61.03
C GLU P 9 31.82 3.15 59.70
N HIS P 10 30.75 3.94 59.68
CA HIS P 10 30.41 4.72 58.51
C HIS P 10 30.94 6.13 58.75
N ARG P 11 32.13 6.40 58.22
CA ARG P 11 32.86 7.62 58.56
C ARG P 11 32.39 8.86 57.80
N VAL P 12 32.13 8.72 56.49
CA VAL P 12 31.75 9.85 55.65
C VAL P 12 30.54 9.49 54.79
N HIS P 13 29.55 10.38 54.78
CA HIS P 13 28.42 10.21 53.90
C HIS P 13 28.19 11.49 53.15
N THR P 14 28.55 11.47 51.88
CA THR P 14 28.52 12.68 51.09
C THR P 14 27.23 12.68 50.26
N GLY P 15 26.65 13.86 50.11
CA GLY P 15 25.49 14.04 49.27
C GLY P 15 25.68 15.22 48.35
N PHE P 16 24.62 15.57 47.63
CA PHE P 16 24.62 16.69 46.71
C PHE P 16 23.32 17.47 46.85
N ASP P 17 23.46 18.79 46.96
CA ASP P 17 22.34 19.69 47.05
C ASP P 17 22.13 20.37 45.70
N GLN P 18 20.98 20.10 45.11
CA GLN P 18 20.64 20.63 43.81
C GLN P 18 20.31 22.11 43.85
N HIS P 19 19.71 22.56 44.95
CA HIS P 19 19.41 23.98 45.15
C HIS P 19 20.68 24.83 44.99
N GLU P 20 21.76 24.41 45.65
CA GLU P 20 23.01 25.17 45.72
C GLU P 20 24.07 24.71 44.73
N GLN P 21 23.84 23.58 44.08
CA GLN P 21 24.84 22.86 43.28
C GLN P 21 26.11 22.57 44.08
N LYS P 22 25.92 22.12 45.32
CA LYS P 22 27.03 21.91 46.25
C LYS P 22 26.98 20.53 46.91
N PHE P 23 28.15 19.88 46.95
CA PHE P 23 28.32 18.66 47.70
C PHE P 23 28.13 18.96 49.18
N THR P 24 27.51 18.02 49.89
CA THR P 24 27.26 18.13 51.32
C THR P 24 28.02 17.00 52.01
N GLY P 25 28.46 17.25 53.24
CA GLY P 25 29.14 16.24 54.04
C GLY P 25 30.38 15.68 53.37
N LEU P 26 31.16 16.55 52.72
CA LEU P 26 32.43 16.16 52.11
C LEU P 26 33.44 15.77 53.20
N PRO P 27 34.41 14.90 52.85
CA PRO P 27 35.55 14.72 53.73
C PRO P 27 36.28 16.05 53.88
N ARG P 28 36.64 16.43 55.11
CA ARG P 28 37.25 17.74 55.38
C ARG P 28 38.44 18.04 54.46
N GLN P 29 39.23 17.02 54.16
CA GLN P 29 40.35 17.16 53.23
C GLN P 29 39.90 17.68 51.86
N TRP P 30 38.70 17.24 51.44
CA TRP P 30 38.21 17.53 50.10
C TRP P 30 37.58 18.90 49.99
N GLN P 31 37.08 19.44 51.09
CA GLN P 31 36.25 20.64 51.00
C GLN P 31 37.03 21.91 50.59
N SER P 32 38.37 21.85 50.59
CA SER P 32 39.19 22.86 49.92
C SER P 32 39.57 22.49 48.48
N LEU P 33 39.16 21.31 48.02
CA LEU P 33 39.49 20.84 46.67
C LEU P 33 38.26 20.90 45.76
#